data_2RPQ
#
_entry.id   2RPQ
#
_cell.length_a   1.000
_cell.length_b   1.000
_cell.length_c   1.000
_cell.angle_alpha   90.00
_cell.angle_beta   90.00
_cell.angle_gamma   90.00
#
_symmetry.space_group_name_H-M   'P 1'
#
loop_
_entity.id
_entity.type
_entity.pdbx_description
1 polymer 'Small ubiquitin-related modifier 2'
2 polymer 'Activating transcription factor 7-interacting protein 1'
#
loop_
_entity_poly.entity_id
_entity_poly.type
_entity_poly.pdbx_seq_one_letter_code
_entity_poly.pdbx_strand_id
1 'polypeptide(L)'
;MADEKPKEGVKTENNDHINLKVAGQDGSVVQFKIKRHTPLSKLMKAYCERQGLSMRQIRFRFDGQPINETDTPAQLEMED
EDTIDVFQQQTGG
;
A
2 'polypeptide(L)' GSPEFKTIDASVSKKAADSTSQCGKATGSDSSGVIDLTMDDEESGASQD B
#
# COMPACT_ATOMS: atom_id res chain seq x y z
N MET A 1 -16.84 -2.99 7.78
CA MET A 1 -16.98 -1.54 8.03
C MET A 1 -15.98 -1.07 9.05
N ALA A 2 -16.39 -0.86 10.32
CA ALA A 2 -15.48 -0.52 11.37
C ALA A 2 -14.93 -1.74 12.06
N ASP A 3 -15.48 -2.92 11.73
CA ASP A 3 -15.12 -4.22 12.21
C ASP A 3 -13.90 -4.78 11.54
N GLU A 4 -13.25 -5.76 12.20
CA GLU A 4 -12.13 -6.49 11.67
C GLU A 4 -12.61 -7.74 11.01
N LYS A 5 -12.17 -8.01 9.76
CA LYS A 5 -12.61 -9.13 8.99
C LYS A 5 -11.73 -10.34 9.19
N PRO A 6 -12.20 -11.52 9.49
CA PRO A 6 -11.43 -12.74 9.38
C PRO A 6 -10.78 -13.01 8.06
N LYS A 7 -9.70 -13.82 8.04
CA LYS A 7 -9.04 -14.13 6.80
C LYS A 7 -8.25 -15.40 6.86
N GLU A 8 -8.42 -16.21 7.93
CA GLU A 8 -7.68 -17.42 8.15
C GLU A 8 -7.89 -18.47 7.11
N GLY A 9 -6.80 -18.89 6.43
CA GLY A 9 -6.82 -19.82 5.34
C GLY A 9 -7.15 -19.24 4.00
N VAL A 10 -7.26 -17.91 3.88
CA VAL A 10 -7.59 -17.24 2.64
C VAL A 10 -6.35 -16.56 2.14
N LYS A 11 -5.86 -16.96 0.94
CA LYS A 11 -4.67 -16.42 0.35
C LYS A 11 -4.87 -15.06 -0.25
N THR A 12 -5.96 -14.96 -1.02
CA THR A 12 -6.34 -13.80 -1.77
C THR A 12 -7.82 -13.65 -1.73
N GLU A 13 -8.33 -12.40 -1.64
CA GLU A 13 -9.73 -12.12 -1.58
C GLU A 13 -10.20 -11.60 -2.92
N ASN A 14 -11.22 -12.24 -3.50
CA ASN A 14 -11.95 -11.93 -4.69
C ASN A 14 -11.42 -10.91 -5.65
N ASN A 15 -10.65 -11.37 -6.65
CA ASN A 15 -10.07 -10.62 -7.72
C ASN A 15 -8.82 -9.90 -7.28
N ASP A 16 -7.99 -10.58 -6.47
CA ASP A 16 -6.61 -10.29 -6.22
C ASP A 16 -6.43 -9.25 -5.15
N HIS A 17 -7.38 -9.13 -4.21
CA HIS A 17 -7.24 -8.27 -3.08
C HIS A 17 -6.43 -8.88 -1.97
N ILE A 18 -5.48 -8.10 -1.42
CA ILE A 18 -4.47 -8.39 -0.44
C ILE A 18 -4.36 -7.16 0.41
N ASN A 19 -3.79 -7.23 1.63
CA ASN A 19 -3.69 -6.11 2.52
C ASN A 19 -2.25 -5.76 2.77
N LEU A 20 -1.93 -4.46 2.92
CA LEU A 20 -0.61 -4.05 3.29
C LEU A 20 -0.77 -3.06 4.41
N LYS A 21 0.24 -2.85 5.26
CA LYS A 21 0.31 -1.78 6.21
C LYS A 21 1.54 -0.96 5.97
N VAL A 22 1.45 0.34 6.31
CA VAL A 22 2.53 1.28 6.17
C VAL A 22 2.80 1.82 7.53
N ALA A 23 4.07 1.74 7.98
CA ALA A 23 4.49 2.14 9.30
C ALA A 23 5.55 3.19 9.25
N GLY A 24 5.36 4.28 10.01
CA GLY A 24 6.29 5.37 10.12
C GLY A 24 7.47 5.11 10.98
N GLN A 25 8.35 6.12 11.05
CA GLN A 25 9.50 6.19 11.91
C GLN A 25 9.10 6.23 13.34
N ASP A 26 7.96 6.87 13.64
CA ASP A 26 7.44 7.12 14.96
C ASP A 26 6.55 6.03 15.45
N GLY A 27 6.44 4.90 14.71
CA GLY A 27 5.66 3.76 15.12
C GLY A 27 4.20 3.86 14.83
N SER A 28 3.77 4.87 14.07
CA SER A 28 2.41 5.04 13.66
C SER A 28 2.13 4.27 12.41
N VAL A 29 1.02 3.51 12.36
CA VAL A 29 0.76 2.53 11.34
C VAL A 29 -0.67 2.52 10.90
N VAL A 30 -0.94 2.49 9.58
CA VAL A 30 -2.24 2.27 9.02
C VAL A 30 -2.19 1.18 8.00
N GLN A 31 -3.19 0.28 7.96
CA GLN A 31 -3.32 -0.73 6.95
C GLN A 31 -4.37 -0.42 5.94
N PHE A 32 -4.23 -1.06 4.77
CA PHE A 32 -5.04 -0.81 3.61
C PHE A 32 -5.23 -2.11 2.89
N LYS A 33 -6.34 -2.28 2.16
CA LYS A 33 -6.70 -3.49 1.47
C LYS A 33 -6.90 -3.12 0.03
N ILE A 34 -6.06 -3.74 -0.82
CA ILE A 34 -5.62 -3.30 -2.11
C ILE A 34 -5.46 -4.45 -3.03
N LYS A 35 -5.58 -4.09 -4.32
CA LYS A 35 -5.52 -5.01 -5.41
C LYS A 35 -4.20 -4.97 -6.11
N ARG A 36 -3.88 -6.08 -6.80
CA ARG A 36 -2.52 -6.40 -7.13
C ARG A 36 -1.87 -5.51 -8.14
N HIS A 37 -2.61 -5.06 -9.17
CA HIS A 37 -2.11 -4.15 -10.16
C HIS A 37 -2.17 -2.71 -9.74
N THR A 38 -2.97 -2.35 -8.72
CA THR A 38 -3.20 -1.01 -8.27
C THR A 38 -1.94 -0.36 -7.78
N PRO A 39 -1.53 0.83 -8.12
CA PRO A 39 -0.31 1.40 -7.64
C PRO A 39 -0.27 1.69 -6.17
N LEU A 40 0.94 1.75 -5.61
CA LEU A 40 1.20 2.09 -4.23
C LEU A 40 0.76 3.46 -3.84
N SER A 41 0.68 4.39 -4.80
CA SER A 41 0.11 5.70 -4.62
C SER A 41 -1.27 5.71 -4.06
N LYS A 42 -2.12 4.68 -4.28
CA LYS A 42 -3.47 4.73 -3.80
C LYS A 42 -3.54 4.61 -2.31
N LEU A 43 -2.77 3.66 -1.75
CA LEU A 43 -2.68 3.52 -0.33
C LEU A 43 -2.00 4.69 0.31
N MET A 44 -0.98 5.29 -0.35
CA MET A 44 -0.30 6.46 0.12
C MET A 44 -1.17 7.66 0.27
N LYS A 45 -2.08 7.91 -0.70
CA LYS A 45 -3.02 8.99 -0.59
C LYS A 45 -4.04 8.76 0.47
N ALA A 46 -4.48 7.49 0.63
CA ALA A 46 -5.33 7.06 1.70
C ALA A 46 -4.72 7.23 3.06
N TYR A 47 -3.41 7.00 3.21
CA TYR A 47 -2.64 7.23 4.41
C TYR A 47 -2.70 8.66 4.83
N CYS A 48 -2.56 9.59 3.87
CA CYS A 48 -2.67 11.00 4.06
C CYS A 48 -4.02 11.44 4.55
N GLU A 49 -5.11 10.89 3.99
CA GLU A 49 -6.46 11.15 4.42
C GLU A 49 -6.74 10.73 5.82
N ARG A 50 -6.36 9.50 6.18
CA ARG A 50 -6.65 8.92 7.46
C ARG A 50 -5.77 9.38 8.58
N GLN A 51 -4.46 9.47 8.34
CA GLN A 51 -3.48 9.61 9.39
C GLN A 51 -2.77 10.94 9.36
N GLY A 52 -3.25 11.88 8.52
CA GLY A 52 -2.96 13.28 8.65
C GLY A 52 -1.63 13.76 8.16
N LEU A 53 -1.22 13.33 6.95
CA LEU A 53 0.10 13.53 6.43
C LEU A 53 0.02 14.21 5.10
N SER A 54 1.10 14.83 4.59
CA SER A 54 1.16 15.36 3.26
C SER A 54 1.94 14.44 2.37
N MET A 55 1.44 14.12 1.17
CA MET A 55 1.98 13.08 0.33
C MET A 55 3.39 13.28 -0.16
N ARG A 56 3.82 14.53 -0.40
CA ARG A 56 5.16 14.81 -0.83
C ARG A 56 6.18 14.78 0.27
N GLN A 57 5.71 14.82 1.54
CA GLN A 57 6.55 14.87 2.70
C GLN A 57 6.95 13.50 3.18
N ILE A 58 6.23 12.45 2.74
CA ILE A 58 6.45 11.09 3.11
C ILE A 58 6.86 10.31 1.90
N ARG A 59 7.83 9.39 2.04
CA ARG A 59 8.28 8.54 0.98
C ARG A 59 8.46 7.17 1.55
N PHE A 60 8.19 6.11 0.77
CA PHE A 60 8.15 4.77 1.27
C PHE A 60 9.35 4.00 0.84
N ARG A 61 9.78 3.05 1.68
CA ARG A 61 10.92 2.21 1.45
C ARG A 61 10.55 0.78 1.73
N PHE A 62 11.26 -0.15 1.07
CA PHE A 62 11.24 -1.54 1.44
C PHE A 62 12.64 -2.00 1.66
N ASP A 63 13.01 -2.25 2.93
CA ASP A 63 14.29 -2.76 3.37
C ASP A 63 15.49 -2.06 2.81
N GLY A 64 15.49 -0.72 2.90
CA GLY A 64 16.54 0.13 2.38
C GLY A 64 16.47 0.41 0.91
N GLN A 65 15.40 0.00 0.20
CA GLN A 65 15.22 0.29 -1.19
C GLN A 65 14.09 1.26 -1.36
N PRO A 66 14.21 2.37 -2.04
CA PRO A 66 13.08 3.17 -2.44
C PRO A 66 12.05 2.46 -3.26
N ILE A 67 10.75 2.65 -2.94
CA ILE A 67 9.65 2.17 -3.72
C ILE A 67 8.88 3.39 -4.15
N ASN A 68 8.43 3.43 -5.42
CA ASN A 68 8.03 4.65 -6.05
C ASN A 68 6.56 4.59 -6.29
N GLU A 69 5.87 5.72 -6.57
CA GLU A 69 4.44 5.73 -6.72
C GLU A 69 3.90 4.90 -7.84
N THR A 70 4.71 4.71 -8.89
CA THR A 70 4.44 3.87 -10.03
C THR A 70 4.68 2.42 -9.75
N ASP A 71 5.36 2.07 -8.64
CA ASP A 71 5.50 0.73 -8.18
C ASP A 71 4.24 0.22 -7.54
N THR A 72 4.17 -1.08 -7.28
CA THR A 72 2.92 -1.78 -7.18
C THR A 72 3.02 -2.96 -6.27
N PRO A 73 1.94 -3.52 -5.75
CA PRO A 73 1.95 -4.79 -5.08
C PRO A 73 2.41 -5.95 -5.89
N ALA A 74 2.18 -5.96 -7.22
CA ALA A 74 2.69 -6.96 -8.11
C ALA A 74 4.18 -6.87 -8.28
N GLN A 75 4.67 -5.64 -8.48
CA GLN A 75 6.06 -5.32 -8.72
C GLN A 75 6.93 -5.50 -7.52
N LEU A 76 6.48 -5.08 -6.33
CA LEU A 76 7.22 -5.28 -5.12
C LEU A 76 6.95 -6.61 -4.49
N GLU A 77 5.95 -7.36 -4.99
CA GLU A 77 5.62 -8.70 -4.57
C GLU A 77 5.07 -8.77 -3.17
N MET A 78 4.18 -7.82 -2.82
CA MET A 78 3.52 -7.70 -1.56
C MET A 78 2.61 -8.84 -1.20
N GLU A 79 2.49 -9.12 0.11
CA GLU A 79 1.70 -10.20 0.66
C GLU A 79 0.31 -9.74 0.98
N ASP A 80 -0.52 -10.70 1.43
CA ASP A 80 -1.81 -10.51 2.03
C ASP A 80 -1.81 -9.65 3.25
N GLU A 81 -0.67 -9.61 3.95
CA GLU A 81 -0.37 -8.69 5.01
C GLU A 81 1.05 -8.21 4.88
N ASP A 82 1.35 -7.26 3.97
CA ASP A 82 2.66 -6.70 3.83
C ASP A 82 2.94 -5.62 4.82
N THR A 83 4.23 -5.29 5.03
CA THR A 83 4.67 -4.23 5.89
C THR A 83 5.67 -3.36 5.18
N ILE A 84 5.32 -2.06 5.01
CA ILE A 84 6.04 -1.08 4.25
C ILE A 84 6.47 0.03 5.16
N ASP A 85 7.69 0.58 5.00
CA ASP A 85 8.26 1.50 5.93
C ASP A 85 8.35 2.88 5.34
N VAL A 86 8.25 3.94 6.16
CA VAL A 86 8.20 5.31 5.74
C VAL A 86 9.40 6.06 6.23
N PHE A 87 9.97 6.93 5.39
CA PHE A 87 10.89 7.94 5.83
C PHE A 87 10.34 9.28 5.46
N GLN A 88 10.52 10.29 6.33
CA GLN A 88 10.06 11.63 6.10
C GLN A 88 11.11 12.40 5.37
N GLN A 89 10.81 12.92 4.17
CA GLN A 89 11.82 13.20 3.19
C GLN A 89 11.86 14.62 2.72
N GLN A 90 13.07 15.19 2.65
CA GLN A 90 13.35 16.52 2.18
C GLN A 90 13.44 16.58 0.69
N THR A 91 12.52 17.28 0.02
CA THR A 91 12.38 17.23 -1.41
C THR A 91 12.92 18.43 -2.12
N GLY A 92 13.43 19.44 -1.38
CA GLY A 92 14.21 20.50 -1.94
C GLY A 92 13.45 21.58 -2.65
N GLY A 93 12.11 21.53 -2.59
CA GLY A 93 11.26 22.51 -3.22
C GLY A 93 9.84 21.97 -3.27
N GLY B 33 -9.51 -3.12 11.20
CA GLY B 33 -9.90 -2.95 9.79
C GLY B 33 -10.04 -1.51 9.42
N VAL B 34 -9.01 -0.92 8.79
CA VAL B 34 -9.00 0.45 8.35
C VAL B 34 -9.37 0.59 6.90
N ILE B 35 -8.39 0.71 5.98
CA ILE B 35 -8.64 1.20 4.66
C ILE B 35 -9.01 0.12 3.69
N ASP B 36 -10.23 0.13 3.12
CA ASP B 36 -10.54 -0.59 1.91
C ASP B 36 -10.55 0.37 0.76
N LEU B 37 -9.59 0.34 -0.18
CA LEU B 37 -9.45 1.40 -1.14
C LEU B 37 -10.03 1.08 -2.48
N THR B 38 -10.23 2.08 -3.36
CA THR B 38 -10.60 1.83 -4.73
C THR B 38 -10.12 2.88 -5.68
N MET B 39 -9.67 2.48 -6.88
CA MET B 39 -9.45 3.33 -8.02
C MET B 39 -9.57 2.55 -9.30
N ASP B 40 -10.34 1.45 -9.27
CA ASP B 40 -10.28 0.42 -10.27
C ASP B 40 -11.63 -0.19 -10.53
N ASP B 41 -12.68 0.39 -9.93
CA ASP B 41 -13.81 -0.35 -9.46
C ASP B 41 -13.43 -1.23 -8.31
N GLU B 42 -14.39 -1.55 -7.42
CA GLU B 42 -14.14 -2.20 -6.17
C GLU B 42 -13.63 -3.61 -6.28
N GLU B 43 -14.26 -4.46 -7.12
CA GLU B 43 -13.82 -5.81 -7.32
C GLU B 43 -12.64 -5.93 -8.29
N MET A 1 -32.38 -13.91 -16.39
CA MET A 1 -33.27 -13.28 -17.39
C MET A 1 -34.27 -12.36 -16.74
N ALA A 2 -34.74 -11.28 -17.38
CA ALA A 2 -34.24 -10.62 -18.55
C ALA A 2 -32.93 -9.95 -18.32
N ASP A 3 -32.82 -9.20 -17.21
CA ASP A 3 -31.62 -8.59 -16.70
C ASP A 3 -30.94 -7.63 -17.62
N GLU A 4 -31.71 -6.74 -18.29
CA GLU A 4 -31.23 -5.92 -19.37
C GLU A 4 -30.87 -4.54 -18.94
N LYS A 5 -30.91 -4.27 -17.62
CA LYS A 5 -30.63 -3.00 -17.02
C LYS A 5 -29.21 -2.52 -17.19
N PRO A 6 -28.91 -1.24 -17.19
CA PRO A 6 -27.58 -0.69 -17.11
C PRO A 6 -26.60 -1.30 -16.15
N LYS A 7 -25.30 -1.28 -16.52
CA LYS A 7 -24.26 -1.93 -15.79
C LYS A 7 -23.22 -0.97 -15.33
N GLU A 8 -22.93 -0.96 -14.03
CA GLU A 8 -21.98 -0.10 -13.38
C GLU A 8 -20.67 -0.79 -13.12
N GLY A 9 -20.53 -2.07 -13.51
CA GLY A 9 -19.32 -2.82 -13.43
C GLY A 9 -19.17 -3.64 -12.19
N VAL A 10 -20.27 -4.18 -11.65
CA VAL A 10 -20.21 -5.13 -10.56
C VAL A 10 -19.82 -6.46 -11.08
N LYS A 11 -18.65 -6.98 -10.64
CA LYS A 11 -18.12 -8.24 -11.07
C LYS A 11 -17.92 -9.19 -9.92
N THR A 12 -18.06 -8.69 -8.67
CA THR A 12 -17.99 -9.43 -7.44
C THR A 12 -16.74 -10.25 -7.32
N GLU A 13 -15.59 -9.56 -7.36
CA GLU A 13 -14.29 -10.16 -7.51
C GLU A 13 -13.62 -10.30 -6.19
N ASN A 14 -13.54 -11.53 -5.65
CA ASN A 14 -12.94 -11.82 -4.38
C ASN A 14 -11.46 -11.98 -4.49
N ASN A 15 -10.95 -12.52 -5.61
CA ASN A 15 -9.56 -12.78 -5.86
C ASN A 15 -8.67 -11.57 -5.89
N ASP A 16 -7.40 -11.76 -5.51
CA ASP A 16 -6.29 -10.88 -5.75
C ASP A 16 -6.35 -9.67 -4.86
N HIS A 17 -7.01 -9.83 -3.70
CA HIS A 17 -7.03 -8.84 -2.67
C HIS A 17 -6.02 -9.18 -1.62
N ILE A 18 -5.29 -8.14 -1.18
CA ILE A 18 -4.23 -8.20 -0.21
C ILE A 18 -4.39 -7.00 0.67
N ASN A 19 -3.78 -7.02 1.86
CA ASN A 19 -3.68 -5.86 2.70
C ASN A 19 -2.22 -5.57 2.85
N LEU A 20 -1.83 -4.28 2.91
CA LEU A 20 -0.49 -3.95 3.31
C LEU A 20 -0.65 -2.90 4.36
N LYS A 21 0.34 -2.72 5.25
CA LYS A 21 0.45 -1.64 6.18
C LYS A 21 1.66 -0.83 5.86
N VAL A 22 1.63 0.48 6.17
CA VAL A 22 2.74 1.38 6.10
C VAL A 22 3.06 1.73 7.52
N ALA A 23 4.33 1.57 7.90
CA ALA A 23 4.80 1.74 9.25
C ALA A 23 6.01 2.61 9.31
N GLY A 24 5.98 3.64 10.18
CA GLY A 24 7.10 4.48 10.48
C GLY A 24 6.71 5.44 11.54
N GLN A 25 7.36 6.62 11.62
CA GLN A 25 6.87 7.78 12.29
C GLN A 25 6.48 7.61 13.73
N ASP A 26 7.41 7.09 14.55
CA ASP A 26 7.30 6.79 15.94
C ASP A 26 6.23 5.79 16.27
N GLY A 27 6.06 4.74 15.46
CA GLY A 27 5.07 3.73 15.70
C GLY A 27 3.74 4.01 15.09
N SER A 28 3.66 5.01 14.19
CA SER A 28 2.49 5.25 13.39
C SER A 28 2.31 4.19 12.34
N VAL A 29 1.08 3.68 12.19
CA VAL A 29 0.74 2.68 11.22
C VAL A 29 -0.60 2.94 10.58
N VAL A 30 -0.76 2.74 9.27
CA VAL A 30 -2.06 2.51 8.69
C VAL A 30 -2.05 1.30 7.81
N GLN A 31 -3.08 0.44 7.84
CA GLN A 31 -3.17 -0.70 6.98
C GLN A 31 -4.39 -0.69 6.11
N PHE A 32 -4.21 -1.11 4.85
CA PHE A 32 -5.18 -0.87 3.83
C PHE A 32 -5.28 -1.99 2.85
N LYS A 33 -6.51 -2.21 2.34
CA LYS A 33 -6.91 -3.38 1.62
C LYS A 33 -7.21 -3.11 0.18
N ILE A 34 -6.37 -3.73 -0.67
CA ILE A 34 -6.04 -3.28 -1.99
C ILE A 34 -5.68 -4.44 -2.87
N LYS A 35 -5.87 -4.20 -4.17
CA LYS A 35 -5.79 -5.22 -5.20
C LYS A 35 -4.56 -5.14 -6.04
N ARG A 36 -4.30 -6.24 -6.79
CA ARG A 36 -3.02 -6.56 -7.34
C ARG A 36 -2.43 -5.60 -8.33
N HIS A 37 -3.25 -5.00 -9.23
CA HIS A 37 -2.78 -4.11 -10.24
C HIS A 37 -2.91 -2.66 -9.87
N THR A 38 -3.12 -2.35 -8.58
CA THR A 38 -3.20 -1.02 -8.06
C THR A 38 -1.86 -0.43 -7.77
N PRO A 39 -1.50 0.79 -8.09
CA PRO A 39 -0.25 1.38 -7.68
C PRO A 39 -0.15 1.64 -6.22
N LEU A 40 1.09 1.64 -5.67
CA LEU A 40 1.38 1.99 -4.31
C LEU A 40 1.01 3.39 -3.95
N SER A 41 0.98 4.31 -4.93
CA SER A 41 0.40 5.62 -4.80
C SER A 41 -1.02 5.66 -4.30
N LYS A 42 -1.87 4.65 -4.52
CA LYS A 42 -3.27 4.80 -4.27
C LYS A 42 -3.56 4.77 -2.81
N LEU A 43 -2.93 3.79 -2.14
CA LEU A 43 -2.88 3.67 -0.72
C LEU A 43 -2.07 4.72 -0.03
N MET A 44 -1.00 5.25 -0.66
CA MET A 44 -0.24 6.35 -0.13
C MET A 44 -1.03 7.61 0.04
N LYS A 45 -1.90 7.93 -0.94
CA LYS A 45 -2.86 8.99 -0.84
C LYS A 45 -3.86 8.77 0.25
N ALA A 46 -4.35 7.52 0.43
CA ALA A 46 -5.19 7.15 1.52
C ALA A 46 -4.56 7.29 2.88
N TYR A 47 -3.25 7.00 3.03
CA TYR A 47 -2.50 7.20 4.23
C TYR A 47 -2.49 8.64 4.66
N CYS A 48 -2.30 9.55 3.70
CA CYS A 48 -2.30 10.97 3.90
C CYS A 48 -3.61 11.49 4.40
N GLU A 49 -4.74 11.00 3.84
CA GLU A 49 -6.06 11.35 4.28
C GLU A 49 -6.38 10.84 5.66
N ARG A 50 -6.18 9.54 5.93
CA ARG A 50 -6.54 8.91 7.16
C ARG A 50 -5.71 9.29 8.34
N GLN A 51 -4.38 9.42 8.15
CA GLN A 51 -3.45 9.58 9.23
C GLN A 51 -2.83 10.94 9.27
N GLY A 52 -3.35 11.89 8.47
CA GLY A 52 -3.09 13.30 8.60
C GLY A 52 -1.73 13.75 8.16
N LEU A 53 -1.27 13.28 6.99
CA LEU A 53 0.08 13.45 6.55
C LEU A 53 0.15 14.26 5.30
N SER A 54 1.33 14.83 4.99
CA SER A 54 1.58 15.55 3.77
C SER A 54 2.36 14.67 2.84
N MET A 55 1.95 14.62 1.56
CA MET A 55 2.34 13.67 0.57
C MET A 55 3.80 13.65 0.26
N ARG A 56 4.40 14.85 0.25
CA ARG A 56 5.78 15.04 -0.09
C ARG A 56 6.66 15.08 1.11
N GLN A 57 6.08 14.91 2.32
CA GLN A 57 6.80 14.88 3.56
C GLN A 57 6.96 13.47 4.07
N ILE A 58 6.37 12.48 3.37
CA ILE A 58 6.62 11.09 3.57
C ILE A 58 7.07 10.48 2.29
N ARG A 59 7.97 9.47 2.35
CA ARG A 59 8.36 8.68 1.23
C ARG A 59 8.44 7.25 1.68
N PHE A 60 8.16 6.29 0.79
CA PHE A 60 8.15 4.90 1.14
C PHE A 60 9.37 4.19 0.66
N ARG A 61 9.80 3.17 1.43
CA ARG A 61 10.94 2.34 1.16
C ARG A 61 10.51 0.91 1.32
N PHE A 62 11.28 -0.02 0.75
CA PHE A 62 11.16 -1.42 1.07
C PHE A 62 12.55 -1.97 1.17
N ASP A 63 12.92 -2.59 2.31
CA ASP A 63 14.19 -3.23 2.54
C ASP A 63 15.38 -2.33 2.39
N GLY A 64 15.23 -1.04 2.73
CA GLY A 64 16.24 -0.04 2.52
C GLY A 64 16.34 0.51 1.13
N GLN A 65 15.39 0.19 0.23
CA GLN A 65 15.45 0.53 -1.16
C GLN A 65 14.29 1.44 -1.47
N PRO A 66 14.38 2.45 -2.31
CA PRO A 66 13.23 3.23 -2.68
C PRO A 66 12.34 2.51 -3.64
N ILE A 67 11.01 2.68 -3.50
CA ILE A 67 10.00 2.10 -4.35
C ILE A 67 9.29 3.24 -5.01
N ASN A 68 8.86 3.12 -6.28
CA ASN A 68 8.32 4.25 -6.97
C ASN A 68 6.84 4.33 -6.74
N GLU A 69 6.21 5.51 -6.84
CA GLU A 69 4.79 5.64 -6.66
C GLU A 69 3.95 4.87 -7.64
N THR A 70 4.48 4.64 -8.85
CA THR A 70 3.84 3.87 -9.87
C THR A 70 4.28 2.44 -9.87
N ASP A 71 5.10 2.01 -8.89
CA ASP A 71 5.38 0.63 -8.59
C ASP A 71 4.20 0.01 -7.89
N THR A 72 4.23 -1.30 -7.62
CA THR A 72 3.01 -2.08 -7.50
C THR A 72 3.16 -3.24 -6.56
N PRO A 73 2.09 -3.84 -6.09
CA PRO A 73 2.12 -5.12 -5.43
C PRO A 73 2.70 -6.25 -6.21
N ALA A 74 2.52 -6.28 -7.54
CA ALA A 74 3.11 -7.27 -8.39
C ALA A 74 4.59 -7.14 -8.52
N GLN A 75 5.05 -5.89 -8.72
CA GLN A 75 6.43 -5.55 -8.90
C GLN A 75 7.26 -5.75 -7.67
N LEU A 76 6.75 -5.35 -6.49
CA LEU A 76 7.50 -5.47 -5.26
C LEU A 76 7.23 -6.77 -4.56
N GLU A 77 6.24 -7.52 -5.06
CA GLU A 77 5.78 -8.78 -4.55
C GLU A 77 5.22 -8.72 -3.17
N MET A 78 4.37 -7.72 -2.87
CA MET A 78 3.61 -7.56 -1.66
C MET A 78 2.67 -8.70 -1.42
N GLU A 79 2.36 -8.98 -0.15
CA GLU A 79 1.63 -10.14 0.25
C GLU A 79 0.39 -9.73 0.95
N ASP A 80 -0.44 -10.71 1.35
CA ASP A 80 -1.74 -10.58 1.95
C ASP A 80 -1.78 -9.77 3.22
N GLU A 81 -0.66 -9.71 3.96
CA GLU A 81 -0.43 -8.70 4.96
C GLU A 81 0.98 -8.20 4.82
N ASP A 82 1.25 -7.24 3.92
CA ASP A 82 2.56 -6.67 3.73
C ASP A 82 2.91 -5.59 4.72
N THR A 83 4.21 -5.22 4.77
CA THR A 83 4.70 -4.10 5.55
C THR A 83 5.62 -3.26 4.74
N ILE A 84 5.24 -1.99 4.54
CA ILE A 84 5.89 -0.94 3.81
C ILE A 84 6.45 0.08 4.76
N ASP A 85 7.65 0.63 4.50
CA ASP A 85 8.41 1.36 5.48
C ASP A 85 8.41 2.79 5.08
N VAL A 86 8.17 3.69 6.05
CA VAL A 86 8.00 5.09 5.79
C VAL A 86 9.16 5.84 6.34
N PHE A 87 9.81 6.65 5.50
CA PHE A 87 10.81 7.60 5.92
C PHE A 87 10.38 9.00 5.64
N GLN A 88 10.71 9.94 6.55
CA GLN A 88 10.28 11.30 6.48
C GLN A 88 11.21 12.16 5.68
N GLN A 89 10.65 13.08 4.87
CA GLN A 89 11.38 13.90 3.95
C GLN A 89 10.90 15.31 4.02
N GLN A 90 11.63 16.26 3.42
CA GLN A 90 11.25 17.63 3.32
C GLN A 90 11.39 18.13 1.92
N THR A 91 10.29 18.59 1.30
CA THR A 91 10.31 19.31 0.05
C THR A 91 8.99 20.02 0.00
N GLY A 92 8.88 21.11 -0.80
CA GLY A 92 7.67 21.87 -0.91
C GLY A 92 7.03 21.77 -2.26
N GLY A 93 7.80 21.37 -3.30
CA GLY A 93 7.30 21.24 -4.63
C GLY A 93 7.10 22.57 -5.33
N GLY B 33 -9.36 -4.54 9.21
CA GLY B 33 -8.32 -3.56 8.80
C GLY B 33 -8.79 -2.14 8.89
N VAL B 34 -7.91 -1.15 8.61
CA VAL B 34 -8.30 0.23 8.72
C VAL B 34 -9.17 0.64 7.58
N ILE B 35 -8.57 0.52 6.40
CA ILE B 35 -9.01 1.04 5.13
C ILE B 35 -9.39 -0.05 4.20
N ASP B 36 -10.62 -0.05 3.65
CA ASP B 36 -11.01 -0.82 2.51
C ASP B 36 -11.02 0.13 1.34
N LEU B 37 -10.33 -0.08 0.21
CA LEU B 37 -10.03 1.10 -0.57
C LEU B 37 -11.14 1.76 -1.35
N THR B 38 -10.96 3.08 -1.57
CA THR B 38 -11.64 3.85 -2.58
C THR B 38 -10.58 4.48 -3.41
N MET B 39 -10.94 5.09 -4.56
CA MET B 39 -10.15 5.31 -5.74
C MET B 39 -10.24 4.06 -6.57
N ASP B 40 -11.35 3.34 -6.41
CA ASP B 40 -11.52 1.98 -6.81
C ASP B 40 -12.99 1.72 -6.92
N ASP B 41 -13.40 0.81 -7.83
CA ASP B 41 -14.73 0.26 -7.84
C ASP B 41 -14.70 -1.15 -8.33
N GLU B 42 -13.56 -1.83 -8.11
CA GLU B 42 -13.39 -3.23 -8.37
C GLU B 42 -13.64 -3.99 -7.11
N GLU B 43 -14.03 -3.24 -6.06
CA GLU B 43 -14.50 -3.57 -4.76
C GLU B 43 -13.97 -4.83 -4.07
N MET A 1 -0.67 -13.44 19.86
CA MET A 1 -1.80 -12.93 19.05
C MET A 1 -1.81 -13.49 17.65
N ALA A 2 -0.93 -13.04 16.75
CA ALA A 2 -0.76 -13.60 15.43
C ALA A 2 -0.26 -15.01 15.42
N ASP A 3 0.76 -15.31 16.24
CA ASP A 3 1.28 -16.61 16.58
C ASP A 3 1.48 -17.60 15.47
N GLU A 4 2.23 -17.24 14.41
CA GLU A 4 2.51 -18.03 13.25
C GLU A 4 1.35 -18.14 12.30
N LYS A 5 1.57 -17.75 11.03
CA LYS A 5 0.57 -17.58 10.01
C LYS A 5 -0.12 -18.87 9.63
N PRO A 6 -1.43 -18.99 9.57
CA PRO A 6 -2.10 -20.13 9.02
C PRO A 6 -1.76 -20.45 7.59
N LYS A 7 -1.25 -21.67 7.32
CA LYS A 7 -0.96 -22.16 6.01
C LYS A 7 -2.16 -22.61 5.24
N GLU A 8 -3.16 -23.22 5.90
CA GLU A 8 -4.34 -23.76 5.28
C GLU A 8 -5.27 -22.72 4.74
N GLY A 9 -5.46 -21.60 5.46
CA GLY A 9 -6.47 -20.63 5.16
C GLY A 9 -6.19 -19.67 4.06
N VAL A 10 -4.93 -19.57 3.61
CA VAL A 10 -4.50 -18.65 2.59
C VAL A 10 -4.45 -19.32 1.25
N LYS A 11 -4.82 -18.61 0.17
CA LYS A 11 -4.76 -19.13 -1.16
C LYS A 11 -4.04 -18.17 -2.04
N THR A 12 -3.45 -18.67 -3.15
CA THR A 12 -2.51 -17.96 -3.97
C THR A 12 -3.13 -17.36 -5.20
N GLU A 13 -4.47 -17.31 -5.28
CA GLU A 13 -5.18 -16.82 -6.42
C GLU A 13 -4.88 -15.41 -6.82
N ASN A 14 -4.76 -15.17 -8.14
CA ASN A 14 -4.51 -13.91 -8.77
C ASN A 14 -5.62 -12.93 -8.55
N ASN A 15 -6.87 -13.42 -8.46
CA ASN A 15 -8.03 -12.64 -8.14
C ASN A 15 -8.51 -12.89 -6.74
N ASP A 16 -7.71 -12.49 -5.74
CA ASP A 16 -8.11 -12.42 -4.37
C ASP A 16 -7.41 -11.24 -3.77
N HIS A 17 -8.10 -10.37 -3.00
CA HIS A 17 -7.52 -9.21 -2.40
C HIS A 17 -6.48 -9.46 -1.35
N ILE A 18 -5.68 -8.43 -1.03
CA ILE A 18 -4.57 -8.46 -0.11
C ILE A 18 -4.59 -7.21 0.70
N ASN A 19 -3.91 -7.18 1.86
CA ASN A 19 -3.77 -6.02 2.68
C ASN A 19 -2.31 -5.69 2.77
N LEU A 20 -1.94 -4.40 2.82
CA LEU A 20 -0.59 -4.03 3.14
C LEU A 20 -0.70 -3.05 4.26
N LYS A 21 0.34 -2.85 5.09
CA LYS A 21 0.48 -1.79 6.04
C LYS A 21 1.68 -0.95 5.76
N VAL A 22 1.61 0.34 6.13
CA VAL A 22 2.66 1.30 6.00
C VAL A 22 2.98 1.76 7.39
N ALA A 23 4.24 1.58 7.81
CA ALA A 23 4.68 1.74 9.16
C ALA A 23 5.75 2.77 9.28
N GLY A 24 5.59 3.70 10.24
CA GLY A 24 6.59 4.72 10.48
C GLY A 24 6.36 5.32 11.83
N GLN A 25 6.48 6.66 11.91
CA GLN A 25 6.00 7.53 12.95
C GLN A 25 6.19 7.09 14.37
N ASP A 26 7.39 6.59 14.70
CA ASP A 26 7.83 6.20 16.02
C ASP A 26 7.05 5.05 16.58
N GLY A 27 6.56 4.15 15.70
CA GLY A 27 5.85 2.97 16.09
C GLY A 27 4.40 2.96 15.73
N SER A 28 3.96 3.81 14.77
CA SER A 28 2.59 3.85 14.35
C SER A 28 2.43 3.45 12.92
N VAL A 29 1.31 2.77 12.63
CA VAL A 29 1.09 2.07 11.41
C VAL A 29 -0.32 2.24 10.93
N VAL A 30 -0.56 2.31 9.60
CA VAL A 30 -1.87 2.23 9.03
C VAL A 30 -1.92 1.22 7.93
N GLN A 31 -2.99 0.40 7.85
CA GLN A 31 -3.14 -0.68 6.91
C GLN A 31 -4.30 -0.53 5.98
N PHE A 32 -4.10 -0.99 4.74
CA PHE A 32 -4.96 -0.68 3.63
C PHE A 32 -5.26 -1.96 2.92
N LYS A 33 -6.50 -2.14 2.46
CA LYS A 33 -7.01 -3.32 1.80
C LYS A 33 -7.23 -3.09 0.35
N ILE A 34 -6.50 -3.87 -0.47
CA ILE A 34 -6.01 -3.50 -1.76
C ILE A 34 -5.95 -4.70 -2.66
N LYS A 35 -6.03 -4.36 -3.96
CA LYS A 35 -6.02 -5.33 -5.02
C LYS A 35 -4.83 -5.16 -5.91
N ARG A 36 -4.51 -6.23 -6.67
CA ARG A 36 -3.24 -6.48 -7.27
C ARG A 36 -2.75 -5.49 -8.30
N HIS A 37 -3.64 -4.96 -9.15
CA HIS A 37 -3.30 -4.03 -10.17
C HIS A 37 -3.00 -2.64 -9.69
N THR A 38 -3.55 -2.28 -8.51
CA THR A 38 -3.53 -0.96 -7.95
C THR A 38 -2.16 -0.45 -7.62
N PRO A 39 -1.69 0.70 -8.03
CA PRO A 39 -0.39 1.19 -7.66
C PRO A 39 -0.26 1.58 -6.22
N LEU A 40 0.98 1.62 -5.71
CA LEU A 40 1.30 2.02 -4.37
C LEU A 40 0.89 3.41 -4.02
N SER A 41 0.77 4.30 -5.04
CA SER A 41 0.23 5.62 -4.90
C SER A 41 -1.12 5.66 -4.25
N LYS A 42 -1.95 4.60 -4.38
CA LYS A 42 -3.26 4.58 -3.78
C LYS A 42 -3.22 4.58 -2.29
N LEU A 43 -2.34 3.78 -1.68
CA LEU A 43 -2.09 3.83 -0.27
C LEU A 43 -1.38 5.06 0.20
N MET A 44 -0.49 5.66 -0.61
CA MET A 44 0.08 6.95 -0.33
C MET A 44 -0.93 8.04 -0.22
N LYS A 45 -1.89 8.10 -1.15
CA LYS A 45 -3.02 8.99 -1.10
C LYS A 45 -3.89 8.72 0.10
N ALA A 46 -4.17 7.43 0.39
CA ALA A 46 -5.00 7.02 1.47
C ALA A 46 -4.43 7.31 2.83
N TYR A 47 -3.10 7.22 3.01
CA TYR A 47 -2.40 7.59 4.20
C TYR A 47 -2.55 9.05 4.50
N CYS A 48 -2.41 9.91 3.47
CA CYS A 48 -2.65 11.32 3.54
C CYS A 48 -4.07 11.68 3.86
N GLU A 49 -5.07 11.00 3.28
CA GLU A 49 -6.44 11.19 3.64
C GLU A 49 -6.80 10.73 5.02
N ARG A 50 -6.48 9.48 5.40
CA ARG A 50 -6.89 8.89 6.64
C ARG A 50 -6.18 9.46 7.83
N GLN A 51 -4.85 9.63 7.73
CA GLN A 51 -4.00 9.98 8.82
C GLN A 51 -3.42 11.35 8.71
N GLY A 52 -3.86 12.14 7.71
CA GLY A 52 -3.70 13.56 7.65
C GLY A 52 -2.42 14.12 7.13
N LEU A 53 -1.47 13.28 6.67
CA LEU A 53 -0.14 13.67 6.35
C LEU A 53 0.03 14.37 5.03
N SER A 54 1.20 15.00 4.81
CA SER A 54 1.53 15.68 3.59
C SER A 54 2.45 14.83 2.75
N MET A 55 2.14 14.62 1.47
CA MET A 55 2.83 13.68 0.63
C MET A 55 4.26 14.00 0.33
N ARG A 56 4.66 15.28 0.46
CA ARG A 56 6.02 15.69 0.27
C ARG A 56 6.91 15.38 1.43
N GLN A 57 6.32 15.12 2.62
CA GLN A 57 7.02 14.97 3.86
C GLN A 57 7.33 13.54 4.17
N ILE A 58 6.63 12.60 3.50
CA ILE A 58 6.81 11.19 3.67
C ILE A 58 7.22 10.57 2.37
N ARG A 59 8.14 9.58 2.42
CA ARG A 59 8.51 8.75 1.29
C ARG A 59 8.63 7.36 1.81
N PHE A 60 8.45 6.35 0.93
CA PHE A 60 8.36 4.97 1.32
C PHE A 60 9.54 4.19 0.83
N ARG A 61 9.94 3.16 1.59
CA ARG A 61 11.03 2.29 1.22
C ARG A 61 10.71 0.86 1.49
N PHE A 62 11.42 -0.04 0.79
CA PHE A 62 11.33 -1.46 0.99
C PHE A 62 12.71 -2.03 0.95
N ASP A 63 13.15 -2.70 2.04
CA ASP A 63 14.43 -3.34 2.18
C ASP A 63 15.58 -2.40 1.97
N GLY A 64 15.46 -1.16 2.48
CA GLY A 64 16.43 -0.12 2.29
C GLY A 64 16.41 0.59 0.97
N GLN A 65 15.47 0.27 0.06
CA GLN A 65 15.45 0.78 -1.27
C GLN A 65 14.23 1.62 -1.50
N PRO A 66 14.26 2.73 -2.20
CA PRO A 66 13.08 3.53 -2.43
C PRO A 66 12.15 2.92 -3.42
N ILE A 67 10.83 3.04 -3.22
CA ILE A 67 9.79 2.50 -4.05
C ILE A 67 8.98 3.62 -4.61
N ASN A 68 8.46 3.48 -5.84
CA ASN A 68 7.93 4.59 -6.59
C ASN A 68 6.45 4.51 -6.69
N GLU A 69 5.74 5.62 -6.98
CA GLU A 69 4.31 5.66 -7.04
C GLU A 69 3.71 4.91 -8.19
N THR A 70 4.52 4.54 -9.20
CA THR A 70 4.14 3.65 -10.26
C THR A 70 4.65 2.25 -10.02
N ASP A 71 5.35 1.97 -8.91
CA ASP A 71 5.53 0.63 -8.41
C ASP A 71 4.28 0.17 -7.73
N THR A 72 4.20 -1.14 -7.42
CA THR A 72 2.95 -1.81 -7.27
C THR A 72 3.06 -2.97 -6.33
N PRO A 73 2.00 -3.53 -5.80
CA PRO A 73 2.02 -4.78 -5.11
C PRO A 73 2.52 -5.95 -5.89
N ALA A 74 2.28 -6.00 -7.22
CA ALA A 74 2.80 -7.04 -8.05
C ALA A 74 4.28 -6.91 -8.28
N GLN A 75 4.73 -5.67 -8.59
CA GLN A 75 6.08 -5.35 -8.92
C GLN A 75 7.03 -5.49 -7.78
N LEU A 76 6.60 -5.10 -6.57
CA LEU A 76 7.41 -5.21 -5.39
C LEU A 76 7.24 -6.53 -4.72
N GLU A 77 6.26 -7.33 -5.17
CA GLU A 77 5.91 -8.64 -4.69
C GLU A 77 5.44 -8.64 -3.27
N MET A 78 4.51 -7.73 -2.93
CA MET A 78 3.78 -7.66 -1.70
C MET A 78 2.95 -8.88 -1.44
N GLU A 79 2.67 -9.18 -0.17
CA GLU A 79 2.01 -10.40 0.22
C GLU A 79 0.68 -10.03 0.79
N ASP A 80 -0.11 -11.01 1.25
CA ASP A 80 -1.42 -10.81 1.81
C ASP A 80 -1.53 -9.85 2.94
N GLU A 81 -0.44 -9.65 3.72
CA GLU A 81 -0.32 -8.68 4.77
C GLU A 81 1.05 -8.08 4.77
N ASP A 82 1.37 -7.21 3.80
CA ASP A 82 2.69 -6.65 3.63
C ASP A 82 3.06 -5.53 4.57
N THR A 83 4.36 -5.22 4.65
CA THR A 83 4.89 -4.20 5.52
C THR A 83 5.82 -3.29 4.79
N ILE A 84 5.45 -2.01 4.67
CA ILE A 84 6.14 -0.98 3.92
C ILE A 84 6.58 0.09 4.87
N ASP A 85 7.78 0.67 4.70
CA ASP A 85 8.41 1.49 5.71
C ASP A 85 8.44 2.91 5.25
N VAL A 86 8.31 3.86 6.19
CA VAL A 86 8.27 5.27 5.91
C VAL A 86 9.54 5.90 6.39
N PHE A 87 10.14 6.78 5.57
CA PHE A 87 11.16 7.67 6.03
C PHE A 87 10.75 9.08 5.78
N GLN A 88 10.98 9.95 6.79
CA GLN A 88 10.53 11.31 6.78
C GLN A 88 11.55 12.20 6.14
N GLN A 89 11.11 13.08 5.23
CA GLN A 89 11.97 13.82 4.36
C GLN A 89 12.37 15.18 4.85
N GLN A 90 13.24 15.84 4.06
CA GLN A 90 13.75 17.16 4.31
C GLN A 90 13.25 18.13 3.29
N THR A 91 12.25 17.71 2.48
CA THR A 91 11.69 18.42 1.36
C THR A 91 10.99 19.69 1.72
N GLY A 92 11.48 20.84 1.22
CA GLY A 92 10.90 22.13 1.45
C GLY A 92 9.54 22.35 0.88
N GLY A 93 8.69 23.13 1.56
CA GLY A 93 7.36 23.44 1.14
C GLY A 93 6.39 23.34 2.30
N GLY B 33 -9.78 -4.03 7.58
CA GLY B 33 -8.68 -3.16 8.08
C GLY B 33 -9.13 -1.75 8.35
N VAL B 34 -8.22 -0.76 8.39
CA VAL B 34 -8.59 0.61 8.48
C VAL B 34 -9.11 1.18 7.20
N ILE B 35 -8.38 0.91 6.10
CA ILE B 35 -8.60 1.54 4.82
C ILE B 35 -9.09 0.52 3.85
N ASP B 36 -10.34 0.69 3.35
CA ASP B 36 -10.93 -0.11 2.32
C ASP B 36 -10.86 0.63 1.03
N LEU B 37 -9.96 0.32 0.08
CA LEU B 37 -9.82 1.18 -1.07
C LEU B 37 -10.35 0.61 -2.35
N THR B 38 -10.78 1.49 -3.27
CA THR B 38 -11.40 1.12 -4.51
C THR B 38 -10.39 0.92 -5.61
N MET B 39 -10.31 1.84 -6.58
CA MET B 39 -9.35 1.93 -7.65
C MET B 39 -9.57 1.03 -8.81
N ASP B 40 -9.86 -0.23 -8.51
CA ASP B 40 -9.75 -1.34 -9.40
C ASP B 40 -10.72 -2.37 -8.93
N ASP B 41 -11.04 -3.36 -9.80
CA ASP B 41 -11.89 -4.46 -9.48
C ASP B 41 -13.20 -4.09 -8.87
N GLU B 42 -13.67 -4.98 -7.97
CA GLU B 42 -14.95 -4.95 -7.33
C GLU B 42 -14.81 -5.25 -5.87
N GLU B 43 -13.73 -5.98 -5.49
CA GLU B 43 -13.44 -6.43 -4.17
C GLU B 43 -13.26 -5.35 -3.11
N MET A 1 -12.63 -20.18 7.74
CA MET A 1 -11.48 -20.57 8.61
C MET A 1 -11.87 -21.60 9.61
N ALA A 2 -10.93 -22.50 9.98
CA ALA A 2 -11.14 -23.57 10.92
C ALA A 2 -11.44 -23.12 12.31
N ASP A 3 -10.71 -22.10 12.80
CA ASP A 3 -11.03 -21.37 14.00
C ASP A 3 -11.44 -20.01 13.54
N GLU A 4 -12.65 -19.53 13.90
CA GLU A 4 -13.17 -18.31 13.33
C GLU A 4 -14.02 -17.55 14.31
N LYS A 5 -13.38 -16.97 15.34
CA LYS A 5 -14.00 -16.07 16.26
C LYS A 5 -14.46 -14.77 15.64
N PRO A 6 -15.56 -14.18 16.02
CA PRO A 6 -15.92 -12.84 15.63
C PRO A 6 -14.95 -11.74 15.93
N LYS A 7 -14.71 -10.81 14.99
CA LYS A 7 -13.82 -9.70 15.21
C LYS A 7 -14.13 -8.60 14.24
N GLU A 8 -13.48 -7.42 14.35
CA GLU A 8 -13.70 -6.32 13.47
C GLU A 8 -13.39 -6.53 12.02
N GLY A 9 -14.13 -5.84 11.14
CA GLY A 9 -13.99 -5.85 9.71
C GLY A 9 -14.17 -7.16 9.01
N VAL A 10 -13.96 -7.17 7.68
CA VAL A 10 -14.24 -8.30 6.84
C VAL A 10 -12.99 -9.09 6.63
N LYS A 11 -13.05 -10.40 6.95
CA LYS A 11 -11.95 -11.32 6.86
C LYS A 11 -11.32 -11.48 5.51
N THR A 12 -9.98 -11.62 5.47
CA THR A 12 -9.25 -12.01 4.30
C THR A 12 -9.31 -13.50 4.17
N GLU A 13 -10.28 -14.00 3.39
CA GLU A 13 -10.48 -15.40 3.14
C GLU A 13 -11.07 -15.56 1.78
N ASN A 14 -10.37 -16.32 0.90
CA ASN A 14 -10.70 -16.55 -0.47
C ASN A 14 -10.90 -15.31 -1.28
N ASN A 15 -9.96 -14.36 -1.18
CA ASN A 15 -10.04 -13.06 -1.80
C ASN A 15 -8.88 -12.85 -2.72
N ASP A 16 -9.01 -11.97 -3.72
CA ASP A 16 -7.96 -11.63 -4.64
C ASP A 16 -7.25 -10.37 -4.28
N HIS A 17 -7.80 -9.70 -3.26
CA HIS A 17 -7.24 -8.64 -2.50
C HIS A 17 -6.36 -9.12 -1.39
N ILE A 18 -5.40 -8.27 -1.01
CA ILE A 18 -4.35 -8.45 -0.04
C ILE A 18 -4.37 -7.21 0.81
N ASN A 19 -3.78 -7.20 2.03
CA ASN A 19 -3.64 -6.00 2.80
C ASN A 19 -2.19 -5.68 2.90
N LEU A 20 -1.83 -4.38 2.91
CA LEU A 20 -0.48 -3.98 3.18
C LEU A 20 -0.58 -2.95 4.26
N LYS A 21 0.48 -2.74 5.05
CA LYS A 21 0.59 -1.68 6.01
C LYS A 21 1.82 -0.85 5.78
N VAL A 22 1.73 0.44 6.16
CA VAL A 22 2.81 1.38 6.06
C VAL A 22 3.13 1.87 7.44
N ALA A 23 4.38 1.62 7.89
CA ALA A 23 4.76 1.75 9.27
C ALA A 23 5.85 2.74 9.49
N GLY A 24 5.64 3.65 10.46
CA GLY A 24 6.65 4.58 10.88
C GLY A 24 7.39 4.11 12.08
N GLN A 25 8.41 4.88 12.48
CA GLN A 25 9.26 4.59 13.59
C GLN A 25 8.64 4.87 14.93
N ASP A 26 7.52 5.60 14.99
CA ASP A 26 6.86 5.97 16.19
C ASP A 26 5.85 4.94 16.64
N GLY A 27 5.92 3.71 16.11
CA GLY A 27 5.15 2.61 16.60
C GLY A 27 3.73 2.56 16.15
N SER A 28 3.34 3.48 15.25
CA SER A 28 2.08 3.45 14.57
C SER A 28 2.24 3.35 13.09
N VAL A 29 1.29 2.57 12.57
CA VAL A 29 1.22 2.04 11.23
C VAL A 29 -0.21 2.14 10.81
N VAL A 30 -0.48 2.36 9.51
CA VAL A 30 -1.80 2.28 8.98
C VAL A 30 -1.83 1.26 7.89
N GLN A 31 -2.82 0.35 7.89
CA GLN A 31 -3.04 -0.62 6.85
C GLN A 31 -4.09 -0.26 5.85
N PHE A 32 -4.01 -0.93 4.70
CA PHE A 32 -4.88 -0.63 3.60
C PHE A 32 -5.15 -1.94 2.94
N LYS A 33 -6.39 -2.19 2.48
CA LYS A 33 -6.85 -3.37 1.80
C LYS A 33 -6.89 -3.06 0.34
N ILE A 34 -6.08 -3.80 -0.44
CA ILE A 34 -5.47 -3.43 -1.68
C ILE A 34 -5.34 -4.59 -2.59
N LYS A 35 -5.30 -4.26 -3.88
CA LYS A 35 -5.30 -5.23 -4.95
C LYS A 35 -4.12 -5.12 -5.86
N ARG A 36 -3.96 -6.16 -6.70
CA ARG A 36 -2.74 -6.48 -7.39
C ARG A 36 -2.28 -5.50 -8.44
N HIS A 37 -3.18 -4.89 -9.22
CA HIS A 37 -2.82 -3.94 -10.24
C HIS A 37 -2.73 -2.57 -9.68
N THR A 38 -3.51 -2.32 -8.62
CA THR A 38 -3.69 -1.07 -7.91
C THR A 38 -2.40 -0.51 -7.37
N PRO A 39 -1.85 0.59 -7.82
CA PRO A 39 -0.55 1.06 -7.42
C PRO A 39 -0.42 1.50 -5.99
N LEU A 40 0.83 1.61 -5.52
CA LEU A 40 1.16 2.03 -4.18
C LEU A 40 0.79 3.44 -3.85
N SER A 41 0.71 4.32 -4.86
CA SER A 41 0.13 5.64 -4.74
C SER A 41 -1.24 5.67 -4.13
N LYS A 42 -2.06 4.62 -4.31
CA LYS A 42 -3.41 4.60 -3.82
C LYS A 42 -3.48 4.59 -2.32
N LEU A 43 -2.62 3.77 -1.68
CA LEU A 43 -2.47 3.80 -0.24
C LEU A 43 -1.82 5.04 0.25
N MET A 44 -0.85 5.63 -0.48
CA MET A 44 -0.23 6.87 -0.10
C MET A 44 -1.18 8.03 -0.01
N LYS A 45 -2.10 8.17 -0.99
CA LYS A 45 -3.12 9.19 -0.90
C LYS A 45 -4.09 8.94 0.20
N ALA A 46 -4.49 7.68 0.44
CA ALA A 46 -5.37 7.29 1.50
C ALA A 46 -4.82 7.52 2.87
N TYR A 47 -3.51 7.32 3.06
CA TYR A 47 -2.74 7.63 4.23
C TYR A 47 -2.83 9.09 4.55
N CYS A 48 -2.71 9.96 3.53
CA CYS A 48 -2.88 11.37 3.64
C CYS A 48 -4.25 11.79 4.08
N GLU A 49 -5.31 11.17 3.55
CA GLU A 49 -6.67 11.43 3.96
C GLU A 49 -6.99 11.01 5.35
N ARG A 50 -6.63 9.78 5.77
CA ARG A 50 -6.90 9.32 7.10
C ARG A 50 -6.05 9.90 8.19
N GLN A 51 -4.73 10.03 7.93
CA GLN A 51 -3.75 10.27 8.94
C GLN A 51 -3.14 11.63 8.83
N GLY A 52 -3.61 12.46 7.89
CA GLY A 52 -3.43 13.89 7.91
C GLY A 52 -2.15 14.43 7.35
N LEU A 53 -1.50 13.70 6.44
CA LEU A 53 -0.18 13.99 5.96
C LEU A 53 -0.19 14.59 4.57
N SER A 54 0.94 15.15 4.11
CA SER A 54 1.11 15.61 2.76
C SER A 54 1.92 14.61 1.98
N MET A 55 1.50 14.25 0.77
CA MET A 55 2.08 13.16 0.02
C MET A 55 3.50 13.38 -0.42
N ARG A 56 3.95 14.64 -0.59
CA ARG A 56 5.29 14.92 -1.01
C ARG A 56 6.25 15.01 0.14
N GLN A 57 5.75 14.85 1.38
CA GLN A 57 6.54 14.86 2.58
C GLN A 57 6.77 13.47 3.10
N ILE A 58 6.15 12.45 2.49
CA ILE A 58 6.35 11.07 2.83
C ILE A 58 6.91 10.30 1.68
N ARG A 59 7.83 9.35 1.96
CA ARG A 59 8.35 8.44 0.97
C ARG A 59 8.43 7.09 1.59
N PHE A 60 8.15 6.03 0.82
CA PHE A 60 8.09 4.69 1.34
C PHE A 60 9.32 3.94 0.91
N ARG A 61 9.81 3.05 1.78
CA ARG A 61 10.95 2.21 1.53
C ARG A 61 10.56 0.77 1.63
N PHE A 62 11.29 -0.08 0.89
CA PHE A 62 11.32 -1.49 1.11
C PHE A 62 12.76 -1.86 1.21
N ASP A 63 13.20 -2.42 2.36
CA ASP A 63 14.51 -2.95 2.58
C ASP A 63 15.61 -1.98 2.24
N GLY A 64 15.47 -0.73 2.69
CA GLY A 64 16.43 0.32 2.49
C GLY A 64 16.46 0.99 1.16
N GLN A 65 15.56 0.68 0.21
CA GLN A 65 15.53 1.36 -1.05
C GLN A 65 14.17 1.99 -1.22
N PRO A 66 13.99 3.14 -1.83
CA PRO A 66 12.68 3.69 -2.05
C PRO A 66 11.87 2.91 -3.04
N ILE A 67 10.54 2.93 -2.86
CA ILE A 67 9.58 2.38 -3.78
C ILE A 67 8.76 3.53 -4.25
N ASN A 68 8.38 3.54 -5.55
CA ASN A 68 7.92 4.73 -6.20
C ASN A 68 6.48 4.60 -6.54
N GLU A 69 5.82 5.68 -6.98
CA GLU A 69 4.42 5.68 -7.27
C GLU A 69 4.08 4.93 -8.52
N THR A 70 5.09 4.68 -9.39
CA THR A 70 5.01 3.79 -10.51
C THR A 70 5.27 2.36 -10.12
N ASP A 71 5.79 2.07 -8.91
CA ASP A 71 5.84 0.75 -8.35
C ASP A 71 4.49 0.34 -7.82
N THR A 72 4.35 -0.96 -7.52
CA THR A 72 3.06 -1.58 -7.39
C THR A 72 3.16 -2.78 -6.49
N PRO A 73 2.09 -3.27 -5.93
CA PRO A 73 1.98 -4.60 -5.38
C PRO A 73 2.50 -5.71 -6.23
N ALA A 74 2.24 -5.68 -7.56
CA ALA A 74 2.72 -6.67 -8.48
C ALA A 74 4.21 -6.70 -8.62
N GLN A 75 4.82 -5.51 -8.75
CA GLN A 75 6.21 -5.31 -8.99
C GLN A 75 7.05 -5.62 -7.78
N LEU A 76 6.57 -5.28 -6.58
CA LEU A 76 7.29 -5.55 -5.36
C LEU A 76 6.87 -6.83 -4.71
N GLU A 77 5.88 -7.54 -5.29
CA GLU A 77 5.33 -8.79 -4.83
C GLU A 77 4.84 -8.77 -3.42
N MET A 78 4.03 -7.76 -3.06
CA MET A 78 3.46 -7.55 -1.77
C MET A 78 2.54 -8.65 -1.31
N GLU A 79 2.56 -8.95 -0.01
CA GLU A 79 1.83 -10.05 0.56
C GLU A 79 0.47 -9.65 1.05
N ASP A 80 -0.30 -10.64 1.52
CA ASP A 80 -1.57 -10.52 2.18
C ASP A 80 -1.58 -9.66 3.40
N GLU A 81 -0.41 -9.54 4.07
CA GLU A 81 -0.15 -8.55 5.09
C GLU A 81 1.24 -8.04 4.87
N ASP A 82 1.48 -7.17 3.87
CA ASP A 82 2.79 -6.64 3.61
C ASP A 82 3.20 -5.55 4.55
N THR A 83 4.52 -5.34 4.70
CA THR A 83 5.08 -4.38 5.62
C THR A 83 5.99 -3.45 4.89
N ILE A 84 5.62 -2.15 4.85
CA ILE A 84 6.22 -1.09 4.11
C ILE A 84 6.63 -0.01 5.06
N ASP A 85 7.81 0.62 4.86
CA ASP A 85 8.49 1.42 5.83
C ASP A 85 8.45 2.86 5.43
N VAL A 86 8.39 3.79 6.39
CA VAL A 86 8.26 5.20 6.12
C VAL A 86 9.55 5.90 6.42
N PHE A 87 10.01 6.70 5.45
CA PHE A 87 11.01 7.70 5.65
C PHE A 87 10.47 9.06 5.33
N GLN A 88 10.82 10.04 6.17
CA GLN A 88 10.31 11.37 6.04
C GLN A 88 11.12 12.22 5.12
N GLN A 89 10.47 13.08 4.32
CA GLN A 89 11.08 13.79 3.25
C GLN A 89 10.69 15.24 3.25
N GLN A 90 11.42 16.08 2.51
CA GLN A 90 11.27 17.50 2.49
C GLN A 90 11.23 17.97 1.07
N THR A 91 10.70 19.18 0.81
CA THR A 91 10.65 19.75 -0.50
C THR A 91 11.01 21.21 -0.53
N GLY A 92 10.80 21.95 0.58
CA GLY A 92 10.92 23.38 0.59
C GLY A 92 9.72 24.09 0.03
N GLY A 93 8.64 23.33 -0.23
CA GLY A 93 7.42 23.82 -0.78
C GLY A 93 6.37 22.72 -0.66
N GLY B 33 -10.36 -3.38 10.48
CA GLY B 33 -9.19 -2.77 9.80
C GLY B 33 -9.35 -1.33 9.43
N VAL B 34 -8.40 -0.79 8.64
CA VAL B 34 -8.36 0.59 8.26
C VAL B 34 -8.99 0.85 6.92
N ILE B 35 -8.14 1.00 5.88
CA ILE B 35 -8.49 1.65 4.65
C ILE B 35 -8.95 0.62 3.68
N ASP B 36 -10.17 0.75 3.13
CA ASP B 36 -10.64 -0.09 2.08
C ASP B 36 -10.53 0.69 0.80
N LEU B 37 -9.57 0.36 -0.09
CA LEU B 37 -9.34 1.20 -1.24
C LEU B 37 -9.81 0.59 -2.52
N THR B 38 -10.16 1.43 -3.50
CA THR B 38 -10.75 1.05 -4.75
C THR B 38 -10.01 1.76 -5.84
N MET B 39 -9.58 1.03 -6.89
CA MET B 39 -8.90 1.63 -8.00
C MET B 39 -9.19 0.91 -9.27
N ASP B 40 -8.68 -0.32 -9.36
CA ASP B 40 -8.59 -1.02 -10.60
C ASP B 40 -9.31 -2.32 -10.50
N ASP B 41 -8.66 -3.29 -9.82
CA ASP B 41 -9.09 -4.66 -9.75
C ASP B 41 -10.47 -4.79 -9.20
N GLU B 42 -11.25 -5.73 -9.77
CA GLU B 42 -12.68 -5.82 -9.58
C GLU B 42 -13.14 -5.97 -8.16
N GLU B 43 -12.49 -6.81 -7.35
CA GLU B 43 -12.70 -7.01 -5.95
C GLU B 43 -11.41 -7.17 -5.15
N MET A 1 3.61 -26.83 -7.99
CA MET A 1 4.07 -25.54 -8.53
C MET A 1 5.05 -24.82 -7.64
N ALA A 2 5.91 -23.96 -8.20
CA ALA A 2 6.71 -23.02 -7.47
C ALA A 2 5.91 -21.93 -6.83
N ASP A 3 4.95 -21.34 -7.56
CA ASP A 3 4.03 -20.37 -7.04
C ASP A 3 3.01 -20.97 -6.12
N GLU A 4 2.65 -20.27 -5.03
CA GLU A 4 1.56 -20.67 -4.17
C GLU A 4 0.26 -20.12 -4.66
N LYS A 5 0.25 -18.87 -5.16
CA LYS A 5 -0.90 -18.25 -5.75
C LYS A 5 -1.35 -18.93 -7.01
N PRO A 6 -2.62 -19.05 -7.32
CA PRO A 6 -3.06 -19.78 -8.48
C PRO A 6 -2.82 -19.02 -9.75
N LYS A 7 -2.70 -19.74 -10.88
CA LYS A 7 -2.56 -19.17 -12.19
C LYS A 7 -3.76 -18.40 -12.65
N GLU A 8 -3.56 -17.37 -13.48
CA GLU A 8 -4.60 -16.51 -13.97
C GLU A 8 -4.58 -16.49 -15.47
N GLY A 9 -5.76 -16.56 -16.11
CA GLY A 9 -5.91 -16.47 -17.54
C GLY A 9 -5.67 -17.74 -18.28
N VAL A 10 -5.38 -18.84 -17.56
CA VAL A 10 -5.29 -20.17 -18.09
C VAL A 10 -6.64 -20.67 -18.52
N LYS A 11 -7.66 -20.36 -17.69
CA LYS A 11 -9.04 -20.65 -17.96
C LYS A 11 -9.88 -19.41 -17.91
N THR A 12 -9.63 -18.60 -16.88
CA THR A 12 -10.38 -17.41 -16.54
C THR A 12 -9.52 -16.44 -15.80
N GLU A 13 -9.95 -15.16 -15.76
CA GLU A 13 -9.43 -14.14 -14.89
C GLU A 13 -9.83 -14.35 -13.46
N ASN A 14 -8.98 -13.89 -12.51
CA ASN A 14 -9.17 -14.04 -11.09
C ASN A 14 -9.53 -12.72 -10.50
N ASN A 15 -10.09 -12.70 -9.28
CA ASN A 15 -10.44 -11.49 -8.59
C ASN A 15 -9.98 -11.59 -7.17
N ASP A 16 -9.02 -10.77 -6.69
CA ASP A 16 -8.54 -10.89 -5.34
C ASP A 16 -7.91 -9.61 -4.88
N HIS A 17 -7.76 -9.53 -3.55
CA HIS A 17 -7.21 -8.48 -2.75
C HIS A 17 -6.14 -8.94 -1.82
N ILE A 18 -5.34 -7.99 -1.30
CA ILE A 18 -4.31 -8.13 -0.32
C ILE A 18 -4.49 -7.00 0.65
N ASN A 19 -3.93 -7.08 1.86
CA ASN A 19 -3.88 -5.94 2.74
C ASN A 19 -2.42 -5.65 2.97
N LEU A 20 -2.05 -4.38 3.11
CA LEU A 20 -0.71 -4.00 3.45
C LEU A 20 -0.80 -2.96 4.51
N LYS A 21 0.24 -2.81 5.36
CA LYS A 21 0.36 -1.80 6.37
C LYS A 21 1.56 -0.95 6.14
N VAL A 22 1.46 0.34 6.53
CA VAL A 22 2.50 1.31 6.41
C VAL A 22 2.84 1.81 7.78
N ALA A 23 4.13 1.68 8.17
CA ALA A 23 4.60 1.95 9.49
C ALA A 23 5.64 3.04 9.49
N GLY A 24 5.46 4.04 10.38
CA GLY A 24 6.32 5.18 10.48
C GLY A 24 7.35 5.09 11.57
N GLN A 25 8.08 6.19 11.78
CA GLN A 25 9.28 6.22 12.58
C GLN A 25 9.06 6.16 14.06
N ASP A 26 7.82 6.43 14.52
CA ASP A 26 7.42 6.32 15.89
C ASP A 26 6.67 5.06 16.18
N GLY A 27 6.56 4.17 15.17
CA GLY A 27 5.86 2.91 15.26
C GLY A 27 4.39 2.97 15.03
N SER A 28 3.84 4.15 14.64
CA SER A 28 2.46 4.28 14.27
C SER A 28 2.15 3.63 12.96
N VAL A 29 1.07 2.83 12.89
CA VAL A 29 0.76 1.99 11.77
C VAL A 29 -0.64 2.15 11.27
N VAL A 30 -0.85 2.20 9.94
CA VAL A 30 -2.15 2.13 9.32
C VAL A 30 -2.14 1.09 8.24
N GLN A 31 -3.19 0.27 8.10
CA GLN A 31 -3.29 -0.78 7.12
C GLN A 31 -4.46 -0.62 6.19
N PHE A 32 -4.28 -1.04 4.93
CA PHE A 32 -5.16 -0.71 3.85
C PHE A 32 -5.39 -1.94 3.02
N LYS A 33 -6.63 -2.14 2.54
CA LYS A 33 -7.10 -3.27 1.79
C LYS A 33 -7.30 -2.98 0.34
N ILE A 34 -6.52 -3.65 -0.52
CA ILE A 34 -6.28 -3.18 -1.86
C ILE A 34 -6.07 -4.34 -2.77
N LYS A 35 -6.36 -4.07 -4.05
CA LYS A 35 -6.38 -5.09 -5.06
C LYS A 35 -5.10 -5.16 -5.81
N ARG A 36 -4.94 -6.26 -6.57
CA ARG A 36 -3.66 -6.73 -7.05
C ARG A 36 -2.95 -5.81 -7.99
N HIS A 37 -3.69 -5.15 -8.90
CA HIS A 37 -3.10 -4.34 -9.94
C HIS A 37 -2.79 -2.95 -9.48
N THR A 38 -3.50 -2.46 -8.43
CA THR A 38 -3.53 -1.12 -7.96
C THR A 38 -2.20 -0.56 -7.53
N PRO A 39 -1.74 0.61 -7.91
CA PRO A 39 -0.44 1.13 -7.53
C PRO A 39 -0.30 1.47 -6.08
N LEU A 40 0.95 1.60 -5.62
CA LEU A 40 1.30 1.94 -4.27
C LEU A 40 0.91 3.33 -3.87
N SER A 41 0.80 4.25 -4.83
CA SER A 41 0.24 5.56 -4.65
C SER A 41 -1.13 5.59 -4.04
N LYS A 42 -1.96 4.55 -4.23
CA LYS A 42 -3.34 4.58 -3.81
C LYS A 42 -3.47 4.49 -2.32
N LEU A 43 -2.70 3.60 -1.68
CA LEU A 43 -2.55 3.60 -0.25
C LEU A 43 -1.83 4.78 0.31
N MET A 44 -0.87 5.36 -0.45
CA MET A 44 -0.23 6.58 -0.06
C MET A 44 -1.15 7.75 0.04
N LYS A 45 -2.08 7.94 -0.91
CA LYS A 45 -3.13 8.91 -0.77
C LYS A 45 -4.11 8.59 0.31
N ALA A 46 -4.45 7.30 0.53
CA ALA A 46 -5.28 6.89 1.62
C ALA A 46 -4.71 7.16 2.97
N TYR A 47 -3.37 7.06 3.12
CA TYR A 47 -2.60 7.46 4.25
C TYR A 47 -2.72 8.92 4.52
N CYS A 48 -2.66 9.77 3.48
CA CYS A 48 -2.92 11.17 3.55
C CYS A 48 -4.33 11.50 3.98
N GLU A 49 -5.34 10.80 3.44
CA GLU A 49 -6.71 10.95 3.83
C GLU A 49 -6.99 10.61 5.26
N ARG A 50 -6.58 9.43 5.74
CA ARG A 50 -6.88 9.02 7.09
C ARG A 50 -6.01 9.63 8.14
N GLN A 51 -4.69 9.70 7.88
CA GLN A 51 -3.71 9.99 8.88
C GLN A 51 -3.12 11.36 8.69
N GLY A 52 -3.64 12.12 7.71
CA GLY A 52 -3.52 13.55 7.60
C GLY A 52 -2.28 14.08 6.97
N LEU A 53 -1.40 13.20 6.45
CA LEU A 53 -0.11 13.52 5.93
C LEU A 53 -0.14 14.14 4.56
N SER A 54 0.94 14.82 4.14
CA SER A 54 1.13 15.26 2.79
C SER A 54 2.09 14.34 2.11
N MET A 55 1.79 13.84 0.90
CA MET A 55 2.60 12.84 0.24
C MET A 55 3.97 13.27 -0.19
N ARG A 56 4.25 14.58 -0.29
CA ARG A 56 5.56 15.09 -0.54
C ARG A 56 6.40 15.27 0.69
N GLN A 57 5.83 15.12 1.89
CA GLN A 57 6.58 15.15 3.13
C GLN A 57 7.22 13.83 3.44
N ILE A 58 6.55 12.73 3.05
CA ILE A 58 6.94 11.38 3.36
C ILE A 58 7.33 10.64 2.11
N ARG A 59 8.21 9.63 2.26
CA ARG A 59 8.57 8.75 1.18
C ARG A 59 8.62 7.36 1.73
N PHE A 60 8.43 6.33 0.88
CA PHE A 60 8.30 4.97 1.30
C PHE A 60 9.50 4.18 0.85
N ARG A 61 9.87 3.16 1.66
CA ARG A 61 10.95 2.27 1.38
C ARG A 61 10.49 0.87 1.54
N PHE A 62 11.24 -0.06 0.92
CA PHE A 62 11.16 -1.46 1.23
C PHE A 62 12.58 -1.94 1.33
N ASP A 63 12.96 -2.57 2.45
CA ASP A 63 14.23 -3.17 2.72
C ASP A 63 15.41 -2.30 2.39
N GLY A 64 15.34 -1.01 2.79
CA GLY A 64 16.40 -0.08 2.55
C GLY A 64 16.52 0.48 1.16
N GLN A 65 15.59 0.20 0.22
CA GLN A 65 15.62 0.78 -1.09
C GLN A 65 14.36 1.57 -1.30
N PRO A 66 14.34 2.64 -2.06
CA PRO A 66 13.13 3.39 -2.31
C PRO A 66 12.20 2.67 -3.22
N ILE A 67 10.88 2.90 -3.05
CA ILE A 67 9.85 2.37 -3.91
C ILE A 67 9.11 3.53 -4.48
N ASN A 68 8.73 3.47 -5.77
CA ASN A 68 8.24 4.63 -6.45
C ASN A 68 6.74 4.59 -6.57
N GLU A 69 6.09 5.71 -6.89
CA GLU A 69 4.65 5.77 -6.95
C GLU A 69 4.07 5.12 -8.17
N THR A 70 4.91 4.82 -9.18
CA THR A 70 4.55 4.02 -10.33
C THR A 70 4.97 2.60 -10.15
N ASP A 71 5.56 2.22 -9.00
CA ASP A 71 5.84 0.86 -8.64
C ASP A 71 4.62 0.22 -8.04
N THR A 72 4.66 -1.11 -7.80
CA THR A 72 3.46 -1.90 -7.78
C THR A 72 3.54 -3.04 -6.82
N PRO A 73 2.45 -3.64 -6.41
CA PRO A 73 2.45 -4.91 -5.72
C PRO A 73 3.13 -6.03 -6.42
N ALA A 74 3.09 -6.10 -7.77
CA ALA A 74 3.77 -7.12 -8.52
C ALA A 74 5.26 -6.99 -8.48
N GLN A 75 5.75 -5.75 -8.68
CA GLN A 75 7.14 -5.41 -8.75
C GLN A 75 7.85 -5.49 -7.44
N LEU A 76 7.17 -5.06 -6.36
CA LEU A 76 7.75 -5.05 -5.04
C LEU A 76 7.45 -6.31 -4.29
N GLU A 77 6.56 -7.15 -4.86
CA GLU A 77 6.15 -8.43 -4.37
C GLU A 77 5.42 -8.36 -3.05
N MET A 78 4.50 -7.39 -2.90
CA MET A 78 3.64 -7.21 -1.77
C MET A 78 2.72 -8.38 -1.57
N GLU A 79 2.40 -8.69 -0.31
CA GLU A 79 1.74 -9.91 0.05
C GLU A 79 0.44 -9.59 0.70
N ASP A 80 -0.35 -10.63 1.03
CA ASP A 80 -1.62 -10.57 1.66
C ASP A 80 -1.67 -9.82 2.96
N GLU A 81 -0.53 -9.77 3.67
CA GLU A 81 -0.28 -8.88 4.77
C GLU A 81 1.08 -8.25 4.63
N ASP A 82 1.27 -7.24 3.76
CA ASP A 82 2.54 -6.60 3.55
C ASP A 82 2.89 -5.55 4.55
N THR A 83 4.20 -5.20 4.67
CA THR A 83 4.71 -4.22 5.60
C THR A 83 5.65 -3.27 4.92
N ILE A 84 5.31 -1.98 4.85
CA ILE A 84 5.95 -0.93 4.11
C ILE A 84 6.42 0.17 5.02
N ASP A 85 7.61 0.75 4.78
CA ASP A 85 8.36 1.53 5.71
C ASP A 85 8.36 2.97 5.29
N VAL A 86 8.18 3.92 6.22
CA VAL A 86 8.14 5.32 5.91
C VAL A 86 9.39 5.97 6.43
N PHE A 87 10.04 6.79 5.58
CA PHE A 87 10.96 7.78 6.06
C PHE A 87 10.52 9.15 5.65
N GLN A 88 10.61 10.11 6.59
CA GLN A 88 10.11 11.44 6.39
C GLN A 88 11.22 12.35 5.96
N GLN A 89 11.05 12.96 4.78
CA GLN A 89 12.08 13.76 4.17
C GLN A 89 12.12 15.14 4.75
N GLN A 90 10.93 15.76 4.92
CA GLN A 90 10.72 17.00 5.62
C GLN A 90 11.22 18.23 4.94
N THR A 91 10.32 19.11 4.50
CA THR A 91 10.66 20.36 3.88
C THR A 91 10.10 21.51 4.65
N GLY A 92 10.81 22.66 4.66
CA GLY A 92 10.35 23.87 5.28
C GLY A 92 9.34 24.61 4.44
N GLY A 93 9.25 24.24 3.16
CA GLY A 93 8.25 24.65 2.22
C GLY A 93 7.78 23.44 1.43
N GLY B 33 -9.41 -4.32 7.76
CA GLY B 33 -8.83 -3.42 8.80
C GLY B 33 -9.27 -2.00 8.70
N VAL B 34 -8.34 -1.03 8.71
CA VAL B 34 -8.73 0.36 8.79
C VAL B 34 -9.28 0.94 7.53
N ILE B 35 -8.57 0.74 6.41
CA ILE B 35 -8.85 1.37 5.14
C ILE B 35 -9.30 0.34 4.16
N ASP B 36 -10.55 0.41 3.68
CA ASP B 36 -11.10 -0.39 2.62
C ASP B 36 -11.17 0.38 1.35
N LEU B 37 -10.26 0.21 0.37
CA LEU B 37 -10.16 1.10 -0.74
C LEU B 37 -10.62 0.64 -2.10
N THR B 38 -10.91 1.61 -2.98
CA THR B 38 -11.19 1.49 -4.39
C THR B 38 -9.95 1.48 -5.23
N MET B 39 -10.11 1.32 -6.56
CA MET B 39 -9.14 1.49 -7.61
C MET B 39 -8.60 0.18 -8.11
N ASP B 40 -8.74 -0.08 -9.42
CA ASP B 40 -8.62 -1.37 -10.05
C ASP B 40 -9.50 -2.40 -9.42
N ASP B 41 -10.82 -2.10 -9.46
CA ASP B 41 -11.85 -2.76 -8.73
C ASP B 41 -12.27 -4.08 -9.30
N GLU B 42 -11.46 -5.12 -9.04
CA GLU B 42 -11.83 -6.51 -9.08
C GLU B 42 -12.40 -6.93 -7.76
N GLU B 43 -13.33 -6.11 -7.24
CA GLU B 43 -13.95 -6.15 -5.95
C GLU B 43 -14.97 -7.28 -5.76
N MET A 1 14.24 -22.52 1.45
CA MET A 1 14.11 -23.59 0.43
C MET A 1 15.38 -24.35 0.18
N ALA A 2 15.27 -25.62 -0.22
CA ALA A 2 16.39 -26.45 -0.57
C ALA A 2 17.01 -26.08 -1.88
N ASP A 3 16.27 -25.38 -2.75
CA ASP A 3 16.74 -24.90 -4.02
C ASP A 3 16.65 -23.41 -4.07
N GLU A 4 17.70 -22.72 -4.55
CA GLU A 4 17.71 -21.32 -4.86
C GLU A 4 16.78 -21.00 -5.97
N LYS A 5 16.18 -19.80 -5.93
CA LYS A 5 15.10 -19.39 -6.79
C LYS A 5 15.47 -19.29 -8.25
N PRO A 6 14.61 -19.57 -9.21
CA PRO A 6 14.96 -19.64 -10.60
C PRO A 6 15.54 -18.42 -11.25
N LYS A 7 16.22 -18.55 -12.40
CA LYS A 7 16.77 -17.46 -13.16
C LYS A 7 15.75 -16.47 -13.65
N GLU A 8 14.62 -16.95 -14.20
CA GLU A 8 13.56 -16.14 -14.71
C GLU A 8 12.42 -16.00 -13.75
N GLY A 9 12.58 -16.54 -12.52
CA GLY A 9 11.64 -16.45 -11.45
C GLY A 9 10.36 -17.22 -11.60
N VAL A 10 9.60 -17.32 -10.48
CA VAL A 10 8.33 -17.97 -10.41
C VAL A 10 7.23 -17.30 -11.20
N LYS A 11 6.47 -18.08 -11.97
CA LYS A 11 5.50 -17.60 -12.92
C LYS A 11 4.08 -17.89 -12.50
N THR A 12 3.85 -18.13 -11.20
CA THR A 12 2.57 -18.35 -10.59
C THR A 12 1.60 -17.21 -10.73
N GLU A 13 0.29 -17.53 -10.74
CA GLU A 13 -0.76 -16.57 -10.91
C GLU A 13 -1.27 -16.07 -9.59
N ASN A 14 -1.52 -14.75 -9.47
CA ASN A 14 -2.16 -14.16 -8.34
C ASN A 14 -3.08 -13.08 -8.84
N ASN A 15 -4.21 -12.84 -8.16
CA ASN A 15 -5.31 -12.09 -8.70
C ASN A 15 -6.43 -11.89 -7.72
N ASP A 16 -6.14 -11.77 -6.41
CA ASP A 16 -7.11 -11.60 -5.39
C ASP A 16 -6.52 -10.63 -4.40
N HIS A 17 -7.36 -9.73 -3.86
CA HIS A 17 -7.03 -8.71 -2.92
C HIS A 17 -6.24 -9.11 -1.71
N ILE A 18 -5.28 -8.26 -1.31
CA ILE A 18 -4.31 -8.42 -0.27
C ILE A 18 -4.30 -7.16 0.53
N ASN A 19 -3.78 -7.18 1.77
CA ASN A 19 -3.68 -6.01 2.58
C ASN A 19 -2.22 -5.65 2.70
N LEU A 20 -1.90 -4.35 2.76
CA LEU A 20 -0.56 -3.93 3.09
C LEU A 20 -0.70 -2.95 4.22
N LYS A 21 0.28 -2.84 5.13
CA LYS A 21 0.35 -1.79 6.11
C LYS A 21 1.58 -0.97 5.92
N VAL A 22 1.49 0.32 6.27
CA VAL A 22 2.60 1.23 6.23
C VAL A 22 2.84 1.69 7.63
N ALA A 23 4.10 1.59 8.10
CA ALA A 23 4.49 2.06 9.40
C ALA A 23 5.54 3.11 9.27
N GLY A 24 5.35 4.25 9.95
CA GLY A 24 6.26 5.35 9.97
C GLY A 24 7.37 5.20 10.96
N GLN A 25 8.22 6.25 11.03
CA GLN A 25 9.33 6.34 11.94
C GLN A 25 8.92 6.39 13.37
N ASP A 26 7.74 6.98 13.64
CA ASP A 26 7.22 7.25 14.95
C ASP A 26 6.36 6.14 15.48
N GLY A 27 6.30 5.01 14.78
CA GLY A 27 5.58 3.83 15.19
C GLY A 27 4.13 3.84 14.89
N SER A 28 3.65 4.85 14.14
CA SER A 28 2.28 4.97 13.72
C SER A 28 2.05 4.18 12.47
N VAL A 29 0.97 3.38 12.40
CA VAL A 29 0.76 2.37 11.41
C VAL A 29 -0.65 2.31 10.93
N VAL A 30 -0.88 2.30 9.60
CA VAL A 30 -2.18 2.12 9.01
C VAL A 30 -2.17 1.07 7.94
N GLN A 31 -3.19 0.18 7.86
CA GLN A 31 -3.31 -0.80 6.82
C GLN A 31 -4.43 -0.59 5.85
N PHE A 32 -4.19 -1.01 4.61
CA PHE A 32 -5.04 -0.74 3.49
C PHE A 32 -5.26 -2.02 2.75
N LYS A 33 -6.48 -2.28 2.25
CA LYS A 33 -6.88 -3.46 1.54
C LYS A 33 -7.00 -3.14 0.08
N ILE A 34 -6.18 -3.85 -0.72
CA ILE A 34 -5.64 -3.44 -1.99
C ILE A 34 -5.45 -4.60 -2.90
N LYS A 35 -5.48 -4.25 -4.20
CA LYS A 35 -5.38 -5.20 -5.27
C LYS A 35 -4.04 -5.18 -5.92
N ARG A 36 -3.69 -6.26 -6.65
CA ARG A 36 -2.36 -6.54 -7.10
C ARG A 36 -1.75 -5.53 -8.03
N HIS A 37 -2.53 -4.95 -8.96
CA HIS A 37 -2.03 -3.98 -9.89
C HIS A 37 -2.31 -2.57 -9.50
N THR A 38 -3.15 -2.33 -8.46
CA THR A 38 -3.45 -1.04 -7.92
C THR A 38 -2.22 -0.39 -7.37
N PRO A 39 -1.76 0.77 -7.77
CA PRO A 39 -0.46 1.26 -7.40
C PRO A 39 -0.35 1.72 -5.99
N LEU A 40 0.89 1.79 -5.46
CA LEU A 40 1.19 2.24 -4.14
C LEU A 40 0.78 3.65 -3.83
N SER A 41 0.70 4.50 -4.87
CA SER A 41 0.12 5.80 -4.80
C SER A 41 -1.28 5.86 -4.24
N LYS A 42 -2.09 4.79 -4.39
CA LYS A 42 -3.45 4.76 -3.93
C LYS A 42 -3.53 4.75 -2.44
N LEU A 43 -2.72 3.89 -1.77
CA LEU A 43 -2.64 3.87 -0.34
C LEU A 43 -1.98 5.09 0.22
N MET A 44 -1.03 5.72 -0.51
CA MET A 44 -0.40 6.95 -0.11
C MET A 44 -1.35 8.09 0.07
N LYS A 45 -2.28 8.30 -0.87
CA LYS A 45 -3.31 9.30 -0.75
C LYS A 45 -4.27 9.01 0.37
N ALA A 46 -4.63 7.73 0.57
CA ALA A 46 -5.45 7.29 1.66
C ALA A 46 -4.84 7.49 3.01
N TYR A 47 -3.51 7.28 3.12
CA TYR A 47 -2.72 7.51 4.29
C TYR A 47 -2.72 8.95 4.70
N CYS A 48 -2.60 9.87 3.72
CA CYS A 48 -2.72 11.28 3.93
C CYS A 48 -4.06 11.71 4.42
N GLU A 49 -5.16 11.18 3.84
CA GLU A 49 -6.49 11.47 4.28
C GLU A 49 -6.82 10.95 5.65
N ARG A 50 -6.54 9.68 5.95
CA ARG A 50 -6.83 9.11 7.24
C ARG A 50 -5.96 9.59 8.35
N GLN A 51 -4.65 9.69 8.12
CA GLN A 51 -3.68 9.81 9.17
C GLN A 51 -2.95 11.11 9.17
N GLY A 52 -3.37 12.05 8.29
CA GLY A 52 -3.06 13.45 8.37
C GLY A 52 -1.74 13.89 7.82
N LEU A 53 -1.02 13.00 7.12
CA LEU A 53 0.30 13.24 6.61
C LEU A 53 0.28 14.00 5.33
N SER A 54 1.39 14.66 4.97
CA SER A 54 1.56 15.29 3.69
C SER A 54 2.40 14.45 2.80
N MET A 55 2.00 14.24 1.53
CA MET A 55 2.58 13.25 0.67
C MET A 55 4.01 13.48 0.28
N ARG A 56 4.47 14.74 0.17
CA ARG A 56 5.83 15.05 -0.15
C ARG A 56 6.77 14.91 1.02
N GLN A 57 6.21 14.84 2.24
CA GLN A 57 6.96 14.80 3.47
C GLN A 57 7.25 13.40 3.91
N ILE A 58 6.58 12.40 3.30
CA ILE A 58 6.81 11.00 3.56
C ILE A 58 7.26 10.33 2.30
N ARG A 59 8.17 9.35 2.41
CA ARG A 59 8.56 8.53 1.29
C ARG A 59 8.67 7.12 1.78
N PHE A 60 8.51 6.15 0.86
CA PHE A 60 8.22 4.79 1.16
C PHE A 60 9.39 3.96 0.76
N ARG A 61 9.74 2.96 1.58
CA ARG A 61 10.86 2.08 1.37
C ARG A 61 10.40 0.66 1.49
N PHE A 62 11.06 -0.25 0.75
CA PHE A 62 11.01 -1.64 1.07
C PHE A 62 12.42 -2.12 1.24
N ASP A 63 12.80 -2.49 2.47
CA ASP A 63 14.09 -3.05 2.81
C ASP A 63 15.26 -2.18 2.43
N GLY A 64 15.12 -0.87 2.73
CA GLY A 64 16.08 0.15 2.37
C GLY A 64 16.04 0.64 0.96
N GLN A 65 15.12 0.14 0.12
CA GLN A 65 15.07 0.45 -1.27
C GLN A 65 13.91 1.37 -1.53
N PRO A 66 14.04 2.52 -2.13
CA PRO A 66 12.92 3.32 -2.58
C PRO A 66 11.95 2.63 -3.47
N ILE A 67 10.63 2.80 -3.21
CA ILE A 67 9.56 2.28 -4.02
C ILE A 67 8.78 3.46 -4.50
N ASN A 68 8.26 3.44 -5.73
CA ASN A 68 7.79 4.64 -6.37
C ASN A 68 6.31 4.60 -6.54
N GLU A 69 5.68 5.74 -6.87
CA GLU A 69 4.25 5.85 -7.05
C GLU A 69 3.71 5.08 -8.22
N THR A 70 4.58 4.77 -9.20
CA THR A 70 4.29 3.89 -10.32
C THR A 70 4.44 2.44 -9.97
N ASP A 71 5.13 2.08 -8.87
CA ASP A 71 5.28 0.73 -8.42
C ASP A 71 4.03 0.19 -7.76
N THR A 72 4.00 -1.13 -7.53
CA THR A 72 2.76 -1.86 -7.38
C THR A 72 2.96 -3.01 -6.44
N PRO A 73 1.93 -3.55 -5.82
CA PRO A 73 2.02 -4.77 -5.07
C PRO A 73 2.47 -5.98 -5.83
N ALA A 74 2.18 -6.06 -7.13
CA ALA A 74 2.65 -7.10 -8.00
C ALA A 74 4.13 -7.04 -8.24
N GLN A 75 4.64 -5.84 -8.54
CA GLN A 75 6.02 -5.59 -8.82
C GLN A 75 6.91 -5.69 -7.63
N LEU A 76 6.49 -5.16 -6.47
CA LEU A 76 7.29 -5.18 -5.28
C LEU A 76 7.13 -6.46 -4.53
N GLU A 77 6.16 -7.30 -4.98
CA GLU A 77 5.87 -8.61 -4.48
C GLU A 77 5.41 -8.61 -3.05
N MET A 78 4.46 -7.72 -2.74
CA MET A 78 3.77 -7.59 -1.48
C MET A 78 2.93 -8.79 -1.16
N GLU A 79 2.78 -9.10 0.14
CA GLU A 79 2.12 -10.27 0.62
C GLU A 79 0.73 -9.93 1.08
N ASP A 80 -0.05 -10.94 1.51
CA ASP A 80 -1.42 -10.83 1.91
C ASP A 80 -1.71 -9.92 3.07
N GLU A 81 -0.73 -9.73 3.97
CA GLU A 81 -0.65 -8.60 4.86
C GLU A 81 0.77 -8.10 4.85
N ASP A 82 1.12 -7.15 3.97
CA ASP A 82 2.46 -6.65 3.80
C ASP A 82 2.86 -5.62 4.81
N THR A 83 4.18 -5.36 4.94
CA THR A 83 4.71 -4.35 5.82
C THR A 83 5.68 -3.48 5.09
N ILE A 84 5.34 -2.19 4.95
CA ILE A 84 5.99 -1.17 4.18
C ILE A 84 6.44 -0.06 5.07
N ASP A 85 7.63 0.51 4.84
CA ASP A 85 8.33 1.36 5.76
C ASP A 85 8.32 2.75 5.25
N VAL A 86 8.09 3.75 6.12
CA VAL A 86 8.12 5.13 5.75
C VAL A 86 9.24 5.84 6.45
N PHE A 87 9.99 6.63 5.66
CA PHE A 87 10.97 7.56 6.12
C PHE A 87 10.57 8.96 5.78
N GLN A 88 10.77 9.90 6.71
CA GLN A 88 10.32 11.26 6.60
C GLN A 88 11.35 12.13 5.93
N GLN A 89 10.89 13.00 5.01
CA GLN A 89 11.70 13.90 4.25
C GLN A 89 11.53 15.31 4.73
N GLN A 90 11.79 16.31 3.87
CA GLN A 90 11.75 17.71 4.18
C GLN A 90 10.40 18.24 4.58
N THR A 91 10.21 18.62 5.85
CA THR A 91 8.97 19.17 6.33
C THR A 91 8.97 20.68 6.30
N GLY A 92 10.13 21.31 6.05
CA GLY A 92 10.30 22.73 5.96
C GLY A 92 9.88 23.35 4.67
N GLY A 93 9.40 22.55 3.70
CA GLY A 93 8.99 23.00 2.39
C GLY A 93 7.66 22.37 1.99
N GLY B 33 -9.91 -4.32 7.20
CA GLY B 33 -9.01 -3.48 8.03
C GLY B 33 -9.42 -2.04 8.04
N VAL B 34 -8.47 -1.07 8.12
CA VAL B 34 -8.86 0.31 8.21
C VAL B 34 -9.34 0.90 6.93
N ILE B 35 -8.56 0.69 5.85
CA ILE B 35 -8.79 1.31 4.58
C ILE B 35 -9.19 0.24 3.61
N ASP B 36 -10.41 0.31 3.04
CA ASP B 36 -10.81 -0.48 1.91
C ASP B 36 -10.77 0.37 0.68
N LEU B 37 -9.81 0.19 -0.25
CA LEU B 37 -9.63 1.13 -1.33
C LEU B 37 -10.09 0.61 -2.65
N THR B 38 -10.43 1.52 -3.59
CA THR B 38 -10.86 1.21 -4.93
C THR B 38 -9.72 1.20 -5.90
N MET B 39 -9.91 1.63 -7.16
CA MET B 39 -8.95 1.79 -8.21
C MET B 39 -8.57 0.53 -8.93
N ASP B 40 -9.11 0.36 -10.15
CA ASP B 40 -8.96 -0.71 -11.09
C ASP B 40 -9.16 -2.09 -10.55
N ASP B 41 -8.80 -3.09 -11.38
CA ASP B 41 -8.26 -4.35 -10.96
C ASP B 41 -9.21 -5.32 -10.34
N GLU B 42 -8.80 -6.61 -10.33
CA GLU B 42 -9.59 -7.69 -9.82
C GLU B 42 -9.54 -7.81 -8.34
N GLU B 43 -10.69 -7.58 -7.67
CA GLU B 43 -10.84 -7.66 -6.25
C GLU B 43 -11.13 -9.05 -5.72
N MET A 1 14.00 -31.49 15.63
CA MET A 1 14.49 -32.89 15.71
C MET A 1 13.48 -33.87 15.20
N ALA A 2 12.94 -34.79 16.01
CA ALA A 2 11.96 -35.77 15.58
C ALA A 2 10.65 -35.20 15.12
N ASP A 3 10.14 -34.19 15.82
CA ASP A 3 9.04 -33.39 15.37
C ASP A 3 9.53 -32.22 14.57
N GLU A 4 8.77 -31.82 13.53
CA GLU A 4 9.09 -30.66 12.74
C GLU A 4 7.86 -30.17 12.03
N LYS A 5 7.83 -28.87 11.68
CA LYS A 5 6.70 -28.21 11.08
C LYS A 5 6.33 -28.70 9.71
N PRO A 6 5.08 -28.82 9.32
CA PRO A 6 4.64 -28.98 7.96
C PRO A 6 5.21 -28.09 6.90
N LYS A 7 5.15 -28.53 5.63
CA LYS A 7 5.90 -27.99 4.55
C LYS A 7 5.06 -27.36 3.48
N GLU A 8 3.75 -27.18 3.72
CA GLU A 8 2.78 -26.71 2.76
C GLU A 8 3.04 -25.34 2.20
N GLY A 9 2.76 -25.13 0.91
CA GLY A 9 2.86 -23.86 0.24
C GLY A 9 1.80 -22.85 0.62
N VAL A 10 2.22 -21.61 0.90
CA VAL A 10 1.35 -20.53 1.28
C VAL A 10 1.46 -19.36 0.36
N LYS A 11 2.35 -19.40 -0.64
CA LYS A 11 2.51 -18.34 -1.61
C LYS A 11 1.89 -18.77 -2.91
N THR A 12 0.56 -18.98 -2.87
CA THR A 12 -0.22 -19.58 -3.92
C THR A 12 -0.95 -18.59 -4.77
N GLU A 13 -0.98 -17.32 -4.32
CA GLU A 13 -1.37 -16.16 -5.05
C GLU A 13 -2.66 -16.20 -5.80
N ASN A 14 -3.78 -16.62 -5.19
CA ASN A 14 -4.99 -16.88 -5.95
C ASN A 14 -6.01 -15.78 -5.88
N ASN A 15 -5.82 -14.76 -5.02
CA ASN A 15 -6.76 -13.68 -4.85
C ASN A 15 -6.08 -12.37 -5.15
N ASP A 16 -6.79 -11.43 -5.80
CA ASP A 16 -6.25 -10.16 -6.16
C ASP A 16 -6.01 -9.23 -5.01
N HIS A 17 -7.01 -9.30 -4.14
CA HIS A 17 -7.11 -8.79 -2.81
C HIS A 17 -6.15 -9.38 -1.82
N ILE A 18 -5.38 -8.46 -1.21
CA ILE A 18 -4.34 -8.62 -0.24
C ILE A 18 -4.48 -7.46 0.70
N ASN A 19 -3.92 -7.49 1.92
CA ASN A 19 -3.86 -6.34 2.78
C ASN A 19 -2.41 -5.96 2.92
N LEU A 20 -2.08 -4.66 3.02
CA LEU A 20 -0.73 -4.26 3.28
C LEU A 20 -0.81 -3.21 4.35
N LYS A 21 0.24 -2.97 5.15
CA LYS A 21 0.32 -1.88 6.07
C LYS A 21 1.59 -1.10 5.93
N VAL A 22 1.54 0.21 6.25
CA VAL A 22 2.67 1.09 6.22
C VAL A 22 2.95 1.49 7.63
N ALA A 23 4.21 1.34 8.07
CA ALA A 23 4.63 1.57 9.42
C ALA A 23 5.70 2.61 9.51
N GLY A 24 5.60 3.54 10.49
CA GLY A 24 6.66 4.45 10.81
C GLY A 24 6.21 5.82 11.21
N GLN A 25 6.98 6.85 10.79
CA GLN A 25 6.68 8.26 10.91
C GLN A 25 6.88 8.82 12.28
N ASP A 26 6.05 8.37 13.24
CA ASP A 26 5.98 8.84 14.59
C ASP A 26 5.47 7.73 15.46
N GLY A 27 5.61 6.48 15.00
CA GLY A 27 5.06 5.31 15.63
C GLY A 27 3.68 4.95 15.15
N SER A 28 3.33 5.35 13.92
CA SER A 28 2.02 5.17 13.35
C SER A 28 2.05 4.05 12.35
N VAL A 29 1.13 3.08 12.50
CA VAL A 29 0.99 2.02 11.55
C VAL A 29 -0.43 1.98 11.11
N VAL A 30 -0.69 2.03 9.78
CA VAL A 30 -2.01 1.89 9.23
C VAL A 30 -2.04 0.85 8.16
N GLN A 31 -3.08 -0.01 8.11
CA GLN A 31 -3.30 -0.92 7.03
C GLN A 31 -4.32 -0.51 6.02
N PHE A 32 -4.22 -1.14 4.83
CA PHE A 32 -5.07 -0.81 3.74
C PHE A 32 -5.36 -2.11 3.06
N LYS A 33 -6.60 -2.33 2.59
CA LYS A 33 -7.03 -3.53 1.94
C LYS A 33 -7.06 -3.26 0.47
N ILE A 34 -6.22 -4.00 -0.28
CA ILE A 34 -5.64 -3.58 -1.51
C ILE A 34 -5.64 -4.70 -2.49
N LYS A 35 -5.63 -4.29 -3.77
CA LYS A 35 -5.70 -5.21 -4.87
C LYS A 35 -4.51 -5.07 -5.77
N ARG A 36 -4.24 -6.12 -6.56
CA ARG A 36 -3.00 -6.32 -7.24
C ARG A 36 -2.69 -5.41 -8.40
N HIS A 37 -3.69 -4.73 -9.00
CA HIS A 37 -3.43 -3.66 -9.92
C HIS A 37 -3.14 -2.37 -9.23
N THR A 38 -3.69 -2.15 -8.02
CA THR A 38 -3.75 -0.87 -7.35
C THR A 38 -2.42 -0.32 -6.94
N PRO A 39 -1.93 0.78 -7.42
CA PRO A 39 -0.58 1.24 -7.16
C PRO A 39 -0.33 1.70 -5.76
N LEU A 40 0.95 1.76 -5.37
CA LEU A 40 1.40 2.14 -4.06
C LEU A 40 1.10 3.56 -3.69
N SER A 41 0.95 4.44 -4.69
CA SER A 41 0.40 5.76 -4.54
C SER A 41 -0.93 5.83 -3.87
N LYS A 42 -1.79 4.80 -3.98
CA LYS A 42 -3.15 4.87 -3.51
C LYS A 42 -3.21 4.86 -2.01
N LEU A 43 -2.48 3.92 -1.40
CA LEU A 43 -2.31 3.82 0.02
C LEU A 43 -1.50 4.92 0.62
N MET A 44 -0.51 5.47 -0.11
CA MET A 44 0.19 6.65 0.31
C MET A 44 -0.69 7.84 0.50
N LYS A 45 -1.60 8.11 -0.47
CA LYS A 45 -2.61 9.11 -0.32
C LYS A 45 -3.61 8.82 0.75
N ALA A 46 -4.01 7.54 0.92
CA ALA A 46 -4.89 7.11 1.96
C ALA A 46 -4.35 7.28 3.35
N TYR A 47 -3.03 7.09 3.53
CA TYR A 47 -2.27 7.35 4.73
C TYR A 47 -2.35 8.81 5.08
N CYS A 48 -2.25 9.68 4.06
CA CYS A 48 -2.46 11.09 4.22
C CYS A 48 -3.85 11.47 4.64
N GLU A 49 -4.89 10.86 4.04
CA GLU A 49 -6.25 11.09 4.40
C GLU A 49 -6.61 10.63 5.78
N ARG A 50 -6.30 9.37 6.14
CA ARG A 50 -6.63 8.83 7.43
C ARG A 50 -5.80 9.37 8.57
N GLN A 51 -4.48 9.49 8.35
CA GLN A 51 -3.54 9.64 9.42
C GLN A 51 -2.82 10.96 9.36
N GLY A 52 -3.32 11.90 8.53
CA GLY A 52 -3.03 13.29 8.64
C GLY A 52 -1.71 13.75 8.10
N LEU A 53 -1.02 12.87 7.37
CA LEU A 53 0.31 13.09 6.86
C LEU A 53 0.33 13.92 5.61
N SER A 54 1.48 14.53 5.29
CA SER A 54 1.67 15.33 4.12
C SER A 54 2.41 14.57 3.06
N MET A 55 1.90 14.56 1.82
CA MET A 55 2.28 13.66 0.76
C MET A 55 3.72 13.72 0.34
N ARG A 56 4.29 14.92 0.31
CA ARG A 56 5.64 15.17 -0.14
C ARG A 56 6.62 15.18 0.98
N GLN A 57 6.14 14.93 2.23
CA GLN A 57 6.97 14.82 3.39
C GLN A 57 7.16 13.37 3.77
N ILE A 58 6.45 12.44 3.14
CA ILE A 58 6.58 11.04 3.37
C ILE A 58 7.06 10.36 2.12
N ARG A 59 8.01 9.41 2.25
CA ARG A 59 8.46 8.60 1.16
C ARG A 59 8.60 7.21 1.70
N PHE A 60 8.50 6.18 0.84
CA PHE A 60 8.40 4.81 1.27
C PHE A 60 9.59 4.01 0.82
N ARG A 61 9.96 3.01 1.63
CA ARG A 61 11.03 2.11 1.33
C ARG A 61 10.61 0.70 1.65
N PHE A 62 11.17 -0.27 0.91
CA PHE A 62 11.00 -1.67 1.16
C PHE A 62 12.36 -2.25 1.31
N ASP A 63 12.78 -2.64 2.54
CA ASP A 63 14.14 -2.50 2.99
C ASP A 63 14.56 -1.06 2.96
N GLY A 64 15.65 -0.54 2.37
CA GLY A 64 16.72 -0.94 1.49
C GLY A 64 16.51 -0.84 0.01
N GLN A 65 15.25 -0.70 -0.48
CA GLN A 65 14.94 -0.20 -1.79
C GLN A 65 14.03 0.98 -1.66
N PRO A 66 14.25 2.13 -2.26
CA PRO A 66 13.21 3.07 -2.55
C PRO A 66 12.13 2.49 -3.42
N ILE A 67 10.84 2.72 -3.10
CA ILE A 67 9.73 2.24 -3.88
C ILE A 67 8.97 3.42 -4.38
N ASN A 68 8.53 3.35 -5.66
CA ASN A 68 8.13 4.50 -6.41
C ASN A 68 6.66 4.43 -6.68
N GLU A 69 6.03 5.54 -7.12
CA GLU A 69 4.64 5.57 -7.44
C GLU A 69 4.30 4.84 -8.71
N THR A 70 5.31 4.50 -9.52
CA THR A 70 5.23 3.62 -10.66
C THR A 70 5.50 2.19 -10.28
N ASP A 71 5.91 1.89 -9.03
CA ASP A 71 5.99 0.55 -8.54
C ASP A 71 4.63 0.10 -8.05
N THR A 72 4.49 -1.22 -7.84
CA THR A 72 3.21 -1.88 -7.90
C THR A 72 3.21 -3.08 -7.00
N PRO A 73 2.10 -3.68 -6.64
CA PRO A 73 2.08 -4.94 -5.93
C PRO A 73 2.72 -6.07 -6.69
N ALA A 74 2.56 -6.09 -8.02
CA ALA A 74 3.12 -7.10 -8.88
C ALA A 74 4.61 -7.06 -8.91
N GLN A 75 5.15 -5.83 -9.04
CA GLN A 75 6.55 -5.57 -9.14
C GLN A 75 7.29 -5.85 -7.87
N LEU A 76 6.75 -5.41 -6.71
CA LEU A 76 7.44 -5.58 -5.46
C LEU A 76 7.08 -6.87 -4.79
N GLU A 77 6.08 -7.58 -5.34
CA GLU A 77 5.59 -8.87 -4.93
C GLU A 77 4.98 -8.95 -3.56
N MET A 78 4.14 -7.94 -3.23
CA MET A 78 3.32 -7.81 -2.06
C MET A 78 2.37 -8.94 -1.87
N GLU A 79 1.95 -9.19 -0.62
CA GLU A 79 1.16 -10.33 -0.25
C GLU A 79 0.19 -9.87 0.78
N ASP A 80 -0.60 -10.82 1.31
CA ASP A 80 -1.79 -10.67 2.09
C ASP A 80 -1.74 -9.81 3.32
N GLU A 81 -0.55 -9.66 3.94
CA GLU A 81 -0.31 -8.77 5.04
C GLU A 81 1.03 -8.10 4.90
N ASP A 82 1.31 -7.41 3.77
CA ASP A 82 2.60 -6.83 3.50
C ASP A 82 3.01 -5.69 4.37
N THR A 83 4.31 -5.36 4.40
CA THR A 83 4.88 -4.39 5.29
C THR A 83 5.77 -3.43 4.56
N ILE A 84 5.42 -2.13 4.60
CA ILE A 84 6.10 -1.04 3.97
C ILE A 84 6.56 -0.08 5.02
N ASP A 85 7.77 0.50 4.89
CA ASP A 85 8.36 1.35 5.87
C ASP A 85 8.40 2.74 5.33
N VAL A 86 8.06 3.75 6.17
CA VAL A 86 8.02 5.13 5.75
C VAL A 86 9.16 5.88 6.36
N PHE A 87 9.82 6.74 5.56
CA PHE A 87 10.82 7.64 6.06
C PHE A 87 10.41 9.03 5.71
N GLN A 88 10.69 9.98 6.64
CA GLN A 88 10.30 11.35 6.48
C GLN A 88 11.31 12.15 5.72
N GLN A 89 10.80 12.96 4.78
CA GLN A 89 11.58 13.79 3.90
C GLN A 89 11.05 15.20 3.93
N GLN A 90 11.82 16.13 3.34
CA GLN A 90 11.46 17.48 3.05
C GLN A 90 10.88 18.29 4.16
N THR A 91 11.49 18.27 5.36
CA THR A 91 11.05 19.01 6.51
C THR A 91 11.57 20.41 6.44
N GLY A 92 10.69 21.42 6.48
CA GLY A 92 11.08 22.80 6.38
C GLY A 92 11.29 23.30 4.99
N GLY A 93 10.84 22.52 3.97
CA GLY A 93 10.95 22.90 2.59
C GLY A 93 9.90 22.22 1.74
N GLY B 33 -10.96 -3.67 10.64
CA GLY B 33 -9.84 -3.26 9.77
C GLY B 33 -9.88 -1.81 9.37
N VAL B 34 -8.83 -1.31 8.71
CA VAL B 34 -8.74 0.07 8.29
C VAL B 34 -9.28 0.28 6.91
N ILE B 35 -8.41 0.59 5.93
CA ILE B 35 -8.76 1.29 4.73
C ILE B 35 -9.26 0.34 3.68
N ASP B 36 -10.42 0.61 3.06
CA ASP B 36 -10.97 -0.17 2.00
C ASP B 36 -10.72 0.50 0.68
N LEU B 37 -9.90 -0.04 -0.23
CA LEU B 37 -9.57 0.67 -1.44
C LEU B 37 -10.55 0.54 -2.56
N THR B 38 -10.81 1.64 -3.30
CA THR B 38 -11.52 1.66 -4.54
C THR B 38 -10.54 1.60 -5.68
N MET B 39 -10.61 2.53 -6.66
CA MET B 39 -9.67 2.74 -7.73
C MET B 39 -9.78 1.80 -8.88
N ASP B 40 -10.01 0.51 -8.59
CA ASP B 40 -10.28 -0.53 -9.54
C ASP B 40 -11.06 -1.59 -8.82
N ASP B 41 -11.52 -2.66 -9.49
CA ASP B 41 -12.32 -3.65 -8.85
C ASP B 41 -12.04 -5.05 -9.28
N GLU B 42 -10.77 -5.34 -9.61
CA GLU B 42 -10.33 -6.70 -9.78
C GLU B 42 -10.03 -7.28 -8.44
N GLU B 43 -11.05 -7.90 -7.83
CA GLU B 43 -11.11 -8.42 -6.49
C GLU B 43 -10.55 -9.83 -6.29
N MET A 1 -12.36 -14.61 -20.57
CA MET A 1 -10.98 -14.52 -20.03
C MET A 1 -11.00 -14.53 -18.53
N ALA A 2 -10.67 -13.43 -17.83
CA ALA A 2 -10.73 -13.38 -16.40
C ALA A 2 -12.07 -12.96 -15.91
N ASP A 3 -12.94 -12.46 -16.81
CA ASP A 3 -14.27 -11.98 -16.55
C ASP A 3 -15.25 -13.03 -16.11
N GLU A 4 -15.00 -14.30 -16.48
CA GLU A 4 -15.87 -15.40 -16.20
C GLU A 4 -15.47 -16.16 -14.97
N LYS A 5 -14.42 -15.72 -14.27
CA LYS A 5 -14.03 -16.20 -12.98
C LYS A 5 -14.95 -15.71 -11.89
N PRO A 6 -15.18 -16.37 -10.79
CA PRO A 6 -16.05 -15.88 -9.76
C PRO A 6 -15.44 -14.77 -8.97
N LYS A 7 -16.24 -13.74 -8.61
CA LYS A 7 -15.82 -12.66 -7.78
C LYS A 7 -15.64 -13.04 -6.34
N GLU A 8 -14.71 -12.36 -5.67
CA GLU A 8 -14.34 -12.58 -4.30
C GLU A 8 -15.47 -12.36 -3.33
N GLY A 9 -16.29 -11.31 -3.55
CA GLY A 9 -17.54 -11.09 -2.88
C GLY A 9 -18.49 -12.25 -2.83
N VAL A 10 -18.79 -12.86 -3.99
CA VAL A 10 -19.67 -13.99 -4.10
C VAL A 10 -19.12 -15.23 -3.49
N LYS A 11 -17.84 -15.53 -3.83
CA LYS A 11 -17.11 -16.70 -3.42
C LYS A 11 -16.86 -16.78 -1.96
N THR A 12 -16.62 -15.61 -1.36
CA THR A 12 -16.32 -15.37 0.02
C THR A 12 -14.97 -15.89 0.39
N GLU A 13 -13.96 -15.61 -0.46
CA GLU A 13 -12.60 -15.97 -0.24
C GLU A 13 -11.75 -15.01 -1.00
N ASN A 14 -10.50 -14.77 -0.54
CA ASN A 14 -9.65 -13.74 -1.06
C ASN A 14 -8.80 -14.23 -2.19
N ASN A 15 -8.70 -13.45 -3.28
CA ASN A 15 -7.93 -13.80 -4.44
C ASN A 15 -6.99 -12.69 -4.78
N ASP A 16 -7.52 -11.60 -5.38
CA ASP A 16 -6.72 -10.57 -5.98
C ASP A 16 -6.60 -9.35 -5.12
N HIS A 17 -7.25 -9.43 -3.95
CA HIS A 17 -7.06 -8.61 -2.78
C HIS A 17 -6.04 -9.20 -1.87
N ILE A 18 -5.28 -8.32 -1.21
CA ILE A 18 -4.30 -8.52 -0.19
C ILE A 18 -4.46 -7.34 0.73
N ASN A 19 -3.98 -7.39 1.98
CA ASN A 19 -3.85 -6.21 2.79
C ASN A 19 -2.40 -5.90 2.95
N LEU A 20 -2.04 -4.61 2.99
CA LEU A 20 -0.69 -4.23 3.34
C LEU A 20 -0.83 -3.22 4.43
N LYS A 21 0.16 -3.04 5.32
CA LYS A 21 0.22 -1.97 6.27
C LYS A 21 1.49 -1.18 6.13
N VAL A 22 1.43 0.13 6.48
CA VAL A 22 2.55 1.00 6.44
C VAL A 22 2.92 1.37 7.84
N ALA A 23 4.24 1.36 8.15
CA ALA A 23 4.77 1.57 9.46
C ALA A 23 5.69 2.75 9.51
N GLY A 24 5.46 3.64 10.49
CA GLY A 24 6.21 4.86 10.65
C GLY A 24 7.09 4.87 11.87
N GLN A 25 7.80 5.99 12.07
CA GLN A 25 8.84 6.15 13.04
C GLN A 25 8.36 6.83 14.27
N ASP A 26 7.05 7.14 14.34
CA ASP A 26 6.34 7.55 15.51
C ASP A 26 5.62 6.39 16.12
N GLY A 27 5.77 5.19 15.53
CA GLY A 27 5.04 4.02 15.91
C GLY A 27 3.68 3.94 15.29
N SER A 28 3.34 4.82 14.33
CA SER A 28 2.09 4.75 13.62
C SER A 28 2.04 3.58 12.71
N VAL A 29 0.83 3.00 12.57
CA VAL A 29 0.57 1.94 11.65
C VAL A 29 -0.77 2.15 11.01
N VAL A 30 -0.88 2.15 9.67
CA VAL A 30 -2.16 2.04 9.04
C VAL A 30 -2.17 0.97 8.00
N GLN A 31 -3.21 0.13 7.93
CA GLN A 31 -3.36 -0.87 6.91
C GLN A 31 -4.45 -0.61 5.92
N PHE A 32 -4.27 -1.18 4.73
CA PHE A 32 -5.10 -0.87 3.60
C PHE A 32 -5.33 -2.17 2.89
N LYS A 33 -6.56 -2.41 2.39
CA LYS A 33 -6.96 -3.56 1.64
C LYS A 33 -6.93 -3.19 0.19
N ILE A 34 -6.07 -3.89 -0.56
CA ILE A 34 -5.46 -3.46 -1.78
C ILE A 34 -5.33 -4.62 -2.70
N LYS A 35 -5.29 -4.25 -3.99
CA LYS A 35 -5.30 -5.20 -5.06
C LYS A 35 -4.04 -5.17 -5.88
N ARG A 36 -3.81 -6.26 -6.63
CA ARG A 36 -2.55 -6.60 -7.22
C ARG A 36 -2.04 -5.61 -8.22
N HIS A 37 -2.94 -5.02 -9.02
CA HIS A 37 -2.63 -4.01 -9.99
C HIS A 37 -2.95 -2.62 -9.54
N THR A 38 -3.18 -2.39 -8.23
CA THR A 38 -3.39 -1.09 -7.68
C THR A 38 -2.07 -0.48 -7.33
N PRO A 39 -1.60 0.64 -7.80
CA PRO A 39 -0.32 1.18 -7.40
C PRO A 39 -0.21 1.55 -5.95
N LEU A 40 1.04 1.62 -5.47
CA LEU A 40 1.38 1.96 -4.11
C LEU A 40 0.99 3.35 -3.71
N SER A 41 0.88 4.27 -4.69
CA SER A 41 0.33 5.58 -4.50
C SER A 41 -1.02 5.60 -3.88
N LYS A 42 -1.86 4.56 -4.04
CA LYS A 42 -3.20 4.57 -3.52
C LYS A 42 -3.20 4.44 -2.03
N LEU A 43 -2.37 3.55 -1.48
CA LEU A 43 -2.16 3.49 -0.05
C LEU A 43 -1.49 4.71 0.50
N MET A 44 -0.53 5.30 -0.22
CA MET A 44 0.11 6.52 0.18
C MET A 44 -0.82 7.69 0.28
N LYS A 45 -1.73 7.85 -0.69
CA LYS A 45 -2.75 8.85 -0.69
C LYS A 45 -3.70 8.69 0.45
N ALA A 46 -4.11 7.44 0.71
CA ALA A 46 -4.98 7.05 1.78
C ALA A 46 -4.40 7.27 3.14
N TYR A 47 -3.09 7.03 3.32
CA TYR A 47 -2.33 7.33 4.51
C TYR A 47 -2.35 8.80 4.81
N CYS A 48 -2.18 9.64 3.78
CA CYS A 48 -2.26 11.07 3.89
C CYS A 48 -3.61 11.56 4.30
N GLU A 49 -4.69 11.00 3.73
CA GLU A 49 -6.05 11.33 4.06
C GLU A 49 -6.46 10.89 5.42
N ARG A 50 -6.19 9.63 5.81
CA ARG A 50 -6.54 9.11 7.10
C ARG A 50 -5.71 9.58 8.25
N GLN A 51 -4.37 9.64 8.07
CA GLN A 51 -3.46 9.78 9.18
C GLN A 51 -2.76 11.11 9.15
N GLY A 52 -3.21 12.03 8.27
CA GLY A 52 -2.96 13.44 8.37
C GLY A 52 -1.64 13.94 7.90
N LEU A 53 -1.14 13.47 6.74
CA LEU A 53 0.21 13.68 6.30
C LEU A 53 0.22 14.33 4.95
N SER A 54 1.34 14.94 4.52
CA SER A 54 1.46 15.54 3.22
C SER A 54 2.22 14.66 2.27
N MET A 55 1.72 14.46 1.05
CA MET A 55 2.14 13.47 0.10
C MET A 55 3.58 13.53 -0.34
N ARG A 56 4.11 14.74 -0.52
CA ARG A 56 5.45 14.97 -0.99
C ARG A 56 6.43 15.12 0.14
N GLN A 57 5.98 15.00 1.40
CA GLN A 57 6.80 15.14 2.57
C GLN A 57 7.21 13.82 3.15
N ILE A 58 6.45 12.75 2.84
CA ILE A 58 6.74 11.41 3.26
C ILE A 58 7.08 10.59 2.07
N ARG A 59 7.95 9.57 2.22
CA ARG A 59 8.32 8.68 1.16
C ARG A 59 8.36 7.28 1.70
N PHE A 60 8.18 6.26 0.84
CA PHE A 60 8.07 4.89 1.26
C PHE A 60 9.21 4.08 0.76
N ARG A 61 9.63 3.07 1.54
CA ARG A 61 10.72 2.19 1.20
C ARG A 61 10.31 0.76 1.38
N PHE A 62 11.07 -0.15 0.75
CA PHE A 62 11.03 -1.55 1.05
C PHE A 62 12.43 -2.09 1.21
N ASP A 63 12.79 -2.52 2.42
CA ASP A 63 14.09 -3.02 2.81
C ASP A 63 15.23 -2.09 2.49
N GLY A 64 15.02 -0.79 2.74
CA GLY A 64 15.94 0.27 2.43
C GLY A 64 15.95 0.72 1.00
N GLN A 65 15.13 0.14 0.12
CA GLN A 65 15.11 0.46 -1.29
C GLN A 65 13.98 1.40 -1.57
N PRO A 66 14.09 2.44 -2.36
CA PRO A 66 12.98 3.29 -2.67
C PRO A 66 12.01 2.64 -3.60
N ILE A 67 10.70 2.80 -3.34
CA ILE A 67 9.61 2.31 -4.12
C ILE A 67 8.85 3.52 -4.57
N ASN A 68 8.35 3.56 -5.82
CA ASN A 68 7.86 4.78 -6.40
C ASN A 68 6.37 4.75 -6.47
N GLU A 69 5.69 5.90 -6.61
CA GLU A 69 4.25 5.96 -6.64
C GLU A 69 3.59 5.13 -7.71
N THR A 70 4.21 5.01 -8.88
CA THR A 70 3.74 4.19 -9.97
C THR A 70 4.03 2.74 -9.78
N ASP A 71 4.89 2.36 -8.82
CA ASP A 71 5.22 0.99 -8.51
C ASP A 71 4.09 0.31 -7.79
N THR A 72 4.16 -1.03 -7.60
CA THR A 72 2.96 -1.81 -7.45
C THR A 72 3.15 -2.99 -6.54
N PRO A 73 2.11 -3.60 -6.03
CA PRO A 73 2.14 -4.91 -5.45
C PRO A 73 2.68 -6.00 -6.32
N ALA A 74 2.40 -5.98 -7.64
CA ALA A 74 2.97 -6.91 -8.57
C ALA A 74 4.46 -6.82 -8.69
N GLN A 75 4.97 -5.57 -8.79
CA GLN A 75 6.37 -5.28 -8.93
C GLN A 75 7.14 -5.61 -7.69
N LEU A 76 6.64 -5.25 -6.49
CA LEU A 76 7.38 -5.46 -5.29
C LEU A 76 7.09 -6.79 -4.66
N GLU A 77 6.07 -7.50 -5.18
CA GLU A 77 5.64 -8.83 -4.84
C GLU A 77 4.99 -8.94 -3.50
N MET A 78 4.20 -7.93 -3.10
CA MET A 78 3.48 -7.80 -1.86
C MET A 78 2.49 -8.89 -1.57
N GLU A 79 2.23 -9.13 -0.28
CA GLU A 79 1.52 -10.29 0.18
C GLU A 79 0.35 -9.87 1.00
N ASP A 80 -0.44 -10.84 1.48
CA ASP A 80 -1.68 -10.68 2.19
C ASP A 80 -1.67 -9.82 3.40
N GLU A 81 -0.51 -9.67 4.08
CA GLU A 81 -0.27 -8.73 5.14
C GLU A 81 1.08 -8.08 4.96
N ASP A 82 1.33 -7.34 3.87
CA ASP A 82 2.63 -6.75 3.63
C ASP A 82 2.98 -5.60 4.54
N THR A 83 4.26 -5.20 4.55
CA THR A 83 4.78 -4.19 5.43
C THR A 83 5.63 -3.21 4.68
N ILE A 84 5.27 -1.93 4.73
CA ILE A 84 5.86 -0.83 4.01
C ILE A 84 6.42 0.16 4.99
N ASP A 85 7.59 0.77 4.73
CA ASP A 85 8.34 1.52 5.68
C ASP A 85 8.31 2.97 5.29
N VAL A 86 8.23 3.90 6.26
CA VAL A 86 8.13 5.31 5.97
C VAL A 86 9.40 5.99 6.33
N PHE A 87 9.95 6.77 5.37
CA PHE A 87 11.10 7.61 5.56
C PHE A 87 10.74 9.04 5.37
N GLN A 88 11.31 9.91 6.22
CA GLN A 88 10.90 11.27 6.37
C GLN A 88 11.76 12.20 5.57
N GLN A 89 11.17 12.96 4.62
CA GLN A 89 11.90 13.96 3.89
C GLN A 89 11.68 15.31 4.47
N GLN A 90 10.52 15.50 5.14
CA GLN A 90 10.28 16.54 6.09
C GLN A 90 11.19 16.49 7.28
N THR A 91 11.56 17.65 7.84
CA THR A 91 12.39 17.73 9.01
C THR A 91 12.06 19.01 9.70
N GLY A 92 12.38 19.17 11.00
CA GLY A 92 12.11 20.34 11.77
C GLY A 92 12.60 21.65 11.26
N GLY A 93 12.16 22.75 11.90
CA GLY A 93 12.53 24.08 11.48
C GLY A 93 11.73 25.12 12.27
N GLY B 33 -10.29 -4.21 8.04
CA GLY B 33 -9.11 -3.30 8.11
C GLY B 33 -9.49 -1.86 8.07
N VAL B 34 -8.53 -0.91 8.16
CA VAL B 34 -8.88 0.49 8.23
C VAL B 34 -9.30 1.07 6.91
N ILE B 35 -8.48 0.86 5.88
CA ILE B 35 -8.61 1.46 4.59
C ILE B 35 -9.05 0.39 3.64
N ASP B 36 -10.26 0.49 3.06
CA ASP B 36 -10.68 -0.32 1.96
C ASP B 36 -10.56 0.52 0.72
N LEU B 37 -9.61 0.25 -0.20
CA LEU B 37 -9.37 1.16 -1.28
C LEU B 37 -9.86 0.68 -2.60
N THR B 38 -10.37 1.61 -3.44
CA THR B 38 -11.08 1.35 -4.66
C THR B 38 -10.17 1.39 -5.85
N MET B 39 -10.24 2.45 -6.68
CA MET B 39 -9.41 2.76 -7.82
C MET B 39 -9.71 2.01 -9.07
N ASP B 40 -9.59 0.68 -9.05
CA ASP B 40 -9.90 -0.23 -10.12
C ASP B 40 -10.04 -1.56 -9.43
N ASP B 41 -10.60 -2.57 -10.11
CA ASP B 41 -10.98 -3.85 -9.58
C ASP B 41 -12.07 -3.74 -8.55
N GLU B 42 -13.06 -2.84 -8.78
CA GLU B 42 -14.00 -2.40 -7.78
C GLU B 42 -13.38 -2.08 -6.45
N GLU B 43 -14.03 -2.44 -5.33
CA GLU B 43 -13.50 -2.37 -4.01
C GLU B 43 -12.79 -3.64 -3.52
N MET A 1 -17.74 1.89 -10.00
CA MET A 1 -18.84 1.57 -9.06
C MET A 1 -20.18 1.64 -9.71
N ALA A 2 -21.10 0.67 -9.51
CA ALA A 2 -20.93 -0.62 -8.91
C ALA A 2 -20.07 -1.53 -9.73
N ASP A 3 -20.30 -1.57 -11.07
CA ASP A 3 -19.58 -2.36 -12.02
C ASP A 3 -19.56 -3.82 -11.70
N GLU A 4 -20.72 -4.36 -11.26
CA GLU A 4 -20.84 -5.67 -10.67
C GLU A 4 -20.52 -6.79 -11.61
N LYS A 5 -19.69 -7.74 -11.12
CA LYS A 5 -19.31 -8.94 -11.80
C LYS A 5 -20.28 -10.04 -11.49
N PRO A 6 -20.75 -10.86 -12.38
CA PRO A 6 -21.95 -11.63 -12.10
C PRO A 6 -21.58 -13.01 -11.69
N LYS A 7 -20.82 -13.14 -10.60
CA LYS A 7 -20.44 -14.37 -9.95
C LYS A 7 -19.75 -15.36 -10.84
N GLU A 8 -18.70 -14.88 -11.54
CA GLU A 8 -17.84 -15.61 -12.42
C GLU A 8 -16.98 -16.62 -11.72
N GLY A 9 -16.64 -17.74 -12.39
CA GLY A 9 -15.93 -18.84 -11.81
C GLY A 9 -14.44 -18.68 -11.69
N VAL A 10 -13.87 -17.58 -12.22
CA VAL A 10 -12.47 -17.31 -12.25
C VAL A 10 -11.80 -17.22 -10.92
N LYS A 11 -10.54 -17.72 -10.85
CA LYS A 11 -9.67 -17.72 -9.70
C LYS A 11 -10.21 -18.43 -8.51
N THR A 12 -11.03 -19.46 -8.79
CA THR A 12 -11.71 -20.33 -7.88
C THR A 12 -12.70 -19.56 -7.05
N GLU A 13 -13.36 -18.57 -7.68
CA GLU A 13 -14.29 -17.66 -7.09
C GLU A 13 -13.72 -16.80 -6.01
N ASN A 14 -12.53 -16.22 -6.24
CA ASN A 14 -11.85 -15.32 -5.36
C ASN A 14 -11.27 -14.23 -6.21
N ASN A 15 -10.74 -13.15 -5.60
CA ASN A 15 -10.15 -12.06 -6.32
C ASN A 15 -8.91 -11.58 -5.63
N ASP A 16 -8.20 -10.60 -6.21
CA ASP A 16 -6.83 -10.30 -5.90
C ASP A 16 -6.62 -9.38 -4.76
N HIS A 17 -7.58 -9.26 -3.83
CA HIS A 17 -7.40 -8.47 -2.64
C HIS A 17 -6.54 -9.12 -1.59
N ILE A 18 -5.59 -8.33 -1.06
CA ILE A 18 -4.56 -8.58 -0.12
C ILE A 18 -4.45 -7.36 0.73
N ASN A 19 -3.86 -7.39 1.94
CA ASN A 19 -3.72 -6.22 2.77
C ASN A 19 -2.28 -5.85 2.92
N LEU A 20 -1.95 -4.54 3.00
CA LEU A 20 -0.62 -4.11 3.32
C LEU A 20 -0.72 -3.09 4.42
N LYS A 21 0.25 -2.97 5.33
CA LYS A 21 0.36 -1.92 6.29
C LYS A 21 1.57 -1.07 6.06
N VAL A 22 1.50 0.22 6.42
CA VAL A 22 2.60 1.12 6.35
C VAL A 22 2.92 1.63 7.72
N ALA A 23 4.20 1.61 8.14
CA ALA A 23 4.60 1.98 9.46
C ALA A 23 5.65 3.03 9.46
N GLY A 24 5.43 4.09 10.26
CA GLY A 24 6.30 5.24 10.37
C GLY A 24 7.40 5.11 11.37
N GLN A 25 8.17 6.20 11.53
CA GLN A 25 9.36 6.25 12.33
C GLN A 25 9.10 6.46 13.79
N ASP A 26 7.85 6.80 14.18
CA ASP A 26 7.41 6.78 15.55
C ASP A 26 6.64 5.53 15.84
N GLY A 27 6.50 4.62 14.86
CA GLY A 27 5.84 3.36 15.01
C GLY A 27 4.36 3.37 14.79
N SER A 28 3.79 4.52 14.36
CA SER A 28 2.41 4.64 13.96
C SER A 28 2.16 3.92 12.67
N VAL A 29 1.00 3.23 12.57
CA VAL A 29 0.75 2.28 11.52
C VAL A 29 -0.66 2.37 11.02
N VAL A 30 -0.88 2.34 9.69
CA VAL A 30 -2.17 2.16 9.09
C VAL A 30 -2.13 1.07 8.07
N GLN A 31 -3.16 0.20 7.99
CA GLN A 31 -3.27 -0.83 6.99
C GLN A 31 -4.39 -0.65 6.04
N PHE A 32 -4.16 -1.07 4.78
CA PHE A 32 -5.03 -0.81 3.68
C PHE A 32 -5.26 -2.12 2.96
N LYS A 33 -6.49 -2.39 2.51
CA LYS A 33 -6.86 -3.56 1.77
C LYS A 33 -6.93 -3.22 0.31
N ILE A 34 -6.03 -3.89 -0.46
CA ILE A 34 -5.47 -3.48 -1.70
C ILE A 34 -5.34 -4.64 -2.62
N LYS A 35 -5.33 -4.29 -3.91
CA LYS A 35 -5.27 -5.27 -4.96
C LYS A 35 -4.02 -5.17 -5.76
N ARG A 36 -3.75 -6.24 -6.53
CA ARG A 36 -2.47 -6.49 -7.15
C ARG A 36 -2.09 -5.53 -8.23
N HIS A 37 -3.06 -5.09 -9.05
CA HIS A 37 -2.87 -4.08 -10.06
C HIS A 37 -3.31 -2.74 -9.60
N THR A 38 -3.21 -2.43 -8.29
CA THR A 38 -3.53 -1.15 -7.73
C THR A 38 -2.27 -0.55 -7.20
N PRO A 39 -1.68 0.51 -7.73
CA PRO A 39 -0.38 0.99 -7.32
C PRO A 39 -0.25 1.43 -5.90
N LEU A 40 0.99 1.49 -5.39
CA LEU A 40 1.29 1.90 -4.05
C LEU A 40 0.93 3.31 -3.73
N SER A 41 0.88 4.16 -4.76
CA SER A 41 0.35 5.50 -4.73
C SER A 41 -1.03 5.58 -4.17
N LYS A 42 -1.87 4.53 -4.32
CA LYS A 42 -3.22 4.50 -3.82
C LYS A 42 -3.28 4.50 -2.32
N LEU A 43 -2.42 3.70 -1.65
CA LEU A 43 -2.32 3.72 -0.22
C LEU A 43 -1.68 4.96 0.30
N MET A 44 -0.74 5.58 -0.44
CA MET A 44 -0.16 6.85 -0.08
C MET A 44 -1.15 7.96 0.00
N LYS A 45 -2.07 8.08 -0.97
CA LYS A 45 -3.15 9.02 -0.91
C LYS A 45 -4.14 8.72 0.17
N ALA A 46 -4.44 7.43 0.42
CA ALA A 46 -5.28 7.00 1.49
C ALA A 46 -4.75 7.31 2.85
N TYR A 47 -3.42 7.21 3.05
CA TYR A 47 -2.71 7.58 4.24
C TYR A 47 -2.84 9.05 4.54
N CYS A 48 -2.75 9.89 3.50
CA CYS A 48 -3.02 11.30 3.55
C CYS A 48 -4.44 11.61 3.91
N GLU A 49 -5.45 10.91 3.33
CA GLU A 49 -6.82 11.10 3.70
C GLU A 49 -7.14 10.72 5.11
N ARG A 50 -6.74 9.51 5.56
CA ARG A 50 -7.06 9.06 6.89
C ARG A 50 -6.23 9.66 7.98
N GLN A 51 -4.91 9.75 7.77
CA GLN A 51 -3.98 10.02 8.83
C GLN A 51 -3.33 11.37 8.68
N GLY A 52 -3.67 12.12 7.62
CA GLY A 52 -3.39 13.52 7.48
C GLY A 52 -2.04 13.91 6.97
N LEU A 53 -1.18 12.95 6.62
CA LEU A 53 0.19 13.18 6.30
C LEU A 53 0.37 13.80 4.94
N SER A 54 1.45 14.57 4.73
CA SER A 54 1.64 15.26 3.49
C SER A 54 2.57 14.49 2.62
N MET A 55 2.20 14.18 1.36
CA MET A 55 2.98 13.34 0.50
C MET A 55 4.31 13.90 0.08
N ARG A 56 4.49 15.23 0.17
CA ARG A 56 5.75 15.90 0.01
C ARG A 56 6.66 15.76 1.18
N GLN A 57 6.18 15.26 2.33
CA GLN A 57 6.92 15.14 3.55
C GLN A 57 7.24 13.72 3.91
N ILE A 58 6.69 12.72 3.19
CA ILE A 58 6.91 11.33 3.47
C ILE A 58 7.34 10.62 2.23
N ARG A 59 8.16 9.56 2.36
CA ARG A 59 8.51 8.67 1.29
C ARG A 59 8.47 7.27 1.82
N PHE A 60 8.16 6.27 0.97
CA PHE A 60 8.02 4.91 1.38
C PHE A 60 9.18 4.11 0.87
N ARG A 61 9.64 3.12 1.65
CA ARG A 61 10.76 2.28 1.33
C ARG A 61 10.45 0.84 1.59
N PHE A 62 11.23 -0.03 0.92
CA PHE A 62 11.20 -1.45 1.15
C PHE A 62 12.61 -1.96 1.13
N ASP A 63 13.04 -2.63 2.21
CA ASP A 63 14.36 -3.17 2.40
C ASP A 63 15.45 -2.16 2.25
N GLY A 64 15.19 -0.94 2.76
CA GLY A 64 16.06 0.19 2.67
C GLY A 64 16.09 0.92 1.36
N GLN A 65 15.27 0.53 0.36
CA GLN A 65 15.36 1.07 -0.96
C GLN A 65 14.11 1.82 -1.30
N PRO A 66 14.12 2.94 -1.95
CA PRO A 66 12.94 3.58 -2.48
C PRO A 66 11.99 2.73 -3.28
N ILE A 67 10.68 2.87 -3.02
CA ILE A 67 9.64 2.30 -3.82
C ILE A 67 8.83 3.45 -4.34
N ASN A 68 8.45 3.38 -5.63
CA ASN A 68 7.99 4.54 -6.36
C ASN A 68 6.51 4.51 -6.49
N GLU A 69 5.87 5.61 -6.90
CA GLU A 69 4.44 5.68 -6.98
C GLU A 69 3.92 4.99 -8.20
N THR A 70 4.85 4.76 -9.13
CA THR A 70 4.83 3.92 -10.30
C THR A 70 5.04 2.46 -10.00
N ASP A 71 5.51 2.09 -8.79
CA ASP A 71 5.59 0.73 -8.35
C ASP A 71 4.30 0.28 -7.74
N THR A 72 4.19 -1.04 -7.49
CA THR A 72 2.92 -1.70 -7.35
C THR A 72 3.04 -2.88 -6.44
N PRO A 73 1.97 -3.41 -5.89
CA PRO A 73 1.96 -4.68 -5.23
C PRO A 73 2.37 -5.84 -6.07
N ALA A 74 2.11 -5.83 -7.39
CA ALA A 74 2.60 -6.83 -8.29
C ALA A 74 4.09 -6.78 -8.46
N GLN A 75 4.64 -5.57 -8.66
CA GLN A 75 6.03 -5.35 -8.92
C GLN A 75 6.91 -5.62 -7.75
N LEU A 76 6.45 -5.29 -6.54
CA LEU A 76 7.19 -5.49 -5.32
C LEU A 76 6.80 -6.78 -4.65
N GLU A 77 5.85 -7.51 -5.24
CA GLU A 77 5.36 -8.80 -4.82
C GLU A 77 4.83 -8.88 -3.43
N MET A 78 4.06 -7.86 -3.01
CA MET A 78 3.39 -7.74 -1.74
C MET A 78 2.41 -8.84 -1.47
N GLU A 79 2.23 -9.20 -0.19
CA GLU A 79 1.56 -10.42 0.20
C GLU A 79 0.24 -10.08 0.80
N ASP A 80 -0.48 -11.07 1.36
CA ASP A 80 -1.74 -10.88 2.03
C ASP A 80 -1.70 -9.97 3.22
N GLU A 81 -0.53 -9.85 3.87
CA GLU A 81 -0.27 -8.87 4.89
C GLU A 81 1.14 -8.38 4.79
N ASP A 82 1.39 -7.34 3.97
CA ASP A 82 2.69 -6.74 3.81
C ASP A 82 2.98 -5.61 4.74
N THR A 83 4.26 -5.19 4.76
CA THR A 83 4.77 -4.19 5.66
C THR A 83 5.65 -3.24 4.91
N ILE A 84 5.35 -1.93 4.94
CA ILE A 84 6.01 -0.89 4.22
C ILE A 84 6.55 0.12 5.20
N ASP A 85 7.75 0.67 4.97
CA ASP A 85 8.42 1.51 5.93
C ASP A 85 8.45 2.92 5.41
N VAL A 86 8.26 3.92 6.29
CA VAL A 86 8.23 5.32 5.92
C VAL A 86 9.48 5.99 6.40
N PHE A 87 10.06 6.89 5.58
CA PHE A 87 11.09 7.78 6.04
C PHE A 87 10.68 9.19 5.75
N GLN A 88 10.92 10.09 6.72
CA GLN A 88 10.48 11.45 6.67
C GLN A 88 11.42 12.31 5.87
N GLN A 89 10.86 13.16 4.98
CA GLN A 89 11.60 13.98 4.05
C GLN A 89 11.10 15.39 4.08
N GLN A 90 11.79 16.30 3.37
CA GLN A 90 11.44 17.69 3.39
C GLN A 90 11.71 18.44 2.13
N THR A 91 12.50 17.94 1.17
CA THR A 91 12.86 18.68 -0.01
C THR A 91 12.07 18.34 -1.23
N GLY A 92 11.02 17.50 -1.10
CA GLY A 92 10.17 17.09 -2.18
C GLY A 92 9.08 18.03 -2.59
N GLY A 93 8.91 19.15 -1.85
CA GLY A 93 7.90 20.12 -2.15
C GLY A 93 7.79 21.15 -1.03
N GLY B 33 -9.52 -4.57 8.92
CA GLY B 33 -8.54 -3.56 8.42
C GLY B 33 -9.08 -2.18 8.32
N VAL B 34 -8.24 -1.13 8.36
CA VAL B 34 -8.74 0.22 8.42
C VAL B 34 -9.29 0.76 7.14
N ILE B 35 -8.53 0.57 6.05
CA ILE B 35 -8.81 1.18 4.77
C ILE B 35 -9.23 0.11 3.81
N ASP B 36 -10.42 0.26 3.19
CA ASP B 36 -10.84 -0.50 2.05
C ASP B 36 -10.68 0.37 0.83
N LEU B 37 -9.68 0.12 -0.03
CA LEU B 37 -9.46 0.93 -1.19
C LEU B 37 -9.80 0.24 -2.47
N THR B 38 -10.01 1.00 -3.57
CA THR B 38 -10.33 0.49 -4.87
C THR B 38 -9.30 0.96 -5.85
N MET B 39 -9.49 0.61 -7.15
CA MET B 39 -8.83 1.08 -8.34
C MET B 39 -8.04 0.03 -9.09
N ASP B 40 -8.70 -0.62 -10.08
CA ASP B 40 -8.11 -1.48 -11.06
C ASP B 40 -9.13 -1.90 -12.08
N ASP B 41 -10.25 -2.46 -11.59
CA ASP B 41 -11.32 -3.05 -12.35
C ASP B 41 -12.58 -2.96 -11.56
N GLU B 42 -12.58 -2.03 -10.59
CA GLU B 42 -13.43 -1.93 -9.45
C GLU B 42 -13.21 -3.04 -8.46
N GLU B 43 -13.78 -4.24 -8.67
CA GLU B 43 -13.53 -5.42 -7.91
C GLU B 43 -12.31 -6.23 -8.34
N MET A 1 -30.44 -20.77 -28.62
CA MET A 1 -31.02 -22.12 -28.44
C MET A 1 -29.94 -23.11 -28.10
N ALA A 2 -29.36 -23.83 -29.08
CA ALA A 2 -28.27 -24.74 -28.85
C ALA A 2 -26.97 -24.10 -28.48
N ASP A 3 -26.66 -22.91 -29.04
CA ASP A 3 -25.45 -22.18 -28.80
C ASP A 3 -25.24 -21.76 -27.38
N GLU A 4 -23.98 -21.71 -26.92
CA GLU A 4 -23.62 -21.31 -25.59
C GLU A 4 -22.62 -20.18 -25.60
N LYS A 5 -22.87 -19.13 -24.79
CA LYS A 5 -22.08 -17.93 -24.73
C LYS A 5 -20.73 -18.04 -24.11
N PRO A 6 -19.75 -17.24 -24.43
CA PRO A 6 -18.55 -17.03 -23.65
C PRO A 6 -18.70 -16.81 -22.16
N LYS A 7 -17.77 -17.36 -21.35
CA LYS A 7 -17.75 -17.20 -19.93
C LYS A 7 -17.10 -15.93 -19.47
N GLU A 8 -17.54 -15.37 -18.33
CA GLU A 8 -17.08 -14.12 -17.82
C GLU A 8 -17.31 -14.00 -16.34
N GLY A 9 -16.83 -12.90 -15.73
CA GLY A 9 -16.91 -12.65 -14.32
C GLY A 9 -15.91 -13.39 -13.49
N VAL A 10 -15.83 -13.05 -12.19
CA VAL A 10 -14.94 -13.60 -11.22
C VAL A 10 -13.49 -13.57 -11.62
N LYS A 11 -12.95 -12.37 -11.92
CA LYS A 11 -11.65 -12.20 -12.50
C LYS A 11 -10.58 -12.11 -11.46
N THR A 12 -10.40 -13.21 -10.70
CA THR A 12 -9.55 -13.35 -9.56
C THR A 12 -8.26 -14.06 -9.87
N GLU A 13 -8.02 -14.35 -11.16
CA GLU A 13 -6.99 -15.18 -11.69
C GLU A 13 -5.59 -14.72 -11.41
N ASN A 14 -5.33 -13.41 -11.49
CA ASN A 14 -4.03 -12.84 -11.34
C ASN A 14 -4.06 -11.60 -10.50
N ASN A 15 -5.23 -10.95 -10.37
CA ASN A 15 -5.42 -9.76 -9.59
C ASN A 15 -6.51 -10.01 -8.61
N ASP A 16 -6.22 -9.81 -7.31
CA ASP A 16 -7.13 -10.03 -6.23
C ASP A 16 -6.66 -9.20 -5.08
N HIS A 17 -7.54 -9.00 -4.08
CA HIS A 17 -7.25 -8.26 -2.90
C HIS A 17 -6.33 -8.90 -1.90
N ILE A 18 -5.37 -8.12 -1.39
CA ILE A 18 -4.41 -8.40 -0.37
C ILE A 18 -4.37 -7.17 0.49
N ASN A 19 -3.87 -7.25 1.73
CA ASN A 19 -3.74 -6.12 2.60
C ASN A 19 -2.28 -5.81 2.80
N LEU A 20 -1.92 -4.53 2.92
CA LEU A 20 -0.59 -4.17 3.31
C LEU A 20 -0.73 -3.19 4.45
N LYS A 21 0.25 -3.02 5.34
CA LYS A 21 0.31 -1.93 6.27
C LYS A 21 1.61 -1.18 6.15
N VAL A 22 1.57 0.13 6.46
CA VAL A 22 2.71 0.99 6.38
C VAL A 22 3.00 1.52 7.76
N ALA A 23 4.28 1.58 8.16
CA ALA A 23 4.66 2.00 9.48
C ALA A 23 5.67 3.10 9.44
N GLY A 24 5.43 4.18 10.21
CA GLY A 24 6.28 5.33 10.26
C GLY A 24 6.27 6.06 11.56
N GLN A 25 7.23 6.98 11.74
CA GLN A 25 7.43 7.89 12.82
C GLN A 25 7.44 7.30 14.21
N ASP A 26 7.86 6.03 14.36
CA ASP A 26 7.98 5.31 15.59
C ASP A 26 6.68 5.13 16.32
N GLY A 27 5.54 5.15 15.62
CA GLY A 27 4.26 5.04 16.26
C GLY A 27 3.06 5.00 15.38
N SER A 28 3.17 5.39 14.10
CA SER A 28 2.07 5.30 13.17
C SER A 28 2.11 3.98 12.49
N VAL A 29 0.98 3.23 12.50
CA VAL A 29 0.81 2.13 11.60
C VAL A 29 -0.60 2.16 11.07
N VAL A 30 -0.77 2.13 9.73
CA VAL A 30 -2.05 2.03 9.11
C VAL A 30 -2.08 0.93 8.08
N GLN A 31 -3.14 0.13 7.98
CA GLN A 31 -3.28 -0.91 7.00
C GLN A 31 -4.41 -0.73 6.04
N PHE A 32 -4.22 -1.25 4.82
CA PHE A 32 -5.01 -0.89 3.68
C PHE A 32 -5.24 -2.11 2.84
N LYS A 33 -6.44 -2.28 2.27
CA LYS A 33 -6.83 -3.40 1.46
C LYS A 33 -6.88 -3.07 -0.01
N ILE A 34 -6.00 -3.74 -0.76
CA ILE A 34 -5.48 -3.28 -2.02
C ILE A 34 -5.33 -4.40 -2.99
N LYS A 35 -5.38 -3.98 -4.26
CA LYS A 35 -5.29 -4.84 -5.39
C LYS A 35 -3.89 -4.98 -5.92
N ARG A 36 -3.63 -6.13 -6.58
CA ARG A 36 -2.29 -6.44 -6.98
C ARG A 36 -1.73 -5.59 -8.09
N HIS A 37 -2.55 -5.23 -9.10
CA HIS A 37 -2.09 -4.52 -10.26
C HIS A 37 -2.41 -3.06 -10.20
N THR A 38 -2.38 -2.44 -9.00
CA THR A 38 -2.80 -1.09 -8.80
C THR A 38 -1.72 -0.37 -8.05
N PRO A 39 -1.52 0.92 -8.08
CA PRO A 39 -0.31 1.50 -7.57
C PRO A 39 -0.27 1.62 -6.09
N LEU A 40 0.95 1.54 -5.52
CA LEU A 40 1.26 1.80 -4.13
C LEU A 40 0.93 3.17 -3.66
N SER A 41 0.90 4.17 -4.57
CA SER A 41 0.43 5.50 -4.30
C SER A 41 -0.93 5.55 -3.69
N LYS A 42 -1.81 4.57 -3.98
CA LYS A 42 -3.18 4.55 -3.58
C LYS A 42 -3.33 4.45 -2.08
N LEU A 43 -2.50 3.61 -1.44
CA LEU A 43 -2.36 3.59 0.00
C LEU A 43 -1.74 4.83 0.55
N MET A 44 -0.74 5.43 -0.13
CA MET A 44 -0.13 6.66 0.28
C MET A 44 -1.08 7.82 0.36
N LYS A 45 -1.98 7.96 -0.63
CA LYS A 45 -3.02 8.94 -0.65
C LYS A 45 -3.99 8.76 0.48
N ALA A 46 -4.40 7.50 0.75
CA ALA A 46 -5.27 7.17 1.84
C ALA A 46 -4.69 7.40 3.20
N TYR A 47 -3.37 7.16 3.37
CA TYR A 47 -2.62 7.43 4.55
C TYR A 47 -2.63 8.88 4.92
N CYS A 48 -2.48 9.77 3.92
CA CYS A 48 -2.54 11.18 4.08
C CYS A 48 -3.87 11.68 4.56
N GLU A 49 -4.97 11.12 4.03
CA GLU A 49 -6.31 11.42 4.44
C GLU A 49 -6.63 11.00 5.84
N ARG A 50 -6.29 9.76 6.23
CA ARG A 50 -6.55 9.25 7.55
C ARG A 50 -5.66 9.74 8.64
N GLN A 51 -4.35 9.82 8.39
CA GLN A 51 -3.35 9.90 9.42
C GLN A 51 -2.62 11.22 9.41
N GLY A 52 -3.12 12.21 8.66
CA GLY A 52 -2.74 13.59 8.81
C GLY A 52 -1.41 13.99 8.26
N LEU A 53 -1.08 13.52 7.04
CA LEU A 53 0.22 13.63 6.45
C LEU A 53 0.17 14.31 5.12
N SER A 54 1.28 14.91 4.66
CA SER A 54 1.41 15.42 3.33
C SER A 54 2.22 14.50 2.47
N MET A 55 1.74 14.16 1.26
CA MET A 55 2.30 13.13 0.43
C MET A 55 3.69 13.38 -0.07
N ARG A 56 4.13 14.64 -0.18
CA ARG A 56 5.46 14.95 -0.62
C ARG A 56 6.44 15.03 0.52
N GLN A 57 5.97 14.88 1.77
CA GLN A 57 6.79 14.96 2.95
C GLN A 57 7.12 13.61 3.49
N ILE A 58 6.39 12.56 3.03
CA ILE A 58 6.63 11.19 3.35
C ILE A 58 7.02 10.47 2.09
N ARG A 59 7.89 9.45 2.18
CA ARG A 59 8.25 8.62 1.08
C ARG A 59 8.29 7.22 1.59
N PHE A 60 8.04 6.22 0.73
CA PHE A 60 7.92 4.86 1.15
C PHE A 60 9.09 4.06 0.70
N ARG A 61 9.47 3.05 1.50
CA ARG A 61 10.68 2.33 1.35
C ARG A 61 10.41 0.88 1.60
N PHE A 62 11.03 -0.03 0.82
CA PHE A 62 10.98 -1.43 1.08
C PHE A 62 12.39 -1.92 1.14
N ASP A 63 12.82 -2.41 2.31
CA ASP A 63 14.07 -3.09 2.53
C ASP A 63 15.28 -2.28 2.18
N GLY A 64 15.24 -0.98 2.51
CA GLY A 64 16.26 -0.03 2.16
C GLY A 64 16.19 0.52 0.78
N GLN A 65 15.16 0.21 -0.02
CA GLN A 65 15.07 0.57 -1.40
C GLN A 65 13.91 1.48 -1.62
N PRO A 66 13.97 2.54 -2.37
CA PRO A 66 12.82 3.29 -2.82
C PRO A 66 11.84 2.48 -3.61
N ILE A 67 10.52 2.65 -3.35
CA ILE A 67 9.45 2.10 -4.12
C ILE A 67 8.70 3.26 -4.70
N ASN A 68 8.34 3.21 -5.99
CA ASN A 68 7.87 4.38 -6.69
C ASN A 68 6.38 4.37 -6.78
N GLU A 69 5.75 5.50 -7.11
CA GLU A 69 4.31 5.59 -7.20
C GLU A 69 3.74 4.91 -8.40
N THR A 70 4.60 4.63 -9.41
CA THR A 70 4.32 3.77 -10.52
C THR A 70 4.44 2.32 -10.18
N ASP A 71 5.13 1.95 -9.09
CA ASP A 71 5.29 0.60 -8.64
C ASP A 71 4.06 0.08 -7.96
N THR A 72 4.02 -1.23 -7.68
CA THR A 72 2.79 -1.94 -7.45
C THR A 72 3.01 -3.05 -6.49
N PRO A 73 2.02 -3.59 -5.82
CA PRO A 73 2.14 -4.80 -5.07
C PRO A 73 2.56 -6.00 -5.86
N ALA A 74 2.14 -6.11 -7.14
CA ALA A 74 2.55 -7.18 -8.02
C ALA A 74 4.00 -7.18 -8.34
N GLN A 75 4.55 -5.99 -8.68
CA GLN A 75 5.92 -5.78 -9.04
C GLN A 75 6.87 -5.96 -7.90
N LEU A 76 6.53 -5.44 -6.70
CA LEU A 76 7.38 -5.52 -5.56
C LEU A 76 7.16 -6.81 -4.81
N GLU A 77 6.13 -7.58 -5.20
CA GLU A 77 5.80 -8.89 -4.71
C GLU A 77 5.36 -8.92 -3.28
N MET A 78 4.49 -7.96 -2.89
CA MET A 78 3.79 -7.85 -1.64
C MET A 78 2.88 -8.99 -1.36
N GLU A 79 2.61 -9.26 -0.07
CA GLU A 79 1.93 -10.44 0.37
C GLU A 79 0.60 -10.02 0.93
N ASP A 80 -0.24 -10.97 1.39
CA ASP A 80 -1.54 -10.74 1.95
C ASP A 80 -1.62 -9.79 3.10
N GLU A 81 -0.53 -9.63 3.87
CA GLU A 81 -0.40 -8.73 4.97
C GLU A 81 0.94 -8.04 4.99
N ASP A 82 1.34 -7.31 3.92
CA ASP A 82 2.66 -6.76 3.76
C ASP A 82 3.03 -5.65 4.68
N THR A 83 4.34 -5.37 4.83
CA THR A 83 4.88 -4.38 5.72
C THR A 83 5.84 -3.45 5.02
N ILE A 84 5.47 -2.15 4.97
CA ILE A 84 6.09 -1.10 4.21
C ILE A 84 6.55 -0.01 5.13
N ASP A 85 7.72 0.60 4.90
CA ASP A 85 8.40 1.46 5.83
C ASP A 85 8.35 2.87 5.32
N VAL A 86 8.23 3.85 6.22
CA VAL A 86 8.12 5.23 5.87
C VAL A 86 9.39 5.92 6.25
N PHE A 87 10.00 6.62 5.27
CA PHE A 87 11.13 7.48 5.48
C PHE A 87 10.68 8.88 5.21
N GLN A 88 11.07 9.80 6.11
CA GLN A 88 10.46 11.08 6.24
C GLN A 88 11.34 12.15 5.70
N GLN A 89 10.85 12.96 4.75
CA GLN A 89 11.64 13.95 4.08
C GLN A 89 11.29 15.34 4.49
N GLN A 90 10.17 15.49 5.22
CA GLN A 90 9.61 16.65 5.85
C GLN A 90 10.46 17.88 6.05
N THR A 91 10.02 19.00 5.47
CA THR A 91 10.67 20.27 5.44
C THR A 91 11.96 20.22 4.67
N GLY A 92 11.88 19.72 3.42
CA GLY A 92 13.02 19.54 2.56
C GLY A 92 13.02 20.43 1.36
N GLY A 93 11.86 21.00 0.99
CA GLY A 93 11.76 21.92 -0.11
C GLY A 93 10.37 21.90 -0.73
N GLY B 33 -9.23 -3.95 9.88
CA GLY B 33 -8.66 -3.36 8.64
C GLY B 33 -9.13 -1.98 8.36
N VAL B 34 -8.26 -0.97 8.42
CA VAL B 34 -8.70 0.40 8.48
C VAL B 34 -9.22 0.96 7.19
N ILE B 35 -8.46 0.72 6.10
CA ILE B 35 -8.69 1.29 4.80
C ILE B 35 -9.08 0.20 3.84
N ASP B 36 -10.28 0.27 3.25
CA ASP B 36 -10.68 -0.49 2.10
C ASP B 36 -10.59 0.42 0.91
N LEU B 37 -9.72 0.19 -0.09
CA LEU B 37 -9.57 1.15 -1.15
C LEU B 37 -10.14 0.72 -2.47
N THR B 38 -10.30 1.66 -3.42
CA THR B 38 -10.91 1.43 -4.70
C THR B 38 -10.27 2.28 -5.74
N MET B 39 -10.74 2.18 -7.00
CA MET B 39 -10.12 2.48 -8.27
C MET B 39 -9.68 1.17 -8.88
N ASP B 40 -10.63 0.21 -8.95
CA ASP B 40 -10.34 -1.17 -9.17
C ASP B 40 -11.47 -1.93 -9.80
N ASP B 41 -12.67 -1.35 -9.89
CA ASP B 41 -13.91 -2.08 -9.99
C ASP B 41 -14.17 -2.98 -8.83
N GLU B 42 -15.27 -3.76 -8.86
CA GLU B 42 -15.65 -4.66 -7.81
C GLU B 42 -14.76 -5.86 -7.67
N GLU B 43 -14.35 -6.21 -6.45
CA GLU B 43 -13.55 -7.36 -6.13
C GLU B 43 -14.34 -8.66 -6.27
N MET A 1 -4.29 -33.11 -19.91
CA MET A 1 -5.41 -32.65 -20.79
C MET A 1 -6.25 -31.64 -20.07
N ALA A 2 -7.57 -31.86 -19.88
CA ALA A 2 -8.43 -30.93 -19.21
C ALA A 2 -8.52 -31.18 -17.73
N ASP A 3 -7.70 -32.09 -17.21
CA ASP A 3 -7.62 -32.46 -15.82
C ASP A 3 -7.19 -31.36 -14.90
N GLU A 4 -6.24 -30.50 -15.31
CA GLU A 4 -5.88 -29.31 -14.60
C GLU A 4 -6.05 -28.10 -15.48
N LYS A 5 -6.32 -26.93 -14.88
CA LYS A 5 -6.60 -25.68 -15.52
C LYS A 5 -5.45 -25.13 -16.31
N PRO A 6 -5.62 -24.36 -17.35
CA PRO A 6 -4.57 -23.69 -18.07
C PRO A 6 -3.49 -23.01 -17.27
N LYS A 7 -2.22 -23.07 -17.72
CA LYS A 7 -1.14 -22.35 -17.13
C LYS A 7 -1.28 -20.87 -17.25
N GLU A 8 -1.17 -20.16 -16.10
CA GLU A 8 -1.31 -18.74 -15.97
C GLU A 8 -2.63 -18.16 -16.38
N GLY A 9 -3.75 -18.89 -16.11
CA GLY A 9 -5.10 -18.46 -16.35
C GLY A 9 -5.54 -17.20 -15.68
N VAL A 10 -6.62 -16.58 -16.21
CA VAL A 10 -7.15 -15.33 -15.74
C VAL A 10 -8.59 -15.50 -15.35
N LYS A 11 -9.00 -14.91 -14.21
CA LYS A 11 -10.31 -15.02 -13.64
C LYS A 11 -10.77 -13.66 -13.23
N THR A 12 -12.05 -13.49 -12.84
CA THR A 12 -12.52 -12.29 -12.19
C THR A 12 -11.90 -12.13 -10.84
N GLU A 13 -11.30 -10.97 -10.52
CA GLU A 13 -10.48 -10.75 -9.37
C GLU A 13 -11.16 -9.91 -8.34
N ASN A 14 -12.51 -9.90 -8.33
CA ASN A 14 -13.35 -9.11 -7.48
C ASN A 14 -13.24 -9.40 -6.01
N ASN A 15 -12.92 -10.64 -5.62
CA ASN A 15 -12.75 -11.02 -4.24
C ASN A 15 -11.31 -11.08 -3.83
N ASP A 16 -10.36 -10.78 -4.73
CA ASP A 16 -8.99 -11.17 -4.58
C ASP A 16 -8.09 -10.18 -3.89
N HIS A 17 -8.67 -9.25 -3.11
CA HIS A 17 -7.94 -8.33 -2.28
C HIS A 17 -7.00 -8.92 -1.27
N ILE A 18 -5.88 -8.21 -1.05
CA ILE A 18 -4.74 -8.52 -0.23
C ILE A 18 -4.51 -7.32 0.64
N ASN A 19 -3.79 -7.39 1.77
CA ASN A 19 -3.62 -6.26 2.64
C ASN A 19 -2.17 -5.87 2.75
N LEU A 20 -1.86 -4.56 2.85
CA LEU A 20 -0.52 -4.14 3.15
C LEU A 20 -0.60 -3.14 4.26
N LYS A 21 0.43 -3.01 5.11
CA LYS A 21 0.56 -1.99 6.12
C LYS A 21 1.80 -1.19 5.90
N VAL A 22 1.77 0.09 6.33
CA VAL A 22 2.92 0.96 6.30
C VAL A 22 3.25 1.33 7.71
N ALA A 23 4.53 1.23 8.08
CA ALA A 23 5.02 1.42 9.41
C ALA A 23 6.05 2.51 9.46
N GLY A 24 5.92 3.45 10.40
CA GLY A 24 6.87 4.50 10.59
C GLY A 24 6.23 5.62 11.36
N GLN A 25 6.42 6.88 10.93
CA GLN A 25 5.89 8.06 11.56
C GLN A 25 5.85 8.12 13.06
N ASP A 26 6.99 7.80 13.69
CA ASP A 26 7.20 7.81 15.12
C ASP A 26 6.48 6.71 15.81
N GLY A 27 6.49 5.52 15.17
CA GLY A 27 6.10 4.26 15.76
C GLY A 27 4.68 3.88 15.52
N SER A 28 4.08 4.42 14.45
CA SER A 28 2.71 4.23 14.08
C SER A 28 2.60 3.35 12.87
N VAL A 29 1.43 2.71 12.67
CA VAL A 29 1.18 1.81 11.58
C VAL A 29 -0.21 2.03 11.06
N VAL A 30 -0.42 2.06 9.73
CA VAL A 30 -1.72 1.99 9.13
C VAL A 30 -1.78 0.93 8.07
N GLN A 31 -2.85 0.13 7.97
CA GLN A 31 -3.02 -0.87 6.95
C GLN A 31 -4.17 -0.63 6.03
N PHE A 32 -3.97 -1.04 4.77
CA PHE A 32 -4.88 -0.80 3.69
C PHE A 32 -5.16 -2.13 3.06
N LYS A 33 -6.42 -2.37 2.67
CA LYS A 33 -6.92 -3.53 1.98
C LYS A 33 -7.06 -3.16 0.55
N ILE A 34 -6.27 -3.86 -0.29
CA ILE A 34 -5.85 -3.38 -1.57
C ILE A 34 -5.93 -4.49 -2.55
N LYS A 35 -6.08 -4.02 -3.80
CA LYS A 35 -6.49 -4.83 -4.91
C LYS A 35 -5.38 -5.06 -5.86
N ARG A 36 -5.57 -6.06 -6.74
CA ARG A 36 -4.53 -6.72 -7.48
C ARG A 36 -3.70 -5.86 -8.38
N HIS A 37 -4.31 -4.87 -9.04
CA HIS A 37 -3.62 -3.97 -9.91
C HIS A 37 -3.67 -2.56 -9.42
N THR A 38 -3.67 -2.35 -8.09
CA THR A 38 -3.71 -1.05 -7.47
C THR A 38 -2.32 -0.55 -7.25
N PRO A 39 -1.87 0.59 -7.70
CA PRO A 39 -0.55 1.10 -7.39
C PRO A 39 -0.37 1.53 -5.97
N LEU A 40 0.90 1.59 -5.55
CA LEU A 40 1.31 1.97 -4.22
C LEU A 40 0.99 3.39 -3.86
N SER A 41 0.88 4.29 -4.85
CA SER A 41 0.35 5.62 -4.69
C SER A 41 -0.99 5.70 -4.04
N LYS A 42 -1.86 4.68 -4.18
CA LYS A 42 -3.20 4.75 -3.65
C LYS A 42 -3.23 4.67 -2.16
N LEU A 43 -2.42 3.76 -1.57
CA LEU A 43 -2.26 3.70 -0.15
C LEU A 43 -1.58 4.91 0.43
N MET A 44 -0.61 5.52 -0.27
CA MET A 44 -0.02 6.76 0.14
C MET A 44 -0.99 7.89 0.22
N LYS A 45 -1.88 8.03 -0.78
CA LYS A 45 -2.95 8.97 -0.77
C LYS A 45 -3.93 8.75 0.35
N ALA A 46 -4.28 7.48 0.61
CA ALA A 46 -5.14 7.09 1.69
C ALA A 46 -4.56 7.36 3.05
N TYR A 47 -3.24 7.16 3.22
CA TYR A 47 -2.49 7.48 4.40
C TYR A 47 -2.55 8.94 4.74
N CYS A 48 -2.42 9.81 3.72
CA CYS A 48 -2.58 11.23 3.84
C CYS A 48 -3.96 11.63 4.27
N GLU A 49 -5.01 11.02 3.69
CA GLU A 49 -6.37 11.26 4.09
C GLU A 49 -6.71 10.79 5.46
N ARG A 50 -6.37 9.55 5.85
CA ARG A 50 -6.69 9.05 7.16
C ARG A 50 -5.87 9.62 8.29
N GLN A 51 -4.55 9.75 8.09
CA GLN A 51 -3.63 9.99 9.16
C GLN A 51 -2.99 11.34 9.07
N GLY A 52 -3.47 12.19 8.15
CA GLY A 52 -3.24 13.61 8.15
C GLY A 52 -1.94 14.07 7.57
N LEU A 53 -1.19 13.16 6.92
CA LEU A 53 0.13 13.40 6.41
C LEU A 53 0.12 14.08 5.08
N SER A 54 1.29 14.60 4.64
CA SER A 54 1.47 15.10 3.29
C SER A 54 2.20 14.14 2.43
N MET A 55 1.77 13.99 1.15
CA MET A 55 2.35 13.10 0.19
C MET A 55 3.78 13.41 -0.14
N ARG A 56 4.15 14.71 -0.05
CA ARG A 56 5.47 15.18 -0.36
C ARG A 56 6.34 15.27 0.86
N GLN A 57 5.80 15.06 2.07
CA GLN A 57 6.61 15.03 3.25
C GLN A 57 7.00 13.64 3.60
N ILE A 58 6.26 12.62 3.13
CA ILE A 58 6.55 11.23 3.39
C ILE A 58 7.02 10.51 2.17
N ARG A 59 7.95 9.54 2.32
CA ARG A 59 8.41 8.71 1.25
C ARG A 59 8.55 7.31 1.74
N PHE A 60 8.47 6.29 0.86
CA PHE A 60 8.37 4.91 1.24
C PHE A 60 9.56 4.11 0.81
N ARG A 61 9.89 3.07 1.62
CA ARG A 61 10.91 2.11 1.38
C ARG A 61 10.33 0.73 1.51
N PHE A 62 10.91 -0.25 0.79
CA PHE A 62 10.63 -1.64 1.00
C PHE A 62 11.94 -2.38 1.12
N ASP A 63 12.22 -2.98 2.29
CA ASP A 63 13.40 -3.75 2.56
C ASP A 63 14.68 -3.02 2.28
N GLY A 64 14.75 -1.74 2.70
CA GLY A 64 15.86 -0.88 2.46
C GLY A 64 15.96 -0.28 1.09
N GLN A 65 14.99 -0.54 0.19
CA GLN A 65 15.00 -0.09 -1.17
C GLN A 65 13.97 0.97 -1.36
N PRO A 66 14.22 2.13 -1.91
CA PRO A 66 13.20 3.04 -2.36
C PRO A 66 12.18 2.47 -3.30
N ILE A 67 10.89 2.77 -3.07
CA ILE A 67 9.80 2.42 -3.94
C ILE A 67 9.15 3.69 -4.40
N ASN A 68 8.73 3.76 -5.67
CA ASN A 68 8.22 4.98 -6.24
C ASN A 68 6.76 4.84 -6.48
N GLU A 69 6.04 5.96 -6.63
CA GLU A 69 4.61 6.00 -6.73
C GLU A 69 4.06 5.27 -7.92
N THR A 70 4.82 5.20 -9.03
CA THR A 70 4.47 4.53 -10.24
C THR A 70 5.05 3.16 -10.33
N ASP A 71 5.71 2.64 -9.26
CA ASP A 71 6.17 1.29 -9.18
C ASP A 71 5.06 0.28 -9.03
N THR A 72 5.40 -1.02 -8.97
CA THR A 72 4.47 -2.09 -9.23
C THR A 72 4.30 -3.03 -8.07
N PRO A 73 3.18 -3.68 -7.89
CA PRO A 73 3.01 -4.73 -6.92
C PRO A 73 3.95 -5.89 -7.00
N ALA A 74 4.44 -6.25 -8.21
CA ALA A 74 5.45 -7.24 -8.42
C ALA A 74 6.78 -6.91 -7.81
N GLN A 75 7.22 -5.66 -8.03
CA GLN A 75 8.45 -5.09 -7.54
C GLN A 75 8.46 -4.93 -6.04
N LEU A 76 7.30 -4.57 -5.46
CA LEU A 76 7.12 -4.40 -4.06
C LEU A 76 6.90 -5.71 -3.37
N GLU A 77 6.72 -6.79 -4.16
CA GLU A 77 6.48 -8.14 -3.73
C GLU A 77 5.29 -8.29 -2.85
N MET A 78 4.15 -7.70 -3.25
CA MET A 78 2.92 -7.71 -2.50
C MET A 78 2.32 -9.05 -2.26
N GLU A 79 1.71 -9.23 -1.07
CA GLU A 79 1.08 -10.44 -0.64
C GLU A 79 -0.04 -10.03 0.25
N ASP A 80 -0.81 -10.98 0.81
CA ASP A 80 -1.90 -10.79 1.72
C ASP A 80 -1.60 -10.01 2.97
N GLU A 81 -0.34 -10.01 3.43
CA GLU A 81 0.21 -9.08 4.36
C GLU A 81 1.57 -8.66 3.86
N ASP A 82 1.66 -7.44 3.32
CA ASP A 82 2.92 -6.76 3.09
C ASP A 82 3.21 -5.75 4.15
N THR A 83 4.50 -5.40 4.30
CA THR A 83 4.98 -4.49 5.32
C THR A 83 5.97 -3.52 4.74
N ILE A 84 5.60 -2.23 4.75
CA ILE A 84 6.21 -1.14 4.03
C ILE A 84 6.69 -0.10 5.00
N ASP A 85 7.86 0.53 4.81
CA ASP A 85 8.42 1.44 5.77
C ASP A 85 8.36 2.83 5.22
N VAL A 86 8.07 3.84 6.07
CA VAL A 86 7.90 5.21 5.68
C VAL A 86 8.91 6.05 6.40
N PHE A 87 9.52 7.00 5.66
CA PHE A 87 10.51 7.89 6.16
C PHE A 87 10.17 9.27 5.68
N GLN A 88 10.44 10.30 6.51
CA GLN A 88 9.96 11.63 6.26
C GLN A 88 11.03 12.56 5.78
N GLN A 89 10.73 13.32 4.70
CA GLN A 89 11.66 14.18 4.02
C GLN A 89 11.31 15.63 4.15
N GLN A 90 10.13 15.92 4.72
CA GLN A 90 9.62 17.21 5.11
C GLN A 90 9.43 18.27 4.07
N THR A 91 9.51 17.95 2.76
CA THR A 91 9.39 18.90 1.68
C THR A 91 8.09 19.64 1.59
N GLY A 92 8.14 20.97 1.47
CA GLY A 92 7.10 21.80 0.92
C GLY A 92 6.02 22.21 1.86
N GLY A 93 5.46 21.25 2.61
CA GLY A 93 4.36 21.44 3.51
C GLY A 93 3.14 20.69 3.00
N GLY B 33 -9.71 -4.37 8.58
CA GLY B 33 -8.59 -3.39 8.51
C GLY B 33 -9.03 -1.97 8.55
N VAL B 34 -8.10 -0.99 8.50
CA VAL B 34 -8.45 0.39 8.52
C VAL B 34 -9.01 0.96 7.26
N ILE B 35 -8.26 0.78 6.15
CA ILE B 35 -8.52 1.45 4.91
C ILE B 35 -8.97 0.46 3.89
N ASP B 36 -10.22 0.53 3.41
CA ASP B 36 -10.73 -0.34 2.39
C ASP B 36 -10.77 0.40 1.08
N LEU B 37 -10.09 -0.10 0.02
CA LEU B 37 -9.93 0.60 -1.21
C LEU B 37 -10.92 0.27 -2.29
N THR B 38 -11.16 1.24 -3.20
CA THR B 38 -12.07 1.15 -4.32
C THR B 38 -11.35 1.14 -5.64
N MET B 39 -10.04 1.41 -5.68
CA MET B 39 -9.29 1.48 -6.90
C MET B 39 -8.88 0.12 -7.41
N ASP B 40 -9.34 -0.20 -8.64
CA ASP B 40 -9.08 -1.35 -9.45
C ASP B 40 -10.37 -2.08 -9.70
N ASP B 41 -11.05 -1.71 -10.81
CA ASP B 41 -12.28 -2.26 -11.30
C ASP B 41 -13.45 -1.93 -10.42
N GLU B 42 -13.45 -0.72 -9.86
CA GLU B 42 -14.32 -0.27 -8.80
C GLU B 42 -14.40 -1.23 -7.65
N GLU B 43 -15.51 -1.23 -6.90
CA GLU B 43 -15.85 -2.17 -5.89
C GLU B 43 -17.34 -2.46 -5.91
N MET A 1 -2.13 -11.63 10.60
CA MET A 1 -3.50 -12.21 10.48
C MET A 1 -4.58 -11.17 10.42
N ALA A 2 -5.58 -11.37 9.53
CA ALA A 2 -6.69 -10.47 9.34
C ALA A 2 -7.65 -10.41 10.48
N ASP A 3 -7.98 -11.57 11.07
CA ASP A 3 -8.91 -11.72 12.16
C ASP A 3 -8.16 -12.32 13.31
N GLU A 4 -8.75 -13.27 14.07
CA GLU A 4 -8.15 -13.82 15.25
C GLU A 4 -7.48 -15.14 15.02
N LYS A 5 -7.60 -15.72 13.81
CA LYS A 5 -6.96 -16.95 13.44
C LYS A 5 -5.64 -16.74 12.76
N PRO A 6 -4.53 -17.31 13.19
CA PRO A 6 -3.29 -17.35 12.46
C PRO A 6 -3.29 -17.87 11.06
N LYS A 7 -2.19 -17.63 10.32
CA LYS A 7 -2.08 -18.01 8.94
C LYS A 7 -0.79 -18.70 8.64
N GLU A 8 -0.69 -19.28 7.43
CA GLU A 8 0.50 -19.87 6.88
C GLU A 8 0.57 -19.48 5.44
N GLY A 9 1.76 -19.49 4.82
CA GLY A 9 1.95 -19.16 3.43
C GLY A 9 1.63 -20.25 2.48
N VAL A 10 1.35 -21.46 3.00
CA VAL A 10 1.07 -22.66 2.26
C VAL A 10 -0.38 -23.05 2.35
N LYS A 11 -1.22 -22.19 2.96
CA LYS A 11 -2.64 -22.34 3.02
C LYS A 11 -3.23 -21.02 2.64
N THR A 12 -4.26 -21.00 1.76
CA THR A 12 -4.76 -19.76 1.23
C THR A 12 -6.22 -19.88 0.90
N GLU A 13 -6.94 -18.75 0.96
CA GLU A 13 -8.32 -18.64 0.57
C GLU A 13 -8.44 -18.21 -0.87
N ASN A 14 -7.31 -17.85 -1.51
CA ASN A 14 -7.16 -17.38 -2.85
C ASN A 14 -7.92 -16.11 -3.16
N ASN A 15 -7.96 -15.13 -2.24
CA ASN A 15 -8.63 -13.89 -2.48
C ASN A 15 -7.73 -12.92 -3.19
N ASP A 16 -8.27 -12.11 -4.11
CA ASP A 16 -7.54 -11.14 -4.89
C ASP A 16 -7.72 -9.74 -4.38
N HIS A 17 -8.40 -9.66 -3.23
CA HIS A 17 -8.25 -8.60 -2.26
C HIS A 17 -7.30 -9.05 -1.20
N ILE A 18 -6.36 -8.16 -0.85
CA ILE A 18 -5.21 -8.31 -0.01
C ILE A 18 -5.14 -7.08 0.83
N ASN A 19 -4.42 -7.09 1.96
CA ASN A 19 -4.20 -5.93 2.77
C ASN A 19 -2.73 -5.61 2.85
N LEU A 20 -2.37 -4.32 2.89
CA LEU A 20 -1.00 -3.95 3.11
C LEU A 20 -0.96 -2.87 4.14
N LYS A 21 0.18 -2.61 4.80
CA LYS A 21 0.37 -1.59 5.78
C LYS A 21 1.61 -0.78 5.54
N VAL A 22 1.60 0.50 5.96
CA VAL A 22 2.70 1.41 5.88
C VAL A 22 3.06 1.83 7.27
N ALA A 23 4.28 1.53 7.72
CA ALA A 23 4.68 1.69 9.09
C ALA A 23 5.72 2.76 9.25
N GLY A 24 5.50 3.68 10.19
CA GLY A 24 6.35 4.82 10.40
C GLY A 24 7.51 4.60 11.31
N GLN A 25 8.32 5.66 11.47
CA GLN A 25 9.52 5.66 12.24
C GLN A 25 9.27 5.94 13.69
N ASP A 26 8.14 6.58 14.03
CA ASP A 26 7.78 6.86 15.39
C ASP A 26 7.12 5.68 16.03
N GLY A 27 6.60 4.73 15.23
CA GLY A 27 6.30 3.40 15.70
C GLY A 27 4.92 2.93 15.37
N SER A 28 4.07 3.75 14.74
CA SER A 28 2.73 3.37 14.38
C SER A 28 2.57 3.22 12.89
N VAL A 29 1.54 2.43 12.52
CA VAL A 29 1.35 1.89 11.21
C VAL A 29 -0.10 1.95 10.83
N VAL A 30 -0.43 2.27 9.56
CA VAL A 30 -1.78 2.24 9.07
C VAL A 30 -1.86 1.25 7.95
N GLN A 31 -2.95 0.45 7.90
CA GLN A 31 -3.20 -0.55 6.91
C GLN A 31 -4.35 -0.24 6.00
N PHE A 32 -4.33 -0.92 4.85
CA PHE A 32 -5.17 -0.56 3.74
C PHE A 32 -5.58 -1.82 3.04
N LYS A 33 -6.84 -1.91 2.57
CA LYS A 33 -7.43 -3.03 1.90
C LYS A 33 -7.60 -2.82 0.42
N ILE A 34 -6.90 -3.65 -0.37
CA ILE A 34 -6.48 -3.34 -1.71
C ILE A 34 -6.56 -4.54 -2.57
N LYS A 35 -6.72 -4.28 -3.87
CA LYS A 35 -6.91 -5.30 -4.87
C LYS A 35 -5.72 -5.51 -5.74
N ARG A 36 -5.73 -6.63 -6.47
CA ARG A 36 -4.56 -7.24 -7.06
C ARG A 36 -3.84 -6.43 -8.10
N HIS A 37 -4.55 -5.69 -8.97
CA HIS A 37 -3.94 -4.91 -10.02
C HIS A 37 -3.82 -3.47 -9.66
N THR A 38 -4.35 -3.06 -8.48
CA THR A 38 -4.31 -1.72 -7.96
C THR A 38 -2.93 -1.19 -7.75
N PRO A 39 -2.55 0.01 -8.11
CA PRO A 39 -1.25 0.55 -7.80
C PRO A 39 -1.10 0.99 -6.39
N LEU A 40 0.15 1.12 -5.93
CA LEU A 40 0.54 1.55 -4.61
C LEU A 40 0.17 2.98 -4.30
N SER A 41 0.05 3.80 -5.34
CA SER A 41 -0.43 5.16 -5.27
C SER A 41 -1.74 5.35 -4.58
N LYS A 42 -2.66 4.36 -4.61
CA LYS A 42 -3.93 4.46 -3.92
C LYS A 42 -3.82 4.50 -2.43
N LEU A 43 -2.96 3.67 -1.82
CA LEU A 43 -2.76 3.70 -0.40
C LEU A 43 -2.06 4.93 0.06
N MET A 44 -1.15 5.51 -0.76
CA MET A 44 -0.56 6.79 -0.49
C MET A 44 -1.54 7.91 -0.41
N LYS A 45 -2.53 7.95 -1.32
CA LYS A 45 -3.65 8.85 -1.27
C LYS A 45 -4.50 8.66 -0.06
N ALA A 46 -4.80 7.41 0.32
CA ALA A 46 -5.59 7.07 1.47
C ALA A 46 -4.92 7.35 2.78
N TYR A 47 -3.59 7.20 2.85
CA TYR A 47 -2.72 7.59 3.92
C TYR A 47 -2.77 9.06 4.15
N CYS A 48 -2.89 9.86 3.08
CA CYS A 48 -3.15 11.27 3.07
C CYS A 48 -4.54 11.63 3.52
N GLU A 49 -5.57 10.79 3.30
CA GLU A 49 -6.80 11.01 4.00
C GLU A 49 -6.69 10.77 5.48
N ARG A 50 -6.17 9.60 5.92
CA ARG A 50 -6.02 9.27 7.30
C ARG A 50 -4.91 9.75 8.19
N GLN A 51 -3.63 9.79 7.79
CA GLN A 51 -2.55 9.80 8.76
C GLN A 51 -1.19 10.26 8.35
N GLY A 52 -0.81 10.34 7.07
CA GLY A 52 0.48 10.86 6.67
C GLY A 52 0.37 12.28 6.24
N LEU A 53 -0.77 12.54 5.58
CA LEU A 53 -1.47 13.77 5.29
C LEU A 53 -0.95 14.96 4.57
N SER A 54 0.36 15.15 4.68
CA SER A 54 1.14 15.86 3.72
C SER A 54 1.86 14.83 2.92
N MET A 55 1.68 14.83 1.58
CA MET A 55 2.47 14.04 0.68
C MET A 55 3.92 14.42 0.68
N ARG A 56 4.25 15.62 1.19
CA ARG A 56 5.61 16.05 1.35
C ARG A 56 6.18 15.70 2.70
N GLN A 57 5.38 15.12 3.62
CA GLN A 57 5.89 14.61 4.87
C GLN A 57 6.48 13.25 4.73
N ILE A 58 5.87 12.37 3.92
CA ILE A 58 6.18 10.97 3.95
C ILE A 58 6.51 10.41 2.61
N ARG A 59 7.50 9.49 2.55
CA ARG A 59 7.88 8.76 1.38
C ARG A 59 8.14 7.33 1.77
N PHE A 60 8.02 6.37 0.84
CA PHE A 60 8.00 4.96 1.15
C PHE A 60 9.27 4.27 0.78
N ARG A 61 9.69 3.27 1.59
CA ARG A 61 10.85 2.45 1.39
C ARG A 61 10.54 0.99 1.42
N PHE A 62 11.29 0.24 0.59
CA PHE A 62 11.32 -1.19 0.61
C PHE A 62 12.71 -1.62 0.96
N ASP A 63 12.89 -2.22 2.15
CA ASP A 63 14.11 -2.77 2.67
C ASP A 63 15.30 -1.88 2.53
N GLY A 64 15.14 -0.63 2.99
CA GLY A 64 16.11 0.42 2.93
C GLY A 64 16.26 1.17 1.65
N GLN A 65 15.47 0.88 0.59
CA GLN A 65 15.58 1.56 -0.67
C GLN A 65 14.29 2.27 -0.98
N PRO A 66 14.26 3.50 -1.41
CA PRO A 66 13.10 4.15 -1.97
C PRO A 66 12.34 3.41 -3.02
N ILE A 67 10.99 3.39 -2.92
CA ILE A 67 10.10 2.84 -3.92
C ILE A 67 9.27 3.95 -4.45
N ASN A 68 8.76 3.83 -5.69
CA ASN A 68 8.02 4.90 -6.31
C ASN A 68 6.55 4.60 -6.27
N GLU A 69 5.67 5.60 -6.43
CA GLU A 69 4.25 5.39 -6.52
C GLU A 69 3.83 4.59 -7.71
N THR A 70 4.61 4.65 -8.81
CA THR A 70 4.32 3.94 -10.02
C THR A 70 4.99 2.59 -10.07
N ASP A 71 5.76 2.21 -9.02
CA ASP A 71 6.39 0.93 -8.91
C ASP A 71 5.42 -0.21 -8.74
N THR A 72 5.92 -1.45 -8.74
CA THR A 72 5.11 -2.59 -9.06
C THR A 72 4.86 -3.47 -7.88
N PRO A 73 3.75 -4.18 -7.80
CA PRO A 73 3.54 -5.19 -6.79
C PRO A 73 4.55 -6.29 -6.76
N ALA A 74 5.11 -6.69 -7.92
CA ALA A 74 6.12 -7.71 -8.01
C ALA A 74 7.42 -7.32 -7.37
N GLN A 75 7.86 -6.07 -7.65
CA GLN A 75 9.10 -5.51 -7.19
C GLN A 75 9.15 -5.30 -5.71
N LEU A 76 7.99 -4.96 -5.11
CA LEU A 76 7.81 -4.71 -3.72
C LEU A 76 7.32 -5.94 -3.00
N GLU A 77 7.03 -7.02 -3.73
CA GLU A 77 6.62 -8.32 -3.28
C GLU A 77 5.36 -8.33 -2.46
N MET A 78 4.32 -7.61 -2.93
CA MET A 78 3.04 -7.45 -2.31
C MET A 78 2.19 -8.68 -2.19
N GLU A 79 1.58 -8.87 -1.01
CA GLU A 79 0.82 -10.03 -0.64
C GLU A 79 -0.24 -9.63 0.33
N ASP A 80 -0.98 -10.59 0.90
CA ASP A 80 -2.14 -10.45 1.75
C ASP A 80 -2.00 -9.62 2.98
N GLU A 81 -0.78 -9.51 3.53
CA GLU A 81 -0.42 -8.57 4.55
C GLU A 81 0.96 -8.08 4.27
N ASP A 82 1.14 -7.08 3.39
CA ASP A 82 2.46 -6.54 3.18
C ASP A 82 2.80 -5.46 4.17
N THR A 83 4.10 -5.17 4.34
CA THR A 83 4.59 -4.09 5.15
C THR A 83 5.55 -3.26 4.35
N ILE A 84 5.31 -1.94 4.34
CA ILE A 84 6.05 -0.90 3.69
C ILE A 84 6.53 0.01 4.78
N ASP A 85 7.77 0.56 4.72
CA ASP A 85 8.29 1.34 5.80
C ASP A 85 8.37 2.74 5.29
N VAL A 86 8.13 3.73 6.16
CA VAL A 86 7.99 5.12 5.82
C VAL A 86 9.20 5.85 6.29
N PHE A 87 9.69 6.79 5.46
CA PHE A 87 10.75 7.66 5.86
C PHE A 87 10.27 9.07 5.82
N GLN A 88 10.61 9.82 6.88
CA GLN A 88 10.18 11.15 7.13
C GLN A 88 11.03 12.11 6.36
N GLN A 89 10.40 12.91 5.48
CA GLN A 89 11.08 13.89 4.69
C GLN A 89 11.14 15.21 5.40
N GLN A 90 11.22 16.32 4.64
CA GLN A 90 11.37 17.65 5.16
C GLN A 90 12.60 17.85 5.99
N THR A 91 13.74 17.32 5.53
CA THR A 91 15.02 17.38 6.20
C THR A 91 15.56 18.76 6.41
N GLY A 92 16.29 18.95 7.52
CA GLY A 92 16.89 20.20 7.90
C GLY A 92 18.31 20.32 7.46
N GLY A 93 19.14 21.04 8.24
CA GLY A 93 20.52 21.22 7.94
C GLY A 93 21.27 21.82 9.12
N GLY B 33 -11.28 -2.91 10.40
CA GLY B 33 -9.90 -2.51 10.00
C GLY B 33 -9.81 -1.06 9.65
N VAL B 34 -8.75 -0.64 8.92
CA VAL B 34 -8.58 0.72 8.51
C VAL B 34 -9.22 0.98 7.18
N ILE B 35 -8.40 1.04 6.10
CA ILE B 35 -8.77 1.75 4.90
C ILE B 35 -9.36 0.82 3.89
N ASP B 36 -10.51 1.21 3.29
CA ASP B 36 -11.14 0.53 2.20
C ASP B 36 -10.84 1.28 0.93
N LEU B 37 -9.99 0.80 0.02
CA LEU B 37 -9.67 1.57 -1.15
C LEU B 37 -10.27 1.08 -2.42
N THR B 38 -10.50 2.02 -3.35
CA THR B 38 -11.01 1.84 -4.68
C THR B 38 -9.92 1.50 -5.65
N MET B 39 -10.30 1.19 -6.90
CA MET B 39 -9.47 0.92 -8.04
C MET B 39 -9.14 -0.54 -8.12
N ASP B 40 -9.46 -1.17 -9.27
CA ASP B 40 -9.52 -2.60 -9.46
C ASP B 40 -10.64 -3.21 -8.67
N ASP B 41 -11.85 -2.63 -8.76
CA ASP B 41 -12.93 -2.84 -7.85
C ASP B 41 -13.72 -4.10 -7.99
N GLU B 42 -13.22 -5.20 -7.40
CA GLU B 42 -14.03 -6.28 -6.95
C GLU B 42 -14.92 -5.87 -5.83
N GLU B 43 -14.35 -5.22 -4.79
CA GLU B 43 -14.99 -4.67 -3.65
C GLU B 43 -14.18 -3.55 -3.01
N MET A 1 -6.67 -14.59 21.96
CA MET A 1 -6.61 -15.60 23.05
C MET A 1 -7.38 -15.15 24.26
N ALA A 2 -6.73 -14.58 25.29
CA ALA A 2 -7.40 -13.92 26.38
C ALA A 2 -8.08 -12.64 25.99
N ASP A 3 -7.48 -11.89 25.05
CA ASP A 3 -7.97 -10.66 24.49
C ASP A 3 -9.25 -10.79 23.72
N GLU A 4 -9.34 -11.80 22.84
CA GLU A 4 -10.50 -12.14 22.08
C GLU A 4 -10.36 -13.59 21.73
N LYS A 5 -11.45 -14.38 21.66
CA LYS A 5 -11.35 -15.78 21.38
C LYS A 5 -10.84 -16.13 20.02
N PRO A 6 -10.11 -17.20 19.80
CA PRO A 6 -9.71 -17.62 18.48
C PRO A 6 -10.85 -18.24 17.72
N LYS A 7 -10.89 -18.04 16.40
CA LYS A 7 -11.94 -18.54 15.53
C LYS A 7 -11.35 -19.10 14.28
N GLU A 8 -12.13 -19.82 13.46
CA GLU A 8 -11.68 -20.44 12.24
C GLU A 8 -11.11 -19.48 11.23
N GLY A 9 -10.10 -19.93 10.47
CA GLY A 9 -9.29 -19.11 9.61
C GLY A 9 -9.87 -18.72 8.29
N VAL A 10 -11.09 -19.16 7.95
CA VAL A 10 -11.80 -18.87 6.74
C VAL A 10 -12.02 -17.42 6.45
N LYS A 11 -11.88 -16.99 5.17
CA LYS A 11 -11.99 -15.62 4.77
C LYS A 11 -13.15 -15.46 3.83
N THR A 12 -14.05 -14.50 4.08
CA THR A 12 -15.22 -14.29 3.26
C THR A 12 -15.12 -13.08 2.40
N GLU A 13 -13.99 -12.34 2.49
CA GLU A 13 -13.62 -11.26 1.63
C GLU A 13 -13.47 -11.64 0.19
N ASN A 14 -13.65 -10.67 -0.73
CA ASN A 14 -13.36 -10.84 -2.13
C ASN A 14 -11.91 -11.09 -2.39
N ASN A 15 -11.58 -11.85 -3.46
CA ASN A 15 -10.28 -12.42 -3.66
C ASN A 15 -9.35 -11.58 -4.47
N ASP A 16 -9.67 -10.29 -4.72
CA ASP A 16 -8.93 -9.44 -5.62
C ASP A 16 -7.78 -8.71 -5.03
N HIS A 17 -7.79 -8.70 -3.69
CA HIS A 17 -6.93 -7.94 -2.82
C HIS A 17 -6.10 -8.70 -1.84
N ILE A 18 -5.06 -8.01 -1.34
CA ILE A 18 -4.13 -8.33 -0.32
C ILE A 18 -4.07 -7.11 0.56
N ASN A 19 -3.59 -7.20 1.81
CA ASN A 19 -3.50 -6.06 2.68
C ASN A 19 -2.06 -5.73 2.93
N LEU A 20 -1.73 -4.43 3.05
CA LEU A 20 -0.39 -4.01 3.35
C LEU A 20 -0.51 -2.92 4.36
N LYS A 21 0.54 -2.59 5.13
CA LYS A 21 0.57 -1.54 6.11
C LYS A 21 1.85 -0.76 6.05
N VAL A 22 1.84 0.52 6.42
CA VAL A 22 2.97 1.38 6.53
C VAL A 22 3.24 1.62 7.97
N ALA A 23 4.52 1.49 8.39
CA ALA A 23 4.96 1.83 9.71
C ALA A 23 5.97 2.94 9.63
N GLY A 24 5.79 4.00 10.44
CA GLY A 24 6.62 5.16 10.42
C GLY A 24 7.79 5.12 11.34
N GLN A 25 8.53 6.24 11.39
CA GLN A 25 9.65 6.48 12.26
C GLN A 25 9.28 6.44 13.71
N ASP A 26 8.05 6.88 14.05
CA ASP A 26 7.54 6.90 15.38
C ASP A 26 6.81 5.64 15.74
N GLY A 27 6.73 4.66 14.83
CA GLY A 27 6.08 3.40 15.06
C GLY A 27 4.60 3.39 14.91
N SER A 28 3.98 4.51 14.49
CA SER A 28 2.59 4.57 14.14
C SER A 28 2.34 3.82 12.86
N VAL A 29 1.22 3.09 12.78
CA VAL A 29 0.96 2.16 11.71
C VAL A 29 -0.42 2.29 11.17
N VAL A 30 -0.60 2.34 9.83
CA VAL A 30 -1.89 2.18 9.21
C VAL A 30 -1.87 1.15 8.13
N GLN A 31 -2.90 0.29 8.02
CA GLN A 31 -3.06 -0.66 6.95
C GLN A 31 -4.12 -0.34 5.95
N PHE A 32 -4.00 -1.00 4.78
CA PHE A 32 -4.85 -0.71 3.66
C PHE A 32 -5.10 -2.01 2.96
N LYS A 33 -6.18 -2.14 2.17
CA LYS A 33 -6.58 -3.33 1.50
C LYS A 33 -6.62 -3.10 0.02
N ILE A 34 -5.78 -3.75 -0.79
CA ILE A 34 -5.49 -3.32 -2.13
C ILE A 34 -5.20 -4.46 -3.03
N LYS A 35 -5.47 -4.16 -4.30
CA LYS A 35 -5.35 -5.09 -5.39
C LYS A 35 -3.99 -5.03 -6.00
N ARG A 36 -3.66 -6.09 -6.77
CA ARG A 36 -2.32 -6.39 -7.17
C ARG A 36 -1.70 -5.47 -8.19
N HIS A 37 -2.48 -4.99 -9.18
CA HIS A 37 -1.97 -4.18 -10.26
C HIS A 37 -2.21 -2.73 -10.04
N THR A 38 -3.04 -2.38 -9.03
CA THR A 38 -3.25 -1.05 -8.52
C THR A 38 -2.00 -0.43 -7.99
N PRO A 39 -1.65 0.81 -8.21
CA PRO A 39 -0.41 1.36 -7.71
C PRO A 39 -0.37 1.56 -6.24
N LEU A 40 0.86 1.57 -5.69
CA LEU A 40 1.16 1.87 -4.31
C LEU A 40 0.79 3.25 -3.88
N SER A 41 0.74 4.21 -4.81
CA SER A 41 0.21 5.53 -4.57
C SER A 41 -1.16 5.57 -3.97
N LYS A 42 -2.03 4.57 -4.22
CA LYS A 42 -3.40 4.60 -3.76
C LYS A 42 -3.50 4.53 -2.27
N LEU A 43 -2.69 3.67 -1.63
CA LEU A 43 -2.55 3.65 -0.21
C LEU A 43 -1.91 4.88 0.35
N MET A 44 -0.91 5.48 -0.33
CA MET A 44 -0.32 6.73 0.06
C MET A 44 -1.29 7.87 0.09
N LYS A 45 -2.18 7.97 -0.91
CA LYS A 45 -3.27 8.89 -0.95
C LYS A 45 -4.23 8.70 0.19
N ALA A 46 -4.58 7.44 0.49
CA ALA A 46 -5.45 7.09 1.58
C ALA A 46 -4.89 7.34 2.94
N TYR A 47 -3.57 7.18 3.12
CA TYR A 47 -2.80 7.48 4.30
C TYR A 47 -2.91 8.91 4.68
N CYS A 48 -2.82 9.82 3.69
CA CYS A 48 -3.04 11.23 3.84
C CYS A 48 -4.43 11.58 4.28
N GLU A 49 -5.46 10.92 3.70
CA GLU A 49 -6.83 11.10 4.08
C GLU A 49 -7.19 10.63 5.45
N ARG A 50 -6.77 9.41 5.86
CA ARG A 50 -7.04 8.91 7.17
C ARG A 50 -6.19 9.51 8.25
N GLN A 51 -4.88 9.67 8.02
CA GLN A 51 -3.93 9.87 9.07
C GLN A 51 -3.27 11.22 9.00
N GLY A 52 -3.76 12.12 8.13
CA GLY A 52 -3.50 13.53 8.23
C GLY A 52 -2.20 14.03 7.69
N LEU A 53 -1.43 13.17 6.98
CA LEU A 53 -0.12 13.48 6.49
C LEU A 53 -0.12 14.18 5.17
N SER A 54 1.00 14.82 4.79
CA SER A 54 1.19 15.44 3.51
C SER A 54 2.04 14.57 2.63
N MET A 55 1.60 14.28 1.38
CA MET A 55 2.27 13.32 0.54
C MET A 55 3.65 13.69 0.08
N ARG A 56 4.02 14.98 0.06
CA ARG A 56 5.34 15.39 -0.32
C ARG A 56 6.28 15.47 0.84
N GLN A 57 5.80 15.20 2.07
CA GLN A 57 6.58 15.18 3.27
C GLN A 57 6.96 13.79 3.67
N ILE A 58 6.37 12.75 3.04
CA ILE A 58 6.63 11.37 3.33
C ILE A 58 7.09 10.67 2.09
N ARG A 59 7.98 9.67 2.24
CA ARG A 59 8.38 8.79 1.18
C ARG A 59 8.47 7.41 1.75
N PHE A 60 8.30 6.38 0.90
CA PHE A 60 8.22 5.00 1.31
C PHE A 60 9.40 4.22 0.82
N ARG A 61 9.81 3.20 1.59
CA ARG A 61 10.83 2.27 1.22
C ARG A 61 10.37 0.89 1.59
N PHE A 62 10.92 -0.14 0.93
CA PHE A 62 10.61 -1.51 1.20
C PHE A 62 11.88 -2.28 1.33
N ASP A 63 12.18 -2.80 2.53
CA ASP A 63 13.38 -3.53 2.87
C ASP A 63 14.63 -2.79 2.52
N GLY A 64 14.70 -1.49 2.88
CA GLY A 64 15.84 -0.65 2.62
C GLY A 64 15.97 -0.12 1.22
N GLN A 65 14.99 -0.35 0.33
CA GLN A 65 15.04 0.06 -1.05
C GLN A 65 13.91 1.00 -1.35
N PRO A 66 14.04 2.13 -2.00
CA PRO A 66 12.95 3.05 -2.21
C PRO A 66 11.96 2.57 -3.24
N ILE A 67 10.66 2.81 -3.02
CA ILE A 67 9.59 2.34 -3.87
C ILE A 67 8.82 3.50 -4.41
N ASN A 68 8.32 3.39 -5.65
CA ASN A 68 7.84 4.54 -6.37
C ASN A 68 6.35 4.50 -6.50
N GLU A 69 5.71 5.64 -6.81
CA GLU A 69 4.30 5.72 -7.07
C GLU A 69 3.90 5.08 -8.36
N THR A 70 4.90 4.78 -9.22
CA THR A 70 4.80 3.99 -10.41
C THR A 70 4.91 2.51 -10.13
N ASP A 71 5.35 2.10 -8.93
CA ASP A 71 5.47 0.73 -8.52
C ASP A 71 4.17 0.21 -7.97
N THR A 72 4.11 -1.11 -7.72
CA THR A 72 2.87 -1.83 -7.53
C THR A 72 3.06 -2.93 -6.55
N PRO A 73 2.05 -3.44 -5.88
CA PRO A 73 2.14 -4.63 -5.07
C PRO A 73 2.56 -5.86 -5.81
N ALA A 74 2.19 -6.00 -7.10
CA ALA A 74 2.60 -7.11 -7.91
C ALA A 74 4.08 -7.15 -8.17
N GLN A 75 4.65 -5.98 -8.51
CA GLN A 75 6.03 -5.76 -8.79
C GLN A 75 6.91 -5.90 -7.59
N LEU A 76 6.44 -5.41 -6.43
CA LEU A 76 7.16 -5.48 -5.20
C LEU A 76 6.97 -6.77 -4.46
N GLU A 77 6.02 -7.59 -4.96
CA GLU A 77 5.69 -8.93 -4.54
C GLU A 77 5.16 -9.04 -3.15
N MET A 78 4.26 -8.12 -2.78
CA MET A 78 3.55 -8.03 -1.53
C MET A 78 2.46 -9.04 -1.37
N GLU A 79 2.12 -9.38 -0.11
CA GLU A 79 1.27 -10.49 0.24
C GLU A 79 0.19 -9.96 1.11
N ASP A 80 -0.68 -10.84 1.65
CA ASP A 80 -1.87 -10.52 2.38
C ASP A 80 -1.71 -9.64 3.59
N GLU A 81 -0.53 -9.65 4.24
CA GLU A 81 -0.13 -8.62 5.15
C GLU A 81 1.31 -8.23 4.96
N ASP A 82 1.62 -7.21 4.14
CA ASP A 82 2.96 -6.71 3.99
C ASP A 82 3.25 -5.45 4.73
N THR A 83 4.55 -5.11 4.87
CA THR A 83 5.02 -4.01 5.68
C THR A 83 5.91 -3.08 4.90
N ILE A 84 5.49 -1.80 4.80
CA ILE A 84 6.13 -0.69 4.17
C ILE A 84 6.71 0.22 5.21
N ASP A 85 7.91 0.77 5.00
CA ASP A 85 8.58 1.61 5.95
C ASP A 85 8.59 3.01 5.40
N VAL A 86 8.29 4.00 6.26
CA VAL A 86 8.09 5.37 5.86
C VAL A 86 9.16 6.23 6.45
N PHE A 87 9.69 7.19 5.69
CA PHE A 87 10.60 8.18 6.20
C PHE A 87 10.15 9.56 5.85
N GLN A 88 10.28 10.50 6.80
CA GLN A 88 9.85 11.87 6.66
C GLN A 88 10.93 12.73 6.08
N GLN A 89 10.59 13.45 4.98
CA GLN A 89 11.50 14.14 4.11
C GLN A 89 11.87 15.52 4.52
N GLN A 90 12.81 16.13 3.76
CA GLN A 90 13.32 17.45 4.01
C GLN A 90 13.44 18.23 2.73
N THR A 91 12.87 19.45 2.68
CA THR A 91 13.03 20.32 1.55
C THR A 91 12.88 21.75 1.98
N GLY A 92 13.55 22.68 1.28
CA GLY A 92 13.47 24.10 1.50
C GLY A 92 12.27 24.76 0.90
N GLY A 93 11.44 24.02 0.14
CA GLY A 93 10.22 24.54 -0.40
C GLY A 93 9.26 23.43 -0.78
N GLY B 33 -10.89 -3.93 9.49
CA GLY B 33 -9.58 -3.28 9.21
C GLY B 33 -9.65 -1.80 9.03
N VAL B 34 -8.60 -1.21 8.42
CA VAL B 34 -8.54 0.17 8.07
C VAL B 34 -9.07 0.38 6.68
N ILE B 35 -8.20 0.68 5.70
CA ILE B 35 -8.56 1.39 4.51
C ILE B 35 -8.98 0.44 3.43
N ASP B 36 -10.13 0.66 2.77
CA ASP B 36 -10.65 -0.18 1.73
C ASP B 36 -10.41 0.41 0.37
N LEU B 37 -9.71 -0.30 -0.54
CA LEU B 37 -9.48 0.15 -1.88
C LEU B 37 -10.27 -0.63 -2.88
N THR B 38 -10.80 0.08 -3.91
CA THR B 38 -11.50 -0.50 -5.02
C THR B 38 -10.95 -0.04 -6.33
N MET B 39 -10.32 1.15 -6.40
CA MET B 39 -9.72 1.83 -7.52
C MET B 39 -10.07 1.38 -8.90
N ASP B 40 -9.13 0.74 -9.63
CA ASP B 40 -9.25 0.39 -11.01
C ASP B 40 -8.48 -0.88 -11.20
N ASP B 41 -8.31 -1.33 -12.46
CA ASP B 41 -7.48 -2.42 -12.89
C ASP B 41 -7.91 -3.79 -12.50
N GLU B 42 -9.17 -3.95 -12.08
CA GLU B 42 -9.71 -5.12 -11.44
C GLU B 42 -8.78 -5.74 -10.44
N GLU B 43 -8.46 -7.03 -10.56
CA GLU B 43 -7.53 -7.79 -9.79
C GLU B 43 -6.05 -7.64 -10.15
N MET A 1 -11.44 7.69 -29.48
CA MET A 1 -10.23 7.01 -30.00
C MET A 1 -9.39 6.35 -28.96
N ALA A 2 -8.41 5.51 -29.36
CA ALA A 2 -7.59 4.71 -28.48
C ALA A 2 -6.78 5.48 -27.50
N ASP A 3 -6.19 6.63 -27.91
CA ASP A 3 -5.38 7.49 -27.10
C ASP A 3 -6.09 8.09 -25.92
N GLU A 4 -7.42 8.30 -25.99
CA GLU A 4 -8.23 8.74 -24.90
C GLU A 4 -8.33 7.76 -23.78
N LYS A 5 -8.42 6.45 -24.09
CA LYS A 5 -8.54 5.38 -23.15
C LYS A 5 -7.32 5.15 -22.30
N PRO A 6 -7.37 4.77 -21.05
CA PRO A 6 -6.26 4.34 -20.25
C PRO A 6 -5.30 3.35 -20.86
N LYS A 7 -4.00 3.41 -20.53
CA LYS A 7 -2.99 2.65 -21.22
C LYS A 7 -2.84 1.25 -20.73
N GLU A 8 -3.40 0.96 -19.53
CA GLU A 8 -3.47 -0.34 -18.94
C GLU A 8 -4.88 -0.84 -18.86
N GLY A 9 -5.82 -0.16 -19.54
CA GLY A 9 -7.22 -0.48 -19.53
C GLY A 9 -7.99 -0.05 -18.31
N VAL A 10 -9.32 -0.17 -18.40
CA VAL A 10 -10.26 0.32 -17.42
C VAL A 10 -11.18 -0.76 -16.98
N LYS A 11 -11.34 -0.93 -15.65
CA LYS A 11 -12.11 -1.94 -14.98
C LYS A 11 -11.68 -3.34 -15.29
N THR A 12 -10.35 -3.55 -15.42
CA THR A 12 -9.73 -4.81 -15.70
C THR A 12 -8.87 -5.24 -14.54
N GLU A 13 -9.16 -4.73 -13.34
CA GLU A 13 -8.31 -4.84 -12.19
C GLU A 13 -8.62 -6.05 -11.36
N ASN A 14 -9.69 -6.79 -11.74
CA ASN A 14 -10.25 -7.93 -11.07
C ASN A 14 -10.63 -7.70 -9.65
N ASN A 15 -10.97 -8.78 -8.90
CA ASN A 15 -11.61 -8.67 -7.62
C ASN A 15 -10.85 -9.28 -6.49
N ASP A 16 -9.55 -9.60 -6.65
CA ASP A 16 -8.83 -10.37 -5.68
C ASP A 16 -8.19 -9.49 -4.65
N HIS A 17 -8.87 -9.31 -3.50
CA HIS A 17 -8.41 -8.49 -2.41
C HIS A 17 -7.28 -9.08 -1.60
N ILE A 18 -6.26 -8.25 -1.30
CA ILE A 18 -5.12 -8.49 -0.47
C ILE A 18 -5.01 -7.27 0.40
N ASN A 19 -4.30 -7.33 1.53
CA ASN A 19 -4.08 -6.16 2.33
C ASN A 19 -2.62 -5.85 2.41
N LEU A 20 -2.26 -4.56 2.44
CA LEU A 20 -0.91 -4.23 2.80
C LEU A 20 -0.95 -3.14 3.82
N LYS A 21 0.12 -2.97 4.63
CA LYS A 21 0.28 -1.88 5.54
C LYS A 21 1.47 -1.04 5.26
N VAL A 22 1.36 0.25 5.61
CA VAL A 22 2.44 1.20 5.54
C VAL A 22 2.64 1.76 6.91
N ALA A 23 3.91 1.81 7.35
CA ALA A 23 4.26 2.00 8.73
C ALA A 23 5.47 2.85 8.96
N GLY A 24 5.40 3.69 10.00
CA GLY A 24 6.49 4.51 10.44
C GLY A 24 6.02 5.77 11.08
N GLN A 25 6.84 6.85 11.04
CA GLN A 25 6.51 8.18 11.44
C GLN A 25 5.97 8.34 12.83
N ASP A 26 6.65 7.73 13.81
CA ASP A 26 6.37 7.75 15.22
C ASP A 26 5.14 6.94 15.54
N GLY A 27 4.97 5.81 14.84
CA GLY A 27 3.92 4.87 15.15
C GLY A 27 2.64 5.14 14.43
N SER A 28 2.69 5.79 13.25
CA SER A 28 1.53 5.80 12.39
C SER A 28 1.58 4.63 11.46
N VAL A 29 0.51 3.84 11.41
CA VAL A 29 0.40 2.68 10.58
C VAL A 29 -0.97 2.63 10.01
N VAL A 30 -1.18 2.39 8.70
CA VAL A 30 -2.45 1.96 8.21
C VAL A 30 -2.25 0.75 7.36
N GLN A 31 -3.09 -0.27 7.55
CA GLN A 31 -3.32 -1.30 6.58
C GLN A 31 -4.53 -1.05 5.75
N PHE A 32 -4.46 -1.45 4.47
CA PHE A 32 -5.37 -1.02 3.47
C PHE A 32 -5.73 -2.17 2.61
N LYS A 33 -7.01 -2.26 2.21
CA LYS A 33 -7.45 -3.46 1.56
C LYS A 33 -7.82 -3.21 0.14
N ILE A 34 -7.00 -3.88 -0.69
CA ILE A 34 -6.73 -3.48 -2.04
C ILE A 34 -6.60 -4.65 -2.94
N LYS A 35 -6.87 -4.34 -4.21
CA LYS A 35 -6.84 -5.32 -5.26
C LYS A 35 -5.47 -5.49 -5.83
N ARG A 36 -5.18 -6.67 -6.41
CA ARG A 36 -3.85 -7.22 -6.49
C ARG A 36 -2.88 -6.56 -7.42
N HIS A 37 -3.35 -5.76 -8.40
CA HIS A 37 -2.53 -4.93 -9.25
C HIS A 37 -2.52 -3.51 -8.77
N THR A 38 -3.71 -2.94 -8.53
CA THR A 38 -4.05 -1.60 -8.15
C THR A 38 -3.11 -0.83 -7.25
N PRO A 39 -2.71 0.40 -7.48
CA PRO A 39 -1.61 1.06 -6.82
C PRO A 39 -1.33 1.03 -5.34
N LEU A 40 -0.04 1.18 -4.97
CA LEU A 40 0.36 1.63 -3.67
C LEU A 40 0.09 3.09 -3.42
N SER A 41 0.02 3.91 -4.48
CA SER A 41 -0.33 5.30 -4.42
C SER A 41 -1.66 5.57 -3.80
N LYS A 42 -2.62 4.64 -3.92
CA LYS A 42 -3.91 4.71 -3.29
C LYS A 42 -3.79 4.72 -1.80
N LEU A 43 -2.90 3.87 -1.26
CA LEU A 43 -2.53 3.73 0.12
C LEU A 43 -1.80 4.94 0.64
N MET A 44 -0.86 5.48 -0.16
CA MET A 44 -0.17 6.68 0.18
C MET A 44 -1.07 7.86 0.44
N LYS A 45 -2.10 8.06 -0.40
CA LYS A 45 -3.11 9.04 -0.17
C LYS A 45 -3.95 8.76 1.03
N ALA A 46 -4.34 7.48 1.24
CA ALA A 46 -5.14 7.05 2.34
C ALA A 46 -4.50 7.24 3.68
N TYR A 47 -3.17 7.00 3.75
CA TYR A 47 -2.30 7.28 4.86
C TYR A 47 -2.29 8.73 5.21
N CYS A 48 -2.21 9.63 4.21
CA CYS A 48 -2.34 11.04 4.41
C CYS A 48 -3.68 11.48 4.91
N GLU A 49 -4.79 10.93 4.37
CA GLU A 49 -6.12 11.23 4.80
C GLU A 49 -6.43 10.81 6.20
N ARG A 50 -6.11 9.55 6.57
CA ARG A 50 -6.35 9.05 7.89
C ARG A 50 -5.42 9.54 8.95
N GLN A 51 -4.11 9.59 8.64
CA GLN A 51 -3.07 9.70 9.62
C GLN A 51 -2.33 11.00 9.52
N GLY A 52 -2.82 11.93 8.67
CA GLY A 52 -2.53 13.34 8.73
C GLY A 52 -1.24 13.79 8.13
N LEU A 53 -0.47 12.88 7.51
CA LEU A 53 0.84 13.11 6.97
C LEU A 53 0.82 13.93 5.72
N SER A 54 1.94 14.62 5.41
CA SER A 54 2.08 15.36 4.19
C SER A 54 2.93 14.58 3.24
N MET A 55 2.43 14.31 2.02
CA MET A 55 3.05 13.41 1.07
C MET A 55 4.43 13.76 0.61
N ARG A 56 4.80 15.06 0.55
CA ARG A 56 6.12 15.48 0.19
C ARG A 56 7.15 15.28 1.25
N GLN A 57 6.71 15.07 2.50
CA GLN A 57 7.54 14.93 3.67
C GLN A 57 7.81 13.50 4.02
N ILE A 58 7.12 12.56 3.37
CA ILE A 58 7.29 11.15 3.56
C ILE A 58 7.68 10.52 2.25
N ARG A 59 8.56 9.50 2.30
CA ARG A 59 8.95 8.72 1.16
C ARG A 59 8.94 7.29 1.61
N PHE A 60 8.77 6.32 0.69
CA PHE A 60 8.58 4.95 1.06
C PHE A 60 9.75 4.14 0.58
N ARG A 61 10.09 3.08 1.34
CA ARG A 61 11.14 2.17 0.98
C ARG A 61 10.76 0.75 1.22
N PHE A 62 11.51 -0.13 0.51
CA PHE A 62 11.49 -1.54 0.69
C PHE A 62 12.90 -2.03 0.75
N ASP A 63 13.32 -2.60 1.89
CA ASP A 63 14.64 -3.09 2.18
C ASP A 63 15.69 -2.02 2.10
N GLY A 64 15.32 -0.77 2.43
CA GLY A 64 16.18 0.38 2.33
C GLY A 64 16.31 0.93 0.94
N GLN A 65 15.62 0.38 -0.07
CA GLN A 65 15.69 0.87 -1.41
C GLN A 65 14.48 1.70 -1.72
N PRO A 66 14.57 2.84 -2.38
CA PRO A 66 13.43 3.58 -2.88
C PRO A 66 12.41 2.84 -3.66
N ILE A 67 11.10 3.06 -3.40
CA ILE A 67 10.03 2.57 -4.21
C ILE A 67 9.22 3.73 -4.67
N ASN A 68 8.73 3.68 -5.93
CA ASN A 68 8.01 4.78 -6.51
C ASN A 68 6.54 4.57 -6.40
N GLU A 69 5.73 5.62 -6.68
CA GLU A 69 4.30 5.58 -6.73
C GLU A 69 3.79 4.76 -7.88
N THR A 70 4.65 4.54 -8.89
CA THR A 70 4.38 3.82 -10.10
C THR A 70 4.91 2.42 -10.04
N ASP A 71 5.51 1.99 -8.92
CA ASP A 71 6.23 0.75 -8.85
C ASP A 71 5.33 -0.43 -8.68
N THR A 72 5.88 -1.65 -8.83
CA THR A 72 5.10 -2.80 -9.18
C THR A 72 4.91 -3.75 -8.03
N PRO A 73 3.85 -4.53 -7.98
CA PRO A 73 3.70 -5.60 -7.03
C PRO A 73 4.75 -6.66 -7.04
N ALA A 74 5.36 -6.97 -8.19
CA ALA A 74 6.46 -7.88 -8.31
C ALA A 74 7.72 -7.43 -7.63
N GLN A 75 8.08 -6.16 -7.85
CA GLN A 75 9.26 -5.52 -7.33
C GLN A 75 9.20 -5.33 -5.85
N LEU A 76 8.02 -4.93 -5.34
CA LEU A 76 7.78 -4.70 -3.94
C LEU A 76 7.37 -5.95 -3.24
N GLU A 77 7.21 -7.06 -3.96
CA GLU A 77 6.90 -8.37 -3.46
C GLU A 77 5.63 -8.42 -2.66
N MET A 78 4.57 -7.75 -3.15
CA MET A 78 3.27 -7.63 -2.55
C MET A 78 2.50 -8.91 -2.45
N GLU A 79 1.75 -9.07 -1.34
CA GLU A 79 1.07 -10.27 -0.96
C GLU A 79 -0.03 -9.85 -0.04
N ASP A 80 -0.83 -10.80 0.46
CA ASP A 80 -1.97 -10.65 1.33
C ASP A 80 -1.80 -9.85 2.58
N GLU A 81 -0.57 -9.77 3.12
CA GLU A 81 -0.22 -8.94 4.24
C GLU A 81 1.11 -8.27 4.00
N ASP A 82 1.23 -7.34 3.03
CA ASP A 82 2.48 -6.68 2.80
C ASP A 82 2.79 -5.59 3.78
N THR A 83 4.08 -5.18 3.85
CA THR A 83 4.54 -4.12 4.70
C THR A 83 5.47 -3.21 3.97
N ILE A 84 5.17 -1.89 3.93
CA ILE A 84 5.99 -0.85 3.39
C ILE A 84 6.54 -0.03 4.51
N ASP A 85 7.82 0.41 4.43
CA ASP A 85 8.45 1.13 5.50
C ASP A 85 8.66 2.55 5.06
N VAL A 86 8.43 3.52 5.96
CA VAL A 86 8.39 4.91 5.63
C VAL A 86 9.60 5.60 6.16
N PHE A 87 10.18 6.53 5.38
CA PHE A 87 11.26 7.37 5.81
C PHE A 87 10.91 8.80 5.61
N GLN A 88 11.34 9.65 6.56
CA GLN A 88 11.07 11.06 6.59
C GLN A 88 12.03 11.82 5.71
N GLN A 89 11.53 12.84 4.99
CA GLN A 89 12.30 13.54 4.00
C GLN A 89 12.04 15.00 4.09
N GLN A 90 13.09 15.83 3.91
CA GLN A 90 13.01 17.26 3.99
C GLN A 90 13.10 17.88 2.64
N THR A 91 12.62 19.13 2.47
CA THR A 91 12.69 19.85 1.23
C THR A 91 12.71 21.32 1.52
N GLY A 92 13.30 22.14 0.63
CA GLY A 92 13.55 23.53 0.83
C GLY A 92 12.38 24.46 0.75
N GLY A 93 12.66 25.78 0.78
CA GLY A 93 11.67 26.80 0.68
C GLY A 93 11.77 27.80 1.83
N GLY B 33 -10.45 -3.77 7.50
CA GLY B 33 -9.27 -3.13 8.12
C GLY B 33 -9.45 -1.70 8.51
N VAL B 34 -8.34 -0.97 8.70
CA VAL B 34 -8.36 0.43 9.05
C VAL B 34 -8.72 1.27 7.86
N ILE B 35 -8.17 0.89 6.70
CA ILE B 35 -8.62 1.30 5.40
C ILE B 35 -9.18 0.12 4.66
N ASP B 36 -10.46 0.18 4.26
CA ASP B 36 -11.05 -0.69 3.29
C ASP B 36 -11.11 0.12 2.04
N LEU B 37 -10.84 -0.39 0.82
CA LEU B 37 -10.84 0.53 -0.29
C LEU B 37 -12.17 1.02 -0.74
N THR B 38 -12.23 2.35 -1.03
CA THR B 38 -13.42 3.11 -1.33
C THR B 38 -13.35 3.75 -2.67
N MET B 39 -12.32 3.42 -3.48
CA MET B 39 -12.07 4.06 -4.75
C MET B 39 -12.22 3.11 -5.89
N ASP B 40 -12.83 1.94 -5.65
CA ASP B 40 -12.56 0.77 -6.45
C ASP B 40 -13.70 -0.17 -6.62
N ASP B 41 -14.64 -0.20 -5.66
CA ASP B 41 -15.56 -1.28 -5.42
C ASP B 41 -14.92 -2.61 -5.23
N GLU B 42 -15.76 -3.66 -5.08
CA GLU B 42 -15.41 -5.04 -4.93
C GLU B 42 -14.64 -5.60 -6.07
N GLU B 43 -15.07 -5.27 -7.31
CA GLU B 43 -14.52 -5.55 -8.59
C GLU B 43 -14.37 -4.27 -9.42
N MET A 1 11.31 -30.61 -1.30
CA MET A 1 10.48 -31.84 -1.50
C MET A 1 9.09 -31.60 -0.98
N ALA A 2 8.60 -32.34 0.02
CA ALA A 2 7.33 -32.06 0.64
C ALA A 2 7.44 -31.13 1.81
N ASP A 3 8.67 -30.76 2.22
CA ASP A 3 8.98 -29.85 3.27
C ASP A 3 8.54 -28.44 3.00
N GLU A 4 8.84 -27.96 1.77
CA GLU A 4 8.63 -26.64 1.26
C GLU A 4 7.21 -26.16 1.15
N LYS A 5 7.05 -24.84 1.29
CA LYS A 5 5.86 -24.10 1.01
C LYS A 5 5.50 -24.12 -0.45
N PRO A 6 4.27 -24.04 -0.87
CA PRO A 6 3.89 -23.61 -2.20
C PRO A 6 4.55 -22.37 -2.72
N LYS A 7 4.93 -22.36 -4.02
CA LYS A 7 5.68 -21.30 -4.64
C LYS A 7 5.06 -20.84 -5.91
N GLU A 8 4.04 -21.55 -6.44
CA GLU A 8 3.30 -21.20 -7.61
C GLU A 8 2.15 -20.29 -7.30
N GLY A 9 1.81 -19.38 -8.22
CA GLY A 9 0.66 -18.52 -8.14
C GLY A 9 -0.66 -19.15 -8.40
N VAL A 10 -1.70 -18.30 -8.61
CA VAL A 10 -3.02 -18.66 -9.04
C VAL A 10 -3.78 -19.55 -8.12
N LYS A 11 -4.07 -19.07 -6.90
CA LYS A 11 -4.91 -19.72 -5.93
C LYS A 11 -6.35 -19.81 -6.32
N THR A 12 -7.07 -20.83 -5.84
CA THR A 12 -8.37 -21.23 -6.34
C THR A 12 -9.53 -20.37 -5.95
N GLU A 13 -9.33 -19.44 -5.00
CA GLU A 13 -10.27 -18.40 -4.67
C GLU A 13 -10.42 -17.42 -5.79
N ASN A 14 -9.33 -17.16 -6.52
CA ASN A 14 -9.25 -16.39 -7.74
C ASN A 14 -9.45 -14.93 -7.52
N ASN A 15 -8.87 -14.38 -6.43
CA ASN A 15 -9.09 -13.02 -6.04
C ASN A 15 -7.78 -12.34 -5.77
N ASP A 16 -7.66 -11.06 -6.18
CA ASP A 16 -6.46 -10.28 -6.12
C ASP A 16 -6.27 -9.54 -4.84
N HIS A 17 -7.09 -9.83 -3.82
CA HIS A 17 -7.08 -9.14 -2.56
C HIS A 17 -6.00 -9.53 -1.61
N ILE A 18 -5.25 -8.51 -1.15
CA ILE A 18 -4.19 -8.54 -0.19
C ILE A 18 -4.28 -7.29 0.63
N ASN A 19 -3.68 -7.25 1.84
CA ASN A 19 -3.61 -6.06 2.64
C ASN A 19 -2.17 -5.68 2.81
N LEU A 20 -1.85 -4.38 2.84
CA LEU A 20 -0.51 -3.94 3.13
C LEU A 20 -0.59 -2.95 4.25
N LYS A 21 0.42 -2.81 5.12
CA LYS A 21 0.54 -1.79 6.11
C LYS A 21 1.71 -0.91 5.83
N VAL A 22 1.59 0.38 6.22
CA VAL A 22 2.61 1.36 6.12
C VAL A 22 2.90 1.83 7.51
N ALA A 23 4.17 1.72 7.94
CA ALA A 23 4.58 2.00 9.30
C ALA A 23 5.62 3.08 9.35
N GLY A 24 5.37 4.07 10.22
CA GLY A 24 6.27 5.16 10.46
C GLY A 24 7.28 4.89 11.53
N GLN A 25 8.13 5.89 11.79
CA GLN A 25 9.22 5.76 12.72
C GLN A 25 8.86 6.18 14.11
N ASP A 26 7.59 6.56 14.34
CA ASP A 26 7.00 6.79 15.63
C ASP A 26 6.23 5.60 16.09
N GLY A 27 6.29 4.47 15.35
CA GLY A 27 5.62 3.25 15.68
C GLY A 27 4.16 3.21 15.30
N SER A 28 3.70 4.26 14.60
CA SER A 28 2.34 4.38 14.15
C SER A 28 2.18 3.74 12.80
N VAL A 29 1.07 3.02 12.58
CA VAL A 29 0.89 2.19 11.42
C VAL A 29 -0.52 2.32 10.92
N VAL A 30 -0.74 2.36 9.59
CA VAL A 30 -2.03 2.19 9.00
C VAL A 30 -2.00 1.15 7.93
N GLN A 31 -3.02 0.27 7.84
CA GLN A 31 -3.10 -0.78 6.85
C GLN A 31 -4.28 -0.65 5.95
N PHE A 32 -4.11 -1.13 4.70
CA PHE A 32 -4.95 -0.80 3.59
C PHE A 32 -5.18 -2.05 2.79
N LYS A 33 -6.39 -2.27 2.27
CA LYS A 33 -6.82 -3.44 1.56
C LYS A 33 -6.90 -3.20 0.09
N ILE A 34 -6.04 -3.92 -0.65
CA ILE A 34 -5.52 -3.53 -1.91
C ILE A 34 -5.40 -4.71 -2.81
N LYS A 35 -5.45 -4.36 -4.11
CA LYS A 35 -5.36 -5.32 -5.17
C LYS A 35 -4.12 -5.10 -5.96
N ARG A 36 -3.63 -6.18 -6.60
CA ARG A 36 -2.26 -6.31 -7.03
C ARG A 36 -1.82 -5.36 -8.09
N HIS A 37 -2.68 -5.04 -9.07
CA HIS A 37 -2.43 -4.07 -10.10
C HIS A 37 -2.80 -2.68 -9.72
N THR A 38 -3.13 -2.38 -8.45
CA THR A 38 -3.44 -1.05 -8.00
C THR A 38 -2.18 -0.41 -7.50
N PRO A 39 -1.68 0.70 -7.99
CA PRO A 39 -0.42 1.25 -7.58
C PRO A 39 -0.34 1.67 -6.14
N LEU A 40 0.89 1.75 -5.61
CA LEU A 40 1.18 2.15 -4.26
C LEU A 40 0.78 3.56 -3.92
N SER A 41 0.73 4.45 -4.92
CA SER A 41 0.18 5.77 -4.80
C SER A 41 -1.20 5.83 -4.22
N LYS A 42 -2.05 4.79 -4.41
CA LYS A 42 -3.41 4.81 -3.94
C LYS A 42 -3.52 4.74 -2.45
N LEU A 43 -2.72 3.87 -1.81
CA LEU A 43 -2.62 3.83 -0.37
C LEU A 43 -1.94 5.03 0.21
N MET A 44 -0.98 5.65 -0.51
CA MET A 44 -0.34 6.87 -0.11
C MET A 44 -1.30 8.02 0.01
N LYS A 45 -2.23 8.17 -0.95
CA LYS A 45 -3.32 9.10 -0.87
C LYS A 45 -4.24 8.84 0.28
N ALA A 46 -4.58 7.57 0.53
CA ALA A 46 -5.41 7.15 1.63
C ALA A 46 -4.83 7.40 2.98
N TYR A 47 -3.49 7.24 3.13
CA TYR A 47 -2.73 7.53 4.32
C TYR A 47 -2.84 8.97 4.70
N CYS A 48 -2.73 9.87 3.72
CA CYS A 48 -2.95 11.28 3.88
C CYS A 48 -4.34 11.64 4.30
N GLU A 49 -5.39 11.03 3.73
CA GLU A 49 -6.74 11.23 4.16
C GLU A 49 -7.03 10.78 5.55
N ARG A 50 -6.60 9.57 5.93
CA ARG A 50 -6.86 9.04 7.24
C ARG A 50 -5.99 9.55 8.35
N GLN A 51 -4.67 9.69 8.10
CA GLN A 51 -3.70 9.90 9.14
C GLN A 51 -3.06 11.25 9.02
N GLY A 52 -3.52 12.11 8.09
CA GLY A 52 -3.28 13.53 8.12
C GLY A 52 -1.98 14.04 7.59
N LEU A 53 -1.18 13.20 6.94
CA LEU A 53 0.16 13.52 6.52
C LEU A 53 0.23 14.24 5.21
N SER A 54 1.40 14.85 4.89
CA SER A 54 1.60 15.58 3.67
C SER A 54 2.39 14.77 2.70
N MET A 55 1.98 14.75 1.42
CA MET A 55 2.43 13.85 0.40
C MET A 55 3.90 13.96 0.10
N ARG A 56 4.40 15.20 0.10
CA ARG A 56 5.75 15.54 -0.26
C ARG A 56 6.67 15.58 0.92
N GLN A 57 6.16 15.28 2.12
CA GLN A 57 6.96 15.19 3.31
C GLN A 57 7.41 13.79 3.55
N ILE A 58 6.69 12.77 3.03
CA ILE A 58 6.95 11.39 3.29
C ILE A 58 7.23 10.67 2.00
N ARG A 59 8.08 9.61 2.08
CA ARG A 59 8.28 8.67 1.01
C ARG A 59 8.26 7.29 1.62
N PHE A 60 7.92 6.28 0.81
CA PHE A 60 7.75 4.93 1.26
C PHE A 60 8.92 4.12 0.79
N ARG A 61 9.32 3.10 1.56
CA ARG A 61 10.40 2.24 1.16
C ARG A 61 10.22 0.79 1.51
N PHE A 62 10.89 -0.10 0.76
CA PHE A 62 10.88 -1.50 1.01
C PHE A 62 12.28 -1.90 1.38
N ASP A 63 12.51 -2.19 2.67
CA ASP A 63 13.77 -2.67 3.17
C ASP A 63 14.96 -1.83 2.79
N GLY A 64 14.76 -0.51 2.69
CA GLY A 64 15.75 0.45 2.31
C GLY A 64 16.06 0.61 0.85
N GLN A 65 15.34 -0.04 -0.09
CA GLN A 65 15.55 0.14 -1.51
C GLN A 65 14.20 0.55 -2.02
N PRO A 66 13.88 1.28 -3.07
CA PRO A 66 12.48 1.23 -3.35
C PRO A 66 11.60 1.98 -2.41
N ILE A 67 10.39 2.44 -2.78
CA ILE A 67 9.48 2.14 -3.85
C ILE A 67 9.14 3.38 -4.61
N ASN A 68 8.66 3.30 -5.86
CA ASN A 68 8.18 4.46 -6.57
C ASN A 68 6.68 4.50 -6.57
N GLU A 69 6.05 5.65 -6.86
CA GLU A 69 4.61 5.75 -6.95
C GLU A 69 3.98 4.89 -8.01
N THR A 70 4.67 4.70 -9.15
CA THR A 70 4.22 3.91 -10.25
C THR A 70 4.70 2.49 -10.15
N ASP A 71 5.32 2.10 -9.02
CA ASP A 71 5.54 0.74 -8.66
C ASP A 71 4.29 0.20 -8.04
N THR A 72 4.22 -1.12 -7.76
CA THR A 72 2.98 -1.78 -7.49
C THR A 72 3.12 -2.90 -6.50
N PRO A 73 2.08 -3.34 -5.84
CA PRO A 73 2.08 -4.55 -5.07
C PRO A 73 2.41 -5.80 -5.82
N ALA A 74 2.04 -5.91 -7.11
CA ALA A 74 2.43 -7.00 -7.95
C ALA A 74 3.90 -7.07 -8.20
N GLN A 75 4.51 -5.91 -8.53
CA GLN A 75 5.90 -5.77 -8.85
C GLN A 75 6.81 -5.98 -7.69
N LEU A 76 6.45 -5.46 -6.50
CA LEU A 76 7.24 -5.69 -5.32
C LEU A 76 6.96 -7.03 -4.70
N GLU A 77 5.94 -7.76 -5.19
CA GLU A 77 5.50 -9.04 -4.73
C GLU A 77 5.04 -9.03 -3.30
N MET A 78 4.20 -8.04 -2.95
CA MET A 78 3.52 -7.89 -1.69
C MET A 78 2.57 -9.00 -1.39
N GLU A 79 2.33 -9.23 -0.08
CA GLU A 79 1.60 -10.36 0.42
C GLU A 79 0.38 -9.88 1.15
N ASP A 80 -0.42 -10.80 1.69
CA ASP A 80 -1.69 -10.59 2.35
C ASP A 80 -1.64 -9.66 3.52
N GLU A 81 -0.49 -9.56 4.20
CA GLU A 81 -0.15 -8.48 5.07
C GLU A 81 1.27 -8.09 4.79
N ASP A 82 1.51 -7.13 3.88
CA ASP A 82 2.83 -6.60 3.65
C ASP A 82 3.17 -5.49 4.60
N THR A 83 4.48 -5.20 4.74
CA THR A 83 4.97 -4.21 5.66
C THR A 83 5.90 -3.26 4.96
N ILE A 84 5.51 -1.98 4.86
CA ILE A 84 6.16 -0.94 4.12
C ILE A 84 6.54 0.16 5.06
N ASP A 85 7.72 0.77 4.89
CA ASP A 85 8.29 1.67 5.86
C ASP A 85 8.28 3.07 5.33
N VAL A 86 8.20 4.08 6.22
CA VAL A 86 8.16 5.47 5.87
C VAL A 86 9.46 6.13 6.23
N PHE A 87 9.96 7.03 5.36
CA PHE A 87 11.02 7.94 5.71
C PHE A 87 10.66 9.32 5.26
N GLN A 88 10.97 10.33 6.09
CA GLN A 88 10.62 11.71 5.86
C GLN A 88 11.66 12.41 5.05
N GLN A 89 11.23 13.30 4.13
CA GLN A 89 12.10 14.01 3.23
C GLN A 89 12.35 15.42 3.66
N GLN A 90 12.40 16.39 2.71
CA GLN A 90 12.75 17.75 2.96
C GLN A 90 11.80 18.51 3.83
N THR A 91 12.24 18.91 5.03
CA THR A 91 11.47 19.73 5.93
C THR A 91 11.52 21.19 5.58
N GLY A 92 10.47 21.94 5.97
CA GLY A 92 10.38 23.35 5.70
C GLY A 92 9.78 23.68 4.38
N GLY A 93 8.92 22.81 3.84
CA GLY A 93 8.30 23.02 2.56
C GLY A 93 7.22 21.98 2.28
N GLY B 33 -9.14 -4.62 8.73
CA GLY B 33 -8.25 -3.57 8.17
C GLY B 33 -8.87 -2.22 8.05
N VAL B 34 -8.08 -1.14 8.16
CA VAL B 34 -8.62 0.19 8.30
C VAL B 34 -9.18 0.77 7.04
N ILE B 35 -8.39 0.67 5.95
CA ILE B 35 -8.67 1.28 4.69
C ILE B 35 -9.06 0.20 3.74
N ASP B 36 -10.27 0.25 3.17
CA ASP B 36 -10.64 -0.55 2.04
C ASP B 36 -10.58 0.35 0.83
N LEU B 37 -9.71 0.09 -0.16
CA LEU B 37 -9.60 1.01 -1.26
C LEU B 37 -10.17 0.52 -2.56
N THR B 38 -10.66 1.48 -3.37
CA THR B 38 -11.16 1.24 -4.70
C THR B 38 -10.40 2.08 -5.68
N MET B 39 -10.05 1.47 -6.83
CA MET B 39 -9.46 2.11 -7.97
C MET B 39 -9.78 1.27 -9.16
N ASP B 40 -10.86 0.47 -9.06
CA ASP B 40 -11.06 -0.70 -9.86
C ASP B 40 -12.51 -0.87 -10.18
N ASP B 41 -13.24 -1.66 -9.38
CA ASP B 41 -14.64 -1.93 -9.55
C ASP B 41 -15.23 -2.25 -8.20
N GLU B 42 -14.60 -1.71 -7.16
CA GLU B 42 -14.94 -1.88 -5.76
C GLU B 42 -14.76 -3.26 -5.21
N GLU B 43 -13.63 -3.90 -5.55
CA GLU B 43 -13.22 -5.16 -4.98
C GLU B 43 -12.73 -5.04 -3.53
N MET A 1 9.49 -5.24 -29.25
CA MET A 1 10.86 -5.76 -29.07
C MET A 1 11.29 -5.56 -27.65
N ALA A 2 12.13 -4.56 -27.32
CA ALA A 2 12.53 -4.29 -25.97
C ALA A 2 11.46 -3.63 -25.15
N ASP A 3 10.43 -3.09 -25.83
CA ASP A 3 9.34 -2.32 -25.33
C ASP A 3 8.13 -3.14 -24.98
N GLU A 4 8.22 -4.48 -25.12
CA GLU A 4 7.18 -5.44 -24.91
C GLU A 4 5.91 -5.28 -25.71
N LYS A 5 5.06 -6.31 -25.63
CA LYS A 5 3.79 -6.40 -26.31
C LYS A 5 2.80 -5.38 -25.82
N PRO A 6 1.82 -4.95 -26.57
CA PRO A 6 0.77 -4.06 -26.11
C PRO A 6 0.14 -4.36 -24.79
N LYS A 7 0.00 -3.37 -23.90
CA LYS A 7 -0.49 -3.57 -22.56
C LYS A 7 -1.92 -4.02 -22.50
N GLU A 8 -2.19 -5.08 -21.72
CA GLU A 8 -3.47 -5.72 -21.70
C GLU A 8 -4.48 -4.99 -20.87
N GLY A 9 -4.14 -4.67 -19.61
CA GLY A 9 -4.85 -3.74 -18.78
C GLY A 9 -6.29 -4.00 -18.47
N VAL A 10 -6.76 -5.25 -18.43
CA VAL A 10 -8.14 -5.57 -18.21
C VAL A 10 -8.29 -6.39 -16.96
N LYS A 11 -9.32 -6.11 -16.15
CA LYS A 11 -9.69 -6.91 -15.01
C LYS A 11 -10.02 -8.33 -15.35
N THR A 12 -9.60 -9.28 -14.49
CA THR A 12 -9.77 -10.68 -14.73
C THR A 12 -10.68 -11.31 -13.72
N GLU A 13 -11.17 -10.50 -12.75
CA GLU A 13 -12.19 -10.84 -11.80
C GLU A 13 -11.90 -12.03 -10.92
N ASN A 14 -10.74 -12.04 -10.24
CA ASN A 14 -10.28 -13.18 -9.51
C ASN A 14 -10.22 -12.96 -8.03
N ASN A 15 -10.84 -11.89 -7.49
CA ASN A 15 -10.90 -11.58 -6.09
C ASN A 15 -9.56 -11.44 -5.44
N ASP A 16 -8.71 -10.55 -5.97
CA ASP A 16 -7.27 -10.63 -5.87
C ASP A 16 -6.63 -9.83 -4.79
N HIS A 17 -7.46 -9.13 -4.00
CA HIS A 17 -7.07 -8.30 -2.91
C HIS A 17 -6.34 -8.95 -1.77
N ILE A 18 -5.31 -8.23 -1.29
CA ILE A 18 -4.34 -8.52 -0.28
C ILE A 18 -4.23 -7.31 0.59
N ASN A 19 -3.70 -7.40 1.83
CA ASN A 19 -3.56 -6.28 2.71
C ASN A 19 -2.12 -5.97 2.96
N LEU A 20 -1.74 -4.68 3.11
CA LEU A 20 -0.40 -4.29 3.44
C LEU A 20 -0.54 -3.22 4.48
N LYS A 21 0.47 -2.96 5.33
CA LYS A 21 0.55 -1.87 6.26
C LYS A 21 1.73 -0.97 6.00
N VAL A 22 1.60 0.31 6.36
CA VAL A 22 2.68 1.27 6.38
C VAL A 22 2.98 1.51 7.82
N ALA A 23 4.27 1.47 8.20
CA ALA A 23 4.72 1.89 9.49
C ALA A 23 5.64 3.06 9.36
N GLY A 24 5.40 4.14 10.12
CA GLY A 24 6.16 5.36 10.07
C GLY A 24 7.22 5.48 11.10
N GLN A 25 7.94 6.62 11.07
CA GLN A 25 9.03 6.97 11.94
C GLN A 25 8.63 7.08 13.39
N ASP A 26 7.44 7.62 13.68
CA ASP A 26 6.95 7.82 15.02
C ASP A 26 6.49 6.54 15.64
N GLY A 27 6.32 5.48 14.82
CA GLY A 27 5.81 4.21 15.21
C GLY A 27 4.37 4.02 14.85
N SER A 28 3.75 5.01 14.21
CA SER A 28 2.39 4.98 13.75
C SER A 28 2.20 4.05 12.60
N VAL A 29 1.03 3.40 12.52
CA VAL A 29 0.75 2.37 11.58
C VAL A 29 -0.65 2.49 11.03
N VAL A 30 -0.82 2.35 9.70
CA VAL A 30 -2.09 2.20 9.05
C VAL A 30 -2.00 1.01 8.15
N GLN A 31 -3.04 0.15 8.07
CA GLN A 31 -3.12 -0.93 7.13
C GLN A 31 -4.24 -0.77 6.14
N PHE A 32 -4.08 -1.47 5.00
CA PHE A 32 -4.78 -1.11 3.81
C PHE A 32 -5.13 -2.36 3.05
N LYS A 33 -6.25 -2.42 2.31
CA LYS A 33 -6.65 -3.56 1.53
C LYS A 33 -6.70 -3.27 0.07
N ILE A 34 -5.86 -3.91 -0.76
CA ILE A 34 -5.59 -3.50 -2.11
C ILE A 34 -5.23 -4.66 -2.98
N LYS A 35 -5.52 -4.40 -4.26
CA LYS A 35 -5.44 -5.32 -5.35
C LYS A 35 -4.12 -5.26 -6.04
N ARG A 36 -3.83 -6.30 -6.83
CA ARG A 36 -2.50 -6.61 -7.28
C ARG A 36 -1.88 -5.69 -8.29
N HIS A 37 -2.66 -5.16 -9.24
CA HIS A 37 -2.17 -4.27 -10.26
C HIS A 37 -2.19 -2.83 -9.86
N THR A 38 -3.06 -2.45 -8.90
CA THR A 38 -3.25 -1.12 -8.40
C THR A 38 -2.02 -0.52 -7.77
N PRO A 39 -1.62 0.71 -7.97
CA PRO A 39 -0.38 1.20 -7.45
C PRO A 39 -0.36 1.50 -5.98
N LEU A 40 0.85 1.49 -5.40
CA LEU A 40 1.10 1.77 -4.01
C LEU A 40 0.74 3.15 -3.58
N SER A 41 0.74 4.12 -4.51
CA SER A 41 0.24 5.45 -4.29
C SER A 41 -1.16 5.52 -3.74
N LYS A 42 -2.03 4.54 -4.04
CA LYS A 42 -3.43 4.66 -3.71
C LYS A 42 -3.65 4.59 -2.23
N LEU A 43 -2.99 3.62 -1.57
CA LEU A 43 -2.96 3.54 -0.15
C LEU A 43 -2.24 4.66 0.54
N MET A 44 -1.14 5.15 -0.06
CA MET A 44 -0.38 6.25 0.46
C MET A 44 -1.13 7.54 0.54
N LYS A 45 -1.96 7.88 -0.45
CA LYS A 45 -2.83 9.01 -0.38
C LYS A 45 -3.90 8.85 0.66
N ALA A 46 -4.48 7.64 0.78
CA ALA A 46 -5.46 7.31 1.79
C ALA A 46 -4.95 7.43 3.19
N TYR A 47 -3.68 7.05 3.44
CA TYR A 47 -2.98 7.24 4.67
C TYR A 47 -2.90 8.69 5.05
N CYS A 48 -2.56 9.57 4.09
CA CYS A 48 -2.52 10.99 4.27
C CYS A 48 -3.85 11.57 4.64
N GLU A 49 -4.94 11.09 4.02
CA GLU A 49 -6.29 11.47 4.33
C GLU A 49 -6.74 11.05 5.70
N ARG A 50 -6.53 9.80 6.10
CA ARG A 50 -6.90 9.33 7.40
C ARG A 50 -6.09 9.92 8.53
N GLN A 51 -4.76 10.01 8.37
CA GLN A 51 -3.86 10.21 9.46
C GLN A 51 -3.14 11.52 9.44
N GLY A 52 -3.52 12.42 8.52
CA GLY A 52 -3.17 13.82 8.61
C GLY A 52 -1.78 14.18 8.18
N LEU A 53 -1.29 13.61 7.07
CA LEU A 53 0.07 13.76 6.64
C LEU A 53 0.11 14.46 5.32
N SER A 54 1.28 15.00 4.91
CA SER A 54 1.43 15.56 3.60
C SER A 54 2.18 14.61 2.72
N MET A 55 1.69 14.38 1.48
CA MET A 55 2.07 13.33 0.60
C MET A 55 3.51 13.36 0.18
N ARG A 56 4.02 14.57 -0.10
CA ARG A 56 5.35 14.79 -0.60
C ARG A 56 6.30 15.17 0.49
N GLN A 57 5.89 14.98 1.76
CA GLN A 57 6.74 15.11 2.91
C GLN A 57 7.09 13.77 3.49
N ILE A 58 6.47 12.69 2.99
CA ILE A 58 6.76 11.35 3.40
C ILE A 58 7.41 10.59 2.29
N ARG A 59 8.47 9.82 2.61
CA ARG A 59 9.24 9.08 1.65
C ARG A 59 9.25 7.64 2.03
N PHE A 60 9.11 6.72 1.06
CA PHE A 60 8.76 5.36 1.29
C PHE A 60 9.81 4.42 0.79
N ARG A 61 10.01 3.31 1.54
CA ARG A 61 10.95 2.28 1.21
C ARG A 61 10.39 0.93 1.52
N PHE A 62 10.88 -0.12 0.83
CA PHE A 62 10.48 -1.48 1.08
C PHE A 62 11.71 -2.32 1.14
N ASP A 63 11.97 -2.96 2.30
CA ASP A 63 13.13 -3.74 2.59
C ASP A 63 14.41 -3.02 2.30
N GLY A 64 14.47 -1.74 2.74
CA GLY A 64 15.60 -0.87 2.52
C GLY A 64 15.74 -0.29 1.15
N GLN A 65 14.83 -0.56 0.20
CA GLN A 65 14.95 -0.13 -1.16
C GLN A 65 13.91 0.88 -1.50
N PRO A 66 14.19 2.03 -2.06
CA PRO A 66 13.23 2.95 -2.59
C PRO A 66 12.18 2.41 -3.50
N ILE A 67 10.91 2.83 -3.31
CA ILE A 67 9.76 2.41 -4.06
C ILE A 67 9.10 3.60 -4.66
N ASN A 68 8.37 3.42 -5.78
CA ASN A 68 7.85 4.52 -6.54
C ASN A 68 6.37 4.55 -6.40
N GLU A 69 5.70 5.68 -6.70
CA GLU A 69 4.27 5.75 -6.73
C GLU A 69 3.67 4.94 -7.82
N THR A 70 4.43 4.70 -8.89
CA THR A 70 4.12 3.84 -10.00
C THR A 70 4.33 2.38 -9.68
N ASP A 71 5.09 2.04 -8.63
CA ASP A 71 5.26 0.69 -8.18
C ASP A 71 4.00 0.11 -7.60
N THR A 72 3.98 -1.23 -7.55
CA THR A 72 2.78 -2.01 -7.48
C THR A 72 3.00 -3.22 -6.63
N PRO A 73 1.99 -3.88 -6.13
CA PRO A 73 2.12 -5.17 -5.50
C PRO A 73 2.68 -6.24 -6.38
N ALA A 74 2.40 -6.21 -7.70
CA ALA A 74 2.96 -7.13 -8.64
C ALA A 74 4.45 -7.00 -8.79
N GLN A 75 4.92 -5.76 -8.91
CA GLN A 75 6.31 -5.43 -9.06
C GLN A 75 7.11 -5.63 -7.81
N LEU A 76 6.57 -5.20 -6.65
CA LEU A 76 7.27 -5.28 -5.40
C LEU A 76 7.06 -6.59 -4.69
N GLU A 77 6.14 -7.42 -5.21
CA GLU A 77 5.76 -8.72 -4.75
C GLU A 77 5.20 -8.80 -3.36
N MET A 78 4.34 -7.83 -2.99
CA MET A 78 3.54 -7.81 -1.80
C MET A 78 2.45 -8.82 -1.80
N GLU A 79 2.03 -9.22 -0.57
CA GLU A 79 1.23 -10.39 -0.33
C GLU A 79 0.26 -10.01 0.73
N ASP A 80 -0.56 -10.96 1.23
CA ASP A 80 -1.70 -10.73 2.06
C ASP A 80 -1.55 -9.86 3.28
N GLU A 81 -0.34 -9.75 3.87
CA GLU A 81 -0.07 -8.94 5.02
C GLU A 81 1.26 -8.26 4.96
N ASP A 82 1.57 -7.41 3.95
CA ASP A 82 2.87 -6.84 3.77
C ASP A 82 3.18 -5.62 4.59
N THR A 83 4.47 -5.20 4.59
CA THR A 83 4.97 -4.11 5.38
C THR A 83 5.81 -3.16 4.56
N ILE A 84 5.42 -1.87 4.53
CA ILE A 84 6.10 -0.77 3.89
C ILE A 84 6.57 0.16 4.97
N ASP A 85 7.78 0.73 4.83
CA ASP A 85 8.36 1.61 5.81
C ASP A 85 8.40 2.99 5.24
N VAL A 86 7.99 3.99 6.05
CA VAL A 86 7.76 5.34 5.63
C VAL A 86 8.52 6.22 6.57
N PHE A 87 9.27 7.19 6.03
CA PHE A 87 9.99 8.14 6.84
C PHE A 87 9.72 9.55 6.38
N GLN A 88 9.45 10.44 7.35
CA GLN A 88 9.09 11.81 7.12
C GLN A 88 10.27 12.72 7.02
N GLN A 89 10.20 13.68 6.08
CA GLN A 89 11.26 14.58 5.70
C GLN A 89 10.93 16.01 6.00
N GLN A 90 11.72 16.95 5.48
CA GLN A 90 11.55 18.37 5.61
C GLN A 90 10.28 18.89 5.02
N THR A 91 9.68 19.94 5.63
CA THR A 91 8.50 20.59 5.13
C THR A 91 8.75 21.39 3.89
N GLY A 92 9.86 22.16 3.85
CA GLY A 92 10.27 22.94 2.71
C GLY A 92 10.69 22.14 1.53
N GLY A 93 10.53 22.71 0.32
CA GLY A 93 10.83 22.06 -0.92
C GLY A 93 9.59 22.03 -1.80
N GLY B 33 -12.70 -0.51 10.36
CA GLY B 33 -11.27 -0.80 10.10
C GLY B 33 -10.59 0.30 9.36
N VAL B 34 -9.34 0.11 8.91
CA VAL B 34 -8.67 1.07 8.08
C VAL B 34 -9.12 1.05 6.65
N ILE B 35 -8.22 0.91 5.66
CA ILE B 35 -8.43 1.55 4.39
C ILE B 35 -8.76 0.59 3.30
N ASP B 36 -9.90 0.79 2.60
CA ASP B 36 -10.42 0.01 1.52
C ASP B 36 -10.09 0.63 0.20
N LEU B 37 -9.43 -0.11 -0.73
CA LEU B 37 -8.94 0.45 -1.96
C LEU B 37 -9.68 0.05 -3.19
N THR B 38 -9.75 1.00 -4.15
CA THR B 38 -10.39 0.88 -5.43
C THR B 38 -9.44 1.37 -6.48
N MET B 39 -9.92 2.01 -7.56
CA MET B 39 -9.16 2.77 -8.53
C MET B 39 -8.64 1.98 -9.69
N ASP B 40 -9.37 0.91 -10.08
CA ASP B 40 -9.18 0.20 -11.30
C ASP B 40 -10.56 -0.05 -11.80
N ASP B 41 -11.15 -1.12 -11.24
CA ASP B 41 -12.54 -1.28 -10.95
C ASP B 41 -12.57 -1.24 -9.46
N GLU B 42 -13.78 -1.31 -8.87
CA GLU B 42 -13.96 -1.29 -7.45
C GLU B 42 -13.37 -2.50 -6.79
N GLU B 43 -13.72 -3.70 -7.27
CA GLU B 43 -13.24 -4.96 -6.76
C GLU B 43 -11.83 -5.35 -7.17
N MET A 1 8.66 -29.31 -19.32
CA MET A 1 9.78 -28.49 -19.84
C MET A 1 9.31 -27.15 -20.33
N ALA A 2 9.17 -26.94 -21.66
CA ALA A 2 8.74 -25.70 -22.22
C ALA A 2 7.33 -25.29 -21.89
N ASP A 3 6.40 -26.26 -21.91
CA ASP A 3 4.98 -26.10 -21.86
C ASP A 3 4.41 -25.43 -20.65
N GLU A 4 4.98 -25.69 -19.44
CA GLU A 4 4.52 -25.18 -18.18
C GLU A 4 4.40 -23.69 -18.08
N LYS A 5 3.29 -23.25 -17.47
CA LYS A 5 2.91 -21.88 -17.27
C LYS A 5 3.36 -21.38 -15.94
N PRO A 6 3.50 -20.10 -15.68
CA PRO A 6 3.59 -19.54 -14.36
C PRO A 6 2.64 -20.06 -13.33
N LYS A 7 3.02 -20.07 -12.04
CA LYS A 7 2.15 -20.54 -10.98
C LYS A 7 2.05 -19.54 -9.87
N GLU A 8 2.85 -18.46 -9.91
CA GLU A 8 2.99 -17.49 -8.86
C GLU A 8 2.54 -16.14 -9.32
N GLY A 9 1.69 -15.47 -8.51
CA GLY A 9 1.04 -14.25 -8.87
C GLY A 9 -0.18 -14.43 -9.72
N VAL A 10 -0.69 -15.66 -9.85
CA VAL A 10 -1.72 -16.04 -10.78
C VAL A 10 -3.07 -15.99 -10.12
N LYS A 11 -4.08 -15.46 -10.83
CA LYS A 11 -5.46 -15.55 -10.44
C LYS A 11 -6.25 -16.16 -11.56
N THR A 12 -7.31 -16.91 -11.24
CA THR A 12 -8.21 -17.43 -12.24
C THR A 12 -9.60 -17.74 -11.78
N GLU A 13 -9.88 -17.65 -10.47
CA GLU A 13 -11.17 -17.92 -9.88
C GLU A 13 -11.66 -16.76 -9.08
N ASN A 14 -10.76 -16.02 -8.41
CA ASN A 14 -11.10 -14.92 -7.55
C ASN A 14 -10.09 -13.83 -7.69
N ASN A 15 -10.49 -12.59 -7.32
CA ASN A 15 -9.70 -11.40 -7.23
C ASN A 15 -8.37 -11.52 -6.54
N ASP A 16 -7.46 -10.56 -6.83
CA ASP A 16 -6.14 -10.50 -6.29
C ASP A 16 -5.99 -9.59 -5.11
N HIS A 17 -6.95 -9.54 -4.16
CA HIS A 17 -6.80 -8.72 -2.98
C HIS A 17 -5.80 -9.22 -1.98
N ILE A 18 -5.05 -8.25 -1.41
CA ILE A 18 -4.08 -8.39 -0.36
C ILE A 18 -4.26 -7.20 0.52
N ASN A 19 -3.78 -7.21 1.78
CA ASN A 19 -3.72 -6.02 2.56
C ASN A 19 -2.28 -5.64 2.71
N LEU A 20 -1.96 -4.34 2.73
CA LEU A 20 -0.63 -3.89 2.96
C LEU A 20 -0.70 -2.72 3.90
N LYS A 21 0.29 -2.52 4.78
CA LYS A 21 0.37 -1.44 5.72
C LYS A 21 1.54 -0.53 5.48
N VAL A 22 1.39 0.75 5.84
CA VAL A 22 2.47 1.70 5.86
C VAL A 22 2.74 2.05 7.29
N ALA A 23 4.00 1.90 7.74
CA ALA A 23 4.39 2.08 9.11
C ALA A 23 5.47 3.11 9.27
N GLY A 24 5.30 4.02 10.24
CA GLY A 24 6.32 5.00 10.52
C GLY A 24 5.91 5.92 11.62
N GLN A 25 6.49 7.13 11.67
CA GLN A 25 6.02 8.26 12.43
C GLN A 25 5.83 8.04 13.91
N ASP A 26 6.76 7.30 14.52
CA ASP A 26 6.78 6.93 15.91
C ASP A 26 5.66 6.01 16.29
N GLY A 27 5.40 5.00 15.43
CA GLY A 27 4.45 3.96 15.68
C GLY A 27 3.07 4.21 15.17
N SER A 28 2.92 5.08 14.15
CA SER A 28 1.66 5.31 13.49
C SER A 28 1.60 4.55 12.21
N VAL A 29 0.52 3.76 12.02
CA VAL A 29 0.44 2.77 11.00
C VAL A 29 -0.93 2.77 10.40
N VAL A 30 -1.06 2.67 9.06
CA VAL A 30 -2.35 2.45 8.44
C VAL A 30 -2.26 1.29 7.49
N GLN A 31 -3.29 0.42 7.45
CA GLN A 31 -3.33 -0.71 6.56
C GLN A 31 -4.56 -0.74 5.72
N PHE A 32 -4.43 -1.22 4.47
CA PHE A 32 -5.35 -0.91 3.43
C PHE A 32 -5.50 -2.10 2.55
N LYS A 33 -6.73 -2.38 2.09
CA LYS A 33 -7.03 -3.60 1.41
C LYS A 33 -7.31 -3.38 -0.04
N ILE A 34 -6.39 -3.97 -0.81
CA ILE A 34 -6.23 -3.64 -2.20
C ILE A 34 -5.62 -4.75 -2.97
N LYS A 35 -5.97 -4.64 -4.25
CA LYS A 35 -5.54 -5.50 -5.30
C LYS A 35 -4.07 -5.45 -5.56
N ARG A 36 -3.53 -6.64 -5.87
CA ARG A 36 -2.11 -6.84 -6.02
C ARG A 36 -1.55 -6.21 -7.26
N HIS A 37 -2.38 -6.08 -8.31
CA HIS A 37 -2.04 -5.37 -9.52
C HIS A 37 -2.07 -3.89 -9.43
N THR A 38 -2.93 -3.31 -8.57
CA THR A 38 -3.19 -1.91 -8.39
C THR A 38 -2.00 -1.12 -7.92
N PRO A 39 -1.70 0.09 -8.34
CA PRO A 39 -0.63 0.88 -7.80
C PRO A 39 -0.64 1.14 -6.32
N LEU A 40 0.53 1.23 -5.68
CA LEU A 40 0.68 1.62 -4.31
C LEU A 40 0.26 3.03 -4.03
N SER A 41 0.30 3.92 -5.04
CA SER A 41 0.00 5.32 -4.94
C SER A 41 -1.32 5.63 -4.32
N LYS A 42 -2.35 4.76 -4.43
CA LYS A 42 -3.60 5.00 -3.77
C LYS A 42 -3.48 4.95 -2.27
N LEU A 43 -2.72 3.97 -1.76
CA LEU A 43 -2.32 3.83 -0.39
C LEU A 43 -1.46 4.95 0.11
N MET A 44 -0.50 5.43 -0.69
CA MET A 44 0.33 6.54 -0.31
C MET A 44 -0.44 7.79 0.01
N LYS A 45 -1.42 8.14 -0.84
CA LYS A 45 -2.34 9.22 -0.58
C LYS A 45 -3.23 8.96 0.59
N ALA A 46 -3.73 7.72 0.72
CA ALA A 46 -4.58 7.31 1.81
C ALA A 46 -3.92 7.35 3.15
N TYR A 47 -2.63 6.99 3.26
CA TYR A 47 -1.83 7.12 4.45
C TYR A 47 -1.73 8.54 4.87
N CYS A 48 -1.52 9.46 3.90
CA CYS A 48 -1.53 10.87 4.17
C CYS A 48 -2.83 11.41 4.68
N GLU A 49 -3.98 11.04 4.08
CA GLU A 49 -5.28 11.45 4.53
C GLU A 49 -5.74 10.84 5.83
N ARG A 50 -5.64 9.51 5.97
CA ARG A 50 -6.11 8.75 7.10
C ARG A 50 -5.31 8.95 8.34
N GLN A 51 -3.97 9.07 8.18
CA GLN A 51 -3.07 9.07 9.29
C GLN A 51 -2.42 10.41 9.48
N GLY A 52 -2.93 11.43 8.77
CA GLY A 52 -2.72 12.82 9.07
C GLY A 52 -1.38 13.38 8.73
N LEU A 53 -0.85 13.08 7.54
CA LEU A 53 0.50 13.41 7.16
C LEU A 53 0.50 14.25 5.92
N SER A 54 1.56 15.07 5.72
CA SER A 54 1.74 15.83 4.52
C SER A 54 2.73 15.15 3.62
N MET A 55 2.43 15.09 2.31
CA MET A 55 3.18 14.41 1.29
C MET A 55 4.59 14.90 1.15
N ARG A 56 4.77 16.22 1.35
CA ARG A 56 6.00 16.94 1.15
C ARG A 56 6.82 16.97 2.40
N GLN A 57 6.35 16.25 3.45
CA GLN A 57 7.12 16.05 4.64
C GLN A 57 7.71 14.67 4.69
N ILE A 58 7.26 13.72 3.86
CA ILE A 58 7.56 12.32 4.02
C ILE A 58 8.11 11.72 2.77
N ARG A 59 8.80 10.57 2.91
CA ARG A 59 9.21 9.74 1.82
C ARG A 59 8.99 8.31 2.21
N PHE A 60 8.65 7.46 1.22
CA PHE A 60 8.25 6.09 1.37
C PHE A 60 9.41 5.23 0.96
N ARG A 61 9.61 4.09 1.63
CA ARG A 61 10.84 3.37 1.46
C ARG A 61 10.79 1.89 1.66
N PHE A 62 11.59 1.16 0.86
CA PHE A 62 10.98 0.19 0.05
C PHE A 62 11.79 -0.94 0.59
N ASP A 63 11.25 -2.16 0.77
CA ASP A 63 11.79 -3.16 1.65
C ASP A 63 13.08 -3.78 1.19
N GLY A 64 14.17 -3.01 1.33
CA GLY A 64 15.43 -3.12 0.64
C GLY A 64 15.36 -2.63 -0.77
N GLN A 65 14.21 -2.07 -1.19
CA GLN A 65 13.82 -1.95 -2.56
C GLN A 65 13.61 -0.48 -2.63
N PRO A 66 13.74 0.16 -3.77
CA PRO A 66 13.01 1.33 -4.18
C PRO A 66 11.56 1.13 -4.53
N ILE A 67 10.62 1.98 -4.08
CA ILE A 67 9.23 2.01 -4.46
C ILE A 67 8.94 3.33 -5.13
N ASN A 68 8.36 3.31 -6.33
CA ASN A 68 7.93 4.46 -7.07
C ASN A 68 6.43 4.44 -7.16
N GLU A 69 5.73 5.56 -7.40
CA GLU A 69 4.29 5.62 -7.44
C GLU A 69 3.61 4.75 -8.46
N THR A 70 4.29 4.40 -9.57
CA THR A 70 3.75 3.55 -10.59
C THR A 70 4.11 2.12 -10.36
N ASP A 71 4.89 1.80 -9.29
CA ASP A 71 5.15 0.46 -8.87
C ASP A 71 3.96 -0.17 -8.22
N THR A 72 4.05 -1.48 -7.92
CA THR A 72 2.90 -2.29 -7.64
C THR A 72 3.25 -3.33 -6.64
N PRO A 73 2.32 -3.85 -5.86
CA PRO A 73 2.56 -5.00 -5.02
C PRO A 73 2.99 -6.24 -5.71
N ALA A 74 2.57 -6.49 -6.97
CA ALA A 74 3.00 -7.59 -7.77
C ALA A 74 4.46 -7.56 -8.10
N GLN A 75 4.96 -6.38 -8.51
CA GLN A 75 6.33 -6.16 -8.88
C GLN A 75 7.26 -6.11 -7.72
N LEU A 76 6.86 -5.46 -6.62
CA LEU A 76 7.63 -5.38 -5.42
C LEU A 76 7.53 -6.60 -4.57
N GLU A 77 6.62 -7.53 -4.92
CA GLU A 77 6.39 -8.79 -4.26
C GLU A 77 5.90 -8.67 -2.85
N MET A 78 4.87 -7.83 -2.65
CA MET A 78 4.13 -7.64 -1.45
C MET A 78 3.08 -8.70 -1.30
N GLU A 79 2.67 -8.99 -0.06
CA GLU A 79 1.92 -10.16 0.30
C GLU A 79 0.68 -9.76 1.03
N ASP A 80 -0.14 -10.74 1.44
CA ASP A 80 -1.42 -10.59 2.07
C ASP A 80 -1.50 -9.71 3.27
N GLU A 81 -0.39 -9.57 4.03
CA GLU A 81 -0.19 -8.45 4.92
C GLU A 81 1.20 -7.91 4.80
N ASP A 82 1.48 -6.94 3.90
CA ASP A 82 2.77 -6.35 3.73
C ASP A 82 3.07 -5.12 4.55
N THR A 83 4.34 -4.68 4.54
CA THR A 83 4.83 -3.56 5.30
C THR A 83 5.72 -2.68 4.49
N ILE A 84 5.35 -1.38 4.37
CA ILE A 84 6.01 -0.29 3.71
C ILE A 84 6.49 0.66 4.77
N ASP A 85 7.68 1.26 4.65
CA ASP A 85 8.20 2.09 5.70
C ASP A 85 8.20 3.51 5.24
N VAL A 86 7.97 4.46 6.16
CA VAL A 86 7.98 5.87 5.90
C VAL A 86 9.00 6.52 6.77
N PHE A 87 9.77 7.48 6.22
CA PHE A 87 10.51 8.39 7.05
C PHE A 87 10.24 9.81 6.66
N GLN A 88 10.19 10.72 7.65
CA GLN A 88 9.95 12.12 7.41
C GLN A 88 11.21 12.88 7.13
N GLN A 89 11.21 13.66 6.03
CA GLN A 89 12.32 14.46 5.58
C GLN A 89 12.13 15.90 5.95
N GLN A 90 10.87 16.29 6.17
CA GLN A 90 10.38 17.55 6.66
C GLN A 90 10.88 18.80 5.97
N THR A 91 10.99 18.77 4.63
CA THR A 91 11.38 19.90 3.84
C THR A 91 10.23 20.84 3.57
N GLY A 92 9.07 20.30 3.16
CA GLY A 92 7.83 21.03 3.07
C GLY A 92 7.09 21.00 4.36
N GLY A 93 5.87 21.59 4.38
CA GLY A 93 5.01 21.56 5.52
C GLY A 93 3.57 21.26 5.10
N GLY B 33 -9.44 -4.64 8.17
CA GLY B 33 -8.54 -3.65 8.81
C GLY B 33 -9.00 -2.22 8.70
N VAL B 34 -8.10 -1.27 8.44
CA VAL B 34 -8.43 0.14 8.48
C VAL B 34 -9.24 0.61 7.32
N ILE B 35 -8.63 0.40 6.14
CA ILE B 35 -9.05 0.87 4.85
C ILE B 35 -9.48 -0.26 3.98
N ASP B 36 -10.77 -0.42 3.64
CA ASP B 36 -11.24 -1.37 2.68
C ASP B 36 -11.56 -0.73 1.36
N LEU B 37 -10.81 -0.93 0.25
CA LEU B 37 -11.11 -0.14 -0.92
C LEU B 37 -11.87 -0.87 -1.98
N THR B 38 -12.59 -0.12 -2.83
CA THR B 38 -13.53 -0.60 -3.81
C THR B 38 -13.04 -0.38 -5.19
N MET B 39 -11.73 -0.12 -5.35
CA MET B 39 -11.05 0.23 -6.57
C MET B 39 -11.17 -0.74 -7.69
N ASP B 40 -11.22 -2.05 -7.40
CA ASP B 40 -11.27 -3.04 -8.43
C ASP B 40 -12.13 -4.19 -7.99
N ASP B 41 -12.87 -4.79 -8.94
CA ASP B 41 -13.46 -6.09 -8.77
C ASP B 41 -14.30 -6.26 -7.54
N GLU B 42 -14.21 -7.48 -6.99
CA GLU B 42 -14.83 -7.95 -5.78
C GLU B 42 -13.94 -7.64 -4.62
N GLU B 43 -14.50 -7.07 -3.53
CA GLU B 43 -13.76 -6.44 -2.46
C GLU B 43 -12.75 -7.33 -1.73
N MET A 1 -18.70 0.77 -29.72
CA MET A 1 -19.81 0.72 -28.75
C MET A 1 -20.19 2.08 -28.23
N ALA A 2 -21.49 2.34 -27.97
CA ALA A 2 -21.98 3.57 -27.44
C ALA A 2 -21.55 3.83 -26.02
N ASP A 3 -21.61 2.77 -25.19
CA ASP A 3 -21.20 2.77 -23.81
C ASP A 3 -20.28 1.61 -23.62
N GLU A 4 -19.02 1.85 -23.21
CA GLU A 4 -18.01 0.83 -23.20
C GLU A 4 -17.79 0.23 -21.85
N LYS A 5 -18.32 0.83 -20.76
CA LYS A 5 -18.12 0.32 -19.43
C LYS A 5 -18.74 -1.03 -19.18
N PRO A 6 -18.09 -1.94 -18.51
CA PRO A 6 -18.49 -3.34 -18.53
C PRO A 6 -19.67 -3.63 -17.66
N LYS A 7 -20.56 -4.53 -18.10
CA LYS A 7 -21.77 -4.86 -17.42
C LYS A 7 -21.69 -6.22 -16.78
N GLU A 8 -20.56 -6.93 -16.97
CA GLU A 8 -20.25 -8.22 -16.43
C GLU A 8 -20.23 -8.37 -14.95
N GLY A 9 -20.52 -9.60 -14.46
CA GLY A 9 -20.18 -10.04 -13.13
C GLY A 9 -18.79 -10.56 -13.05
N VAL A 10 -18.34 -10.99 -11.84
CA VAL A 10 -17.02 -11.47 -11.60
C VAL A 10 -16.72 -12.78 -12.24
N LYS A 11 -15.50 -12.99 -12.76
CA LYS A 11 -15.13 -14.17 -13.50
C LYS A 11 -14.17 -15.04 -12.77
N THR A 12 -13.85 -14.72 -11.50
CA THR A 12 -12.86 -15.42 -10.72
C THR A 12 -13.49 -16.17 -9.59
N GLU A 13 -12.92 -17.34 -9.26
CA GLU A 13 -13.44 -18.23 -8.27
C GLU A 13 -13.46 -17.65 -6.89
N ASN A 14 -12.35 -17.01 -6.48
CA ASN A 14 -12.20 -16.37 -5.20
C ASN A 14 -11.29 -15.20 -5.39
N ASN A 15 -11.48 -14.11 -4.62
CA ASN A 15 -10.76 -12.87 -4.78
C ASN A 15 -9.29 -12.95 -4.51
N ASP A 16 -8.48 -12.17 -5.25
CA ASP A 16 -7.04 -12.12 -5.17
C ASP A 16 -6.48 -10.91 -4.50
N HIS A 17 -7.31 -10.15 -3.78
CA HIS A 17 -6.94 -9.01 -2.98
C HIS A 17 -6.07 -9.32 -1.80
N ILE A 18 -5.24 -8.35 -1.38
CA ILE A 18 -4.21 -8.45 -0.38
C ILE A 18 -4.20 -7.18 0.43
N ASN A 19 -3.62 -7.19 1.65
CA ASN A 19 -3.56 -6.04 2.49
C ASN A 19 -2.14 -5.66 2.72
N LEU A 20 -1.79 -4.36 2.83
CA LEU A 20 -0.50 -3.97 3.32
C LEU A 20 -0.75 -2.99 4.41
N LYS A 21 0.20 -2.79 5.35
CA LYS A 21 0.29 -1.67 6.23
C LYS A 21 1.44 -0.79 5.85
N VAL A 22 1.31 0.51 6.13
CA VAL A 22 2.38 1.46 5.99
C VAL A 22 2.63 1.98 7.38
N ALA A 23 3.89 1.89 7.86
CA ALA A 23 4.26 2.27 9.19
C ALA A 23 5.39 3.26 9.19
N GLY A 24 5.20 4.36 9.94
CA GLY A 24 6.11 5.46 10.01
C GLY A 24 7.19 5.34 11.04
N GLN A 25 8.02 6.39 11.14
CA GLN A 25 9.17 6.47 11.99
C GLN A 25 8.87 6.50 13.45
N ASP A 26 7.66 6.96 13.85
CA ASP A 26 7.17 6.93 15.19
C ASP A 26 6.34 5.72 15.46
N GLY A 27 6.17 4.84 14.46
CA GLY A 27 5.38 3.64 14.53
C GLY A 27 3.95 3.80 14.14
N SER A 28 3.54 4.99 13.65
CA SER A 28 2.18 5.26 13.23
C SER A 28 1.81 4.53 11.97
N VAL A 29 0.68 3.80 12.01
CA VAL A 29 0.34 2.80 11.03
C VAL A 29 -1.05 2.95 10.49
N VAL A 30 -1.22 2.79 9.16
CA VAL A 30 -2.51 2.51 8.57
C VAL A 30 -2.39 1.32 7.67
N GLN A 31 -3.38 0.40 7.67
CA GLN A 31 -3.39 -0.77 6.85
C GLN A 31 -4.57 -0.81 5.94
N PHE A 32 -4.34 -1.24 4.68
CA PHE A 32 -5.26 -1.02 3.60
C PHE A 32 -5.32 -2.14 2.62
N LYS A 33 -6.53 -2.40 2.11
CA LYS A 33 -6.86 -3.59 1.37
C LYS A 33 -7.09 -3.34 -0.09
N ILE A 34 -6.19 -3.95 -0.88
CA ILE A 34 -5.79 -3.51 -2.18
C ILE A 34 -5.48 -4.70 -3.04
N LYS A 35 -5.65 -4.40 -4.33
CA LYS A 35 -5.58 -5.37 -5.37
C LYS A 35 -4.33 -5.24 -6.17
N ARG A 36 -3.97 -6.35 -6.85
CA ARG A 36 -2.60 -6.61 -7.15
C ARG A 36 -1.93 -5.72 -8.15
N HIS A 37 -2.64 -5.31 -9.22
CA HIS A 37 -2.08 -4.53 -10.28
C HIS A 37 -2.14 -3.05 -10.03
N THR A 38 -2.90 -2.62 -9.00
CA THR A 38 -3.12 -1.27 -8.56
C THR A 38 -1.88 -0.56 -8.12
N PRO A 39 -1.64 0.72 -8.31
CA PRO A 39 -0.49 1.37 -7.73
C PRO A 39 -0.47 1.46 -6.23
N LEU A 40 0.76 1.45 -5.66
CA LEU A 40 0.99 1.75 -4.28
C LEU A 40 0.67 3.15 -3.86
N SER A 41 0.70 4.11 -4.81
CA SER A 41 0.41 5.51 -4.61
C SER A 41 -0.91 5.74 -3.95
N LYS A 42 -1.88 4.82 -4.14
CA LYS A 42 -3.19 4.98 -3.56
C LYS A 42 -3.16 4.88 -2.07
N LEU A 43 -2.30 3.98 -1.56
CA LEU A 43 -1.99 3.83 -0.17
C LEU A 43 -1.32 5.04 0.39
N MET A 44 -0.38 5.63 -0.36
CA MET A 44 0.25 6.85 0.02
C MET A 44 -0.70 8.00 0.21
N LYS A 45 -1.68 8.15 -0.71
CA LYS A 45 -2.74 9.11 -0.62
C LYS A 45 -3.66 8.82 0.54
N ALA A 46 -3.99 7.55 0.76
CA ALA A 46 -4.84 7.09 1.84
C ALA A 46 -4.27 7.29 3.21
N TYR A 47 -2.95 7.08 3.36
CA TYR A 47 -2.17 7.34 4.54
C TYR A 47 -2.20 8.79 4.92
N CYS A 48 -2.11 9.70 3.92
CA CYS A 48 -2.29 11.10 4.12
C CYS A 48 -3.67 11.48 4.57
N GLU A 49 -4.74 10.93 3.98
CA GLU A 49 -6.09 11.17 4.41
C GLU A 49 -6.40 10.67 5.79
N ARG A 50 -6.12 9.39 6.08
CA ARG A 50 -6.45 8.78 7.33
C ARG A 50 -5.56 9.14 8.47
N GLN A 51 -4.24 9.18 8.24
CA GLN A 51 -3.26 9.23 9.29
C GLN A 51 -2.65 10.60 9.37
N GLY A 52 -3.13 11.54 8.53
CA GLY A 52 -2.92 12.94 8.65
C GLY A 52 -1.64 13.51 8.11
N LEU A 53 -0.82 12.72 7.41
CA LEU A 53 0.49 13.13 6.99
C LEU A 53 0.50 13.93 5.72
N SER A 54 1.63 14.58 5.41
CA SER A 54 1.77 15.38 4.22
C SER A 54 2.54 14.68 3.15
N MET A 55 2.04 14.65 1.90
CA MET A 55 2.61 13.87 0.84
C MET A 55 3.98 14.27 0.39
N ARG A 56 4.33 15.58 0.48
CA ARG A 56 5.65 16.04 0.17
C ARG A 56 6.67 15.73 1.22
N GLN A 57 6.22 15.41 2.45
CA GLN A 57 7.06 15.24 3.60
C GLN A 57 7.45 13.81 3.83
N ILE A 58 6.82 12.87 3.11
CA ILE A 58 7.01 11.45 3.28
C ILE A 58 7.66 10.84 2.09
N ARG A 59 8.50 9.80 2.31
CA ARG A 59 8.99 8.95 1.27
C ARG A 59 8.92 7.53 1.76
N PHE A 60 8.47 6.59 0.89
CA PHE A 60 8.24 5.23 1.27
C PHE A 60 9.34 4.33 0.78
N ARG A 61 9.64 3.27 1.53
CA ARG A 61 10.58 2.25 1.14
C ARG A 61 10.04 0.90 1.49
N PHE A 62 10.62 -0.15 0.87
CA PHE A 62 10.44 -1.50 1.33
C PHE A 62 11.77 -2.02 1.78
N ASP A 63 11.94 -2.23 3.10
CA ASP A 63 13.13 -2.72 3.75
C ASP A 63 14.42 -2.16 3.23
N GLY A 64 14.53 -0.81 3.22
CA GLY A 64 15.64 -0.07 2.69
C GLY A 64 15.66 0.18 1.21
N GLN A 65 14.65 -0.22 0.43
CA GLN A 65 14.64 0.00 -0.99
C GLN A 65 13.61 1.01 -1.37
N PRO A 66 13.91 2.14 -1.97
CA PRO A 66 12.95 3.01 -2.60
C PRO A 66 11.93 2.37 -3.51
N ILE A 67 10.67 2.81 -3.40
CA ILE A 67 9.58 2.36 -4.22
C ILE A 67 8.97 3.56 -4.89
N ASN A 68 8.34 3.40 -6.06
CA ASN A 68 7.86 4.50 -6.85
C ASN A 68 6.37 4.53 -6.89
N GLU A 69 5.74 5.65 -7.26
CA GLU A 69 4.32 5.79 -7.26
C GLU A 69 3.60 5.06 -8.35
N THR A 70 4.31 4.62 -9.41
CA THR A 70 3.83 3.74 -10.42
C THR A 70 4.19 2.31 -10.13
N ASP A 71 4.95 2.00 -9.06
CA ASP A 71 5.17 0.66 -8.59
C ASP A 71 3.94 0.11 -7.91
N THR A 72 3.92 -1.20 -7.62
CA THR A 72 2.69 -1.92 -7.41
C THR A 72 2.89 -3.01 -6.42
N PRO A 73 1.87 -3.55 -5.79
CA PRO A 73 1.98 -4.76 -5.02
C PRO A 73 2.46 -5.96 -5.80
N ALA A 74 2.12 -6.09 -7.08
CA ALA A 74 2.60 -7.14 -7.93
C ALA A 74 4.08 -7.07 -8.22
N GLN A 75 4.57 -5.87 -8.56
CA GLN A 75 5.93 -5.60 -8.90
C GLN A 75 6.87 -5.68 -7.74
N LEU A 76 6.45 -5.19 -6.56
CA LEU A 76 7.27 -5.25 -5.38
C LEU A 76 7.10 -6.54 -4.64
N GLU A 77 6.11 -7.35 -5.06
CA GLU A 77 5.78 -8.65 -4.54
C GLU A 77 5.37 -8.65 -3.10
N MET A 78 4.53 -7.68 -2.71
CA MET A 78 3.78 -7.59 -1.49
C MET A 78 2.89 -8.77 -1.25
N GLU A 79 2.57 -9.05 0.02
CA GLU A 79 1.87 -10.23 0.41
C GLU A 79 0.57 -9.85 1.00
N ASP A 80 -0.22 -10.83 1.49
CA ASP A 80 -1.53 -10.67 2.07
C ASP A 80 -1.59 -9.77 3.26
N GLU A 81 -0.47 -9.64 3.99
CA GLU A 81 -0.22 -8.63 4.99
C GLU A 81 1.19 -8.14 4.89
N ASP A 82 1.47 -7.14 4.02
CA ASP A 82 2.77 -6.53 3.90
C ASP A 82 3.00 -5.41 4.86
N THR A 83 4.27 -4.98 5.02
CA THR A 83 4.66 -3.83 5.79
C THR A 83 5.62 -2.97 5.01
N ILE A 84 5.24 -1.70 4.78
CA ILE A 84 5.96 -0.70 4.04
C ILE A 84 6.37 0.41 4.96
N ASP A 85 7.59 0.96 4.81
CA ASP A 85 8.24 1.79 5.78
C ASP A 85 8.35 3.21 5.32
N VAL A 86 8.14 4.18 6.23
CA VAL A 86 8.19 5.58 5.90
C VAL A 86 9.34 6.26 6.55
N PHE A 87 10.06 7.07 5.75
CA PHE A 87 11.05 7.98 6.20
C PHE A 87 10.66 9.39 5.89
N GLN A 88 10.89 10.30 6.86
CA GLN A 88 10.48 11.67 6.78
C GLN A 88 11.54 12.52 6.15
N GLN A 89 11.13 13.43 5.25
CA GLN A 89 12.04 14.24 4.49
C GLN A 89 12.22 15.64 4.99
N GLN A 90 13.29 16.29 4.48
CA GLN A 90 13.65 17.63 4.81
C GLN A 90 13.76 18.48 3.58
N THR A 91 13.24 19.72 3.63
CA THR A 91 13.19 20.60 2.51
C THR A 91 13.15 22.03 2.98
N GLY A 92 13.33 23.02 2.09
CA GLY A 92 13.17 24.41 2.42
C GLY A 92 14.31 25.05 3.15
N GLY A 93 15.47 24.39 3.24
CA GLY A 93 16.58 24.88 4.00
C GLY A 93 17.88 24.26 3.50
N GLY B 33 -9.03 -4.78 9.10
CA GLY B 33 -8.17 -3.74 8.50
C GLY B 33 -8.80 -2.39 8.45
N VAL B 34 -8.03 -1.32 8.21
CA VAL B 34 -8.54 0.02 8.29
C VAL B 34 -9.40 0.42 7.12
N ILE B 35 -8.76 0.31 5.93
CA ILE B 35 -9.18 0.85 4.68
C ILE B 35 -9.55 -0.18 3.67
N ASP B 36 -10.73 -0.08 3.03
CA ASP B 36 -11.11 -0.85 1.88
C ASP B 36 -10.96 0.03 0.67
N LEU B 37 -10.27 -0.41 -0.40
CA LEU B 37 -9.96 0.51 -1.46
C LEU B 37 -11.08 0.93 -2.38
N THR B 38 -10.79 1.97 -3.18
CA THR B 38 -11.64 2.67 -4.10
C THR B 38 -10.84 2.98 -5.32
N MET B 39 -11.42 3.57 -6.39
CA MET B 39 -10.73 3.97 -7.59
C MET B 39 -10.31 2.83 -8.48
N ASP B 40 -11.25 1.96 -8.87
CA ASP B 40 -11.07 0.77 -9.66
C ASP B 40 -10.67 -0.40 -8.81
N ASP B 41 -10.78 -0.24 -7.48
CA ASP B 41 -10.54 -1.28 -6.52
C ASP B 41 -11.83 -1.62 -5.86
N GLU B 42 -12.74 -2.25 -6.62
CA GLU B 42 -14.11 -2.53 -6.26
C GLU B 42 -14.31 -3.42 -5.08
N GLU B 43 -13.56 -4.53 -5.00
CA GLU B 43 -13.58 -5.53 -3.98
C GLU B 43 -12.29 -6.35 -4.00
N MET A 1 -32.54 3.23 4.76
CA MET A 1 -31.08 3.16 4.47
C MET A 1 -30.48 1.83 4.81
N ALA A 2 -30.55 1.37 6.08
CA ALA A 2 -29.89 0.18 6.54
C ALA A 2 -30.29 -1.08 5.84
N ASP A 3 -31.60 -1.31 5.63
CA ASP A 3 -32.10 -2.46 4.93
C ASP A 3 -31.72 -2.49 3.48
N GLU A 4 -31.89 -1.37 2.77
CA GLU A 4 -31.83 -1.36 1.33
C GLU A 4 -30.51 -0.94 0.75
N LYS A 5 -29.52 -0.53 1.56
CA LYS A 5 -28.18 -0.32 1.08
C LYS A 5 -27.49 -1.61 0.70
N PRO A 6 -26.61 -1.66 -0.27
CA PRO A 6 -25.89 -2.86 -0.63
C PRO A 6 -25.10 -3.54 0.44
N LYS A 7 -25.25 -4.86 0.62
CA LYS A 7 -24.45 -5.67 1.48
C LYS A 7 -23.02 -5.78 1.02
N GLU A 8 -22.07 -5.91 1.98
CA GLU A 8 -20.67 -5.74 1.72
C GLU A 8 -19.85 -6.86 2.27
N GLY A 9 -18.94 -7.43 1.45
CA GLY A 9 -17.91 -8.32 1.90
C GLY A 9 -18.29 -9.76 2.08
N VAL A 10 -19.37 -10.22 1.42
CA VAL A 10 -19.85 -11.57 1.50
C VAL A 10 -18.92 -12.59 0.93
N LYS A 11 -18.31 -12.29 -0.23
CA LYS A 11 -17.33 -13.13 -0.87
C LYS A 11 -16.07 -13.35 -0.09
N THR A 12 -15.53 -14.58 -0.13
CA THR A 12 -14.29 -14.95 0.48
C THR A 12 -13.79 -16.16 -0.24
N GLU A 13 -12.47 -16.41 -0.22
CA GLU A 13 -11.74 -17.29 -1.11
C GLU A 13 -11.79 -16.89 -2.55
N ASN A 14 -10.82 -17.38 -3.35
CA ASN A 14 -10.78 -17.22 -4.78
C ASN A 14 -10.86 -15.81 -5.29
N ASN A 15 -9.95 -14.94 -4.86
CA ASN A 15 -9.98 -13.53 -5.16
C ASN A 15 -8.59 -12.98 -5.23
N ASP A 16 -8.42 -11.71 -5.63
CA ASP A 16 -7.13 -11.10 -5.79
C ASP A 16 -6.83 -10.07 -4.75
N HIS A 17 -7.53 -10.09 -3.60
CA HIS A 17 -7.28 -9.17 -2.53
C HIS A 17 -6.05 -9.51 -1.74
N ILE A 18 -5.28 -8.48 -1.34
CA ILE A 18 -4.19 -8.55 -0.43
C ILE A 18 -4.21 -7.30 0.39
N ASN A 19 -3.55 -7.27 1.56
CA ASN A 19 -3.46 -6.11 2.37
C ASN A 19 -2.02 -5.71 2.50
N LEU A 20 -1.72 -4.41 2.56
CA LEU A 20 -0.40 -3.96 2.92
C LEU A 20 -0.55 -2.98 4.03
N LYS A 21 0.40 -2.91 5.00
CA LYS A 21 0.50 -1.82 5.92
C LYS A 21 1.65 -0.94 5.60
N VAL A 22 1.53 0.36 5.95
CA VAL A 22 2.60 1.32 5.86
C VAL A 22 2.84 1.82 7.24
N ALA A 23 4.10 1.72 7.72
CA ALA A 23 4.45 2.00 9.09
C ALA A 23 5.57 2.98 9.21
N GLY A 24 5.37 4.01 10.05
CA GLY A 24 6.30 5.07 10.26
C GLY A 24 7.32 4.83 11.32
N GLN A 25 8.17 5.85 11.51
CA GLN A 25 9.19 5.95 12.52
C GLN A 25 8.63 6.62 13.74
N ASP A 26 7.40 7.15 13.60
CA ASP A 26 6.69 7.96 14.54
C ASP A 26 5.49 7.24 15.08
N GLY A 27 5.35 5.95 14.72
CA GLY A 27 4.27 5.10 15.14
C GLY A 27 2.99 5.20 14.36
N SER A 28 2.95 6.02 13.30
CA SER A 28 1.80 6.20 12.46
C SER A 28 1.68 5.11 11.44
N VAL A 29 0.50 4.47 11.35
CA VAL A 29 0.30 3.28 10.57
C VAL A 29 -1.02 3.31 9.87
N VAL A 30 -1.09 2.85 8.61
CA VAL A 30 -2.32 2.50 7.95
C VAL A 30 -2.12 1.12 7.41
N GLN A 31 -3.12 0.22 7.50
CA GLN A 31 -3.16 -0.97 6.70
C GLN A 31 -4.36 -0.98 5.82
N PHE A 32 -4.18 -1.45 4.57
CA PHE A 32 -5.04 -1.05 3.50
C PHE A 32 -5.28 -2.27 2.66
N LYS A 33 -6.51 -2.46 2.18
CA LYS A 33 -6.88 -3.67 1.52
C LYS A 33 -7.20 -3.44 0.08
N ILE A 34 -6.34 -4.07 -0.75
CA ILE A 34 -6.03 -3.68 -2.10
C ILE A 34 -5.90 -4.86 -3.00
N LYS A 35 -6.16 -4.59 -4.29
CA LYS A 35 -5.98 -5.56 -5.34
C LYS A 35 -4.69 -5.36 -6.07
N ARG A 36 -4.19 -6.42 -6.72
CA ARG A 36 -2.80 -6.58 -7.01
C ARG A 36 -2.19 -5.69 -8.06
N HIS A 37 -2.98 -5.14 -8.99
CA HIS A 37 -2.49 -4.26 -10.01
C HIS A 37 -2.53 -2.83 -9.59
N THR A 38 -3.34 -2.48 -8.57
CA THR A 38 -3.58 -1.16 -8.07
C THR A 38 -2.34 -0.47 -7.57
N PRO A 39 -2.09 0.80 -7.75
CA PRO A 39 -0.90 1.43 -7.20
C PRO A 39 -0.88 1.59 -5.71
N LEU A 40 0.33 1.62 -5.13
CA LEU A 40 0.63 1.99 -3.78
C LEU A 40 0.42 3.44 -3.52
N SER A 41 0.49 4.31 -4.54
CA SER A 41 0.16 5.71 -4.40
C SER A 41 -1.18 5.98 -3.80
N LYS A 42 -2.19 5.10 -3.98
CA LYS A 42 -3.48 5.24 -3.38
C LYS A 42 -3.39 5.06 -1.89
N LEU A 43 -2.51 4.15 -1.46
CA LEU A 43 -2.09 3.91 -0.10
C LEU A 43 -1.40 5.09 0.50
N MET A 44 -0.52 5.77 -0.25
CA MET A 44 0.12 6.98 0.17
C MET A 44 -0.84 8.10 0.43
N LYS A 45 -1.82 8.30 -0.47
CA LYS A 45 -2.84 9.28 -0.30
C LYS A 45 -3.77 8.98 0.83
N ALA A 46 -4.13 7.70 1.00
CA ALA A 46 -5.00 7.23 2.03
C ALA A 46 -4.42 7.39 3.41
N TYR A 47 -3.11 7.14 3.55
CA TYR A 47 -2.32 7.40 4.72
C TYR A 47 -2.33 8.85 5.09
N CYS A 48 -2.26 9.77 4.11
CA CYS A 48 -2.42 11.18 4.32
C CYS A 48 -3.80 11.60 4.74
N GLU A 49 -4.84 11.07 4.08
CA GLU A 49 -6.22 11.37 4.38
C GLU A 49 -6.67 10.88 5.73
N ARG A 50 -6.36 9.63 6.09
CA ARG A 50 -6.67 9.06 7.37
C ARG A 50 -5.80 9.44 8.51
N GLN A 51 -4.46 9.49 8.29
CA GLN A 51 -3.50 9.55 9.35
C GLN A 51 -2.85 10.91 9.44
N GLY A 52 -3.32 11.87 8.62
CA GLY A 52 -3.06 13.27 8.76
C GLY A 52 -1.79 13.81 8.18
N LEU A 53 -1.03 12.99 7.44
CA LEU A 53 0.27 13.34 6.94
C LEU A 53 0.23 14.13 5.67
N SER A 54 1.36 14.75 5.29
CA SER A 54 1.52 15.41 4.01
C SER A 54 2.32 14.56 3.07
N MET A 55 1.84 14.32 1.83
CA MET A 55 2.45 13.39 0.92
C MET A 55 3.81 13.78 0.43
N ARG A 56 4.15 15.07 0.48
CA ARG A 56 5.41 15.62 0.07
C ARG A 56 6.40 15.68 1.19
N GLN A 57 6.02 15.16 2.38
CA GLN A 57 6.86 15.10 3.54
C GLN A 57 7.20 13.69 3.92
N ILE A 58 6.61 12.69 3.24
CA ILE A 58 6.87 11.30 3.48
C ILE A 58 7.30 10.63 2.21
N ARG A 59 8.25 9.67 2.31
CA ARG A 59 8.67 8.82 1.24
C ARG A 59 8.84 7.44 1.76
N PHE A 60 8.73 6.41 0.91
CA PHE A 60 8.60 5.05 1.33
C PHE A 60 9.76 4.19 0.89
N ARG A 61 10.08 3.18 1.71
CA ARG A 61 11.09 2.20 1.44
C ARG A 61 10.59 0.84 1.78
N PHE A 62 11.13 -0.19 1.09
CA PHE A 62 10.77 -1.56 1.26
C PHE A 62 12.01 -2.37 1.41
N ASP A 63 12.25 -2.92 2.62
CA ASP A 63 13.43 -3.65 3.01
C ASP A 63 14.71 -2.94 2.67
N GLY A 64 14.77 -1.63 2.95
CA GLY A 64 15.88 -0.77 2.67
C GLY A 64 16.03 -0.27 1.28
N GLN A 65 15.10 -0.58 0.35
CA GLN A 65 15.17 -0.13 -1.01
C GLN A 65 14.09 0.87 -1.28
N PRO A 66 14.28 1.96 -1.96
CA PRO A 66 13.23 2.92 -2.22
C PRO A 66 12.25 2.43 -3.25
N ILE A 67 10.96 2.78 -3.09
CA ILE A 67 9.90 2.36 -3.97
C ILE A 67 9.24 3.57 -4.54
N ASN A 68 8.67 3.47 -5.76
CA ASN A 68 8.21 4.61 -6.50
C ASN A 68 6.71 4.57 -6.60
N GLU A 69 6.06 5.70 -6.95
CA GLU A 69 4.65 5.74 -7.23
C GLU A 69 4.28 5.05 -8.50
N THR A 70 5.28 4.74 -9.36
CA THR A 70 5.15 3.92 -10.54
C THR A 70 5.26 2.46 -10.23
N ASP A 71 5.70 2.08 -9.02
CA ASP A 71 5.78 0.72 -8.59
C ASP A 71 4.45 0.24 -8.09
N THR A 72 4.35 -1.07 -7.79
CA THR A 72 3.09 -1.76 -7.67
C THR A 72 3.21 -2.94 -6.76
N PRO A 73 2.14 -3.46 -6.20
CA PRO A 73 2.15 -4.69 -5.45
C PRO A 73 2.60 -5.90 -6.23
N ALA A 74 2.32 -5.94 -7.54
CA ALA A 74 2.76 -6.98 -8.43
C ALA A 74 4.24 -7.01 -8.63
N GLN A 75 4.83 -5.82 -8.86
CA GLN A 75 6.22 -5.62 -9.09
C GLN A 75 7.06 -5.84 -7.87
N LEU A 76 6.59 -5.39 -6.69
CA LEU A 76 7.33 -5.50 -5.47
C LEU A 76 7.06 -6.79 -4.77
N GLU A 77 6.08 -7.55 -5.29
CA GLU A 77 5.65 -8.85 -4.86
C GLU A 77 5.17 -8.90 -3.45
N MET A 78 4.28 -7.95 -3.10
CA MET A 78 3.59 -7.83 -1.86
C MET A 78 2.72 -9.00 -1.50
N GLU A 79 2.52 -9.23 -0.20
CA GLU A 79 1.81 -10.35 0.38
C GLU A 79 0.48 -9.90 0.89
N ASP A 80 -0.33 -10.86 1.38
CA ASP A 80 -1.62 -10.65 1.98
C ASP A 80 -1.64 -9.73 3.16
N GLU A 81 -0.50 -9.60 3.87
CA GLU A 81 -0.23 -8.56 4.80
C GLU A 81 1.21 -8.13 4.65
N ASP A 82 1.53 -7.17 3.77
CA ASP A 82 2.86 -6.64 3.68
C ASP A 82 3.15 -5.52 4.63
N THR A 83 4.43 -5.13 4.72
CA THR A 83 4.91 -4.03 5.53
C THR A 83 5.79 -3.13 4.74
N ILE A 84 5.37 -1.86 4.59
CA ILE A 84 6.07 -0.78 3.94
C ILE A 84 6.58 0.15 4.99
N ASP A 85 7.81 0.68 4.83
CA ASP A 85 8.46 1.49 5.83
C ASP A 85 8.53 2.91 5.34
N VAL A 86 8.34 3.90 6.23
CA VAL A 86 8.29 5.29 5.88
C VAL A 86 9.54 5.97 6.36
N PHE A 87 10.11 6.88 5.55
CA PHE A 87 11.11 7.79 5.98
C PHE A 87 10.63 9.18 5.68
N GLN A 88 10.89 10.12 6.60
CA GLN A 88 10.43 11.47 6.52
C GLN A 88 11.39 12.28 5.71
N GLN A 89 10.88 13.10 4.76
CA GLN A 89 11.70 13.65 3.72
C GLN A 89 11.35 15.07 3.42
N GLN A 90 12.34 15.84 2.95
CA GLN A 90 12.20 17.21 2.54
C GLN A 90 12.53 17.31 1.08
N THR A 91 11.87 18.22 0.34
CA THR A 91 12.15 18.54 -1.03
C THR A 91 13.56 18.98 -1.27
N GLY A 92 14.13 18.62 -2.44
CA GLY A 92 15.45 19.00 -2.85
C GLY A 92 15.46 20.17 -3.78
N GLY A 93 14.28 20.69 -4.16
CA GLY A 93 14.19 21.80 -5.06
C GLY A 93 12.74 22.06 -5.48
N GLY B 33 -9.38 -4.22 8.97
CA GLY B 33 -8.17 -3.39 9.21
C GLY B 33 -8.42 -1.93 9.38
N VAL B 34 -7.74 -1.09 8.57
CA VAL B 34 -7.99 0.33 8.52
C VAL B 34 -8.89 0.67 7.37
N ILE B 35 -8.33 0.50 6.16
CA ILE B 35 -8.83 0.96 4.90
C ILE B 35 -9.23 -0.19 4.02
N ASP B 36 -10.51 -0.27 3.63
CA ASP B 36 -11.03 -1.17 2.64
C ASP B 36 -11.24 -0.42 1.37
N LEU B 37 -10.52 -0.69 0.25
CA LEU B 37 -10.70 0.13 -0.92
C LEU B 37 -11.41 -0.53 -2.06
N THR B 38 -12.27 0.25 -2.75
CA THR B 38 -13.07 -0.17 -3.87
C THR B 38 -12.54 0.37 -5.16
N MET B 39 -11.58 1.32 -5.12
CA MET B 39 -10.83 1.83 -6.23
C MET B 39 -10.04 0.77 -6.95
N ASP B 40 -10.06 0.82 -8.29
CA ASP B 40 -9.62 -0.19 -9.22
C ASP B 40 -10.69 -1.22 -9.30
N ASP B 41 -11.43 -1.28 -10.42
CA ASP B 41 -12.77 -1.80 -10.44
C ASP B 41 -12.85 -3.28 -10.71
N GLU B 42 -11.87 -4.05 -10.20
CA GLU B 42 -11.91 -5.46 -10.03
C GLU B 42 -12.75 -5.83 -8.85
N GLU B 43 -14.08 -5.65 -8.99
CA GLU B 43 -15.05 -5.67 -7.95
C GLU B 43 -15.46 -7.05 -7.43
N MET A 1 11.94 -8.22 0.46
CA MET A 1 13.08 -9.11 0.82
C MET A 1 12.93 -9.76 2.16
N ALA A 2 12.84 -8.97 3.25
CA ALA A 2 12.79 -9.44 4.59
C ALA A 2 11.56 -10.21 4.96
N ASP A 3 10.38 -9.75 4.53
CA ASP A 3 9.12 -10.37 4.83
C ASP A 3 8.48 -10.83 3.56
N GLU A 4 8.43 -12.16 3.36
CA GLU A 4 7.74 -12.77 2.26
C GLU A 4 7.36 -14.16 2.67
N LYS A 5 6.35 -14.73 2.00
CA LYS A 5 5.95 -16.10 2.17
C LYS A 5 6.65 -16.96 1.15
N PRO A 6 7.35 -18.01 1.48
CA PRO A 6 7.89 -18.96 0.53
C PRO A 6 6.95 -19.51 -0.50
N LYS A 7 7.36 -19.55 -1.78
CA LYS A 7 6.54 -20.04 -2.86
C LYS A 7 6.45 -21.53 -2.97
N GLU A 8 7.55 -22.25 -2.68
CA GLU A 8 7.63 -23.67 -2.48
C GLU A 8 7.28 -24.55 -3.65
N GLY A 9 7.45 -24.06 -4.89
CA GLY A 9 7.21 -24.79 -6.10
C GLY A 9 5.76 -24.90 -6.47
N VAL A 10 4.88 -24.27 -5.69
CA VAL A 10 3.45 -24.36 -5.81
C VAL A 10 2.86 -22.99 -5.96
N LYS A 11 3.69 -22.02 -6.41
CA LYS A 11 3.36 -20.66 -6.69
C LYS A 11 2.04 -20.33 -7.31
N THR A 12 1.47 -19.17 -6.95
CA THR A 12 0.14 -18.75 -7.34
C THR A 12 0.01 -18.31 -8.76
N GLU A 13 -1.24 -18.23 -9.26
CA GLU A 13 -1.53 -17.81 -10.59
C GLU A 13 -2.78 -16.98 -10.70
N ASN A 14 -3.57 -16.83 -9.63
CA ASN A 14 -4.79 -16.09 -9.63
C ASN A 14 -4.68 -14.86 -8.78
N ASN A 15 -5.23 -13.72 -9.24
CA ASN A 15 -5.08 -12.43 -8.63
C ASN A 15 -6.32 -11.98 -7.92
N ASP A 16 -6.16 -11.39 -6.72
CA ASP A 16 -7.16 -10.81 -5.89
C ASP A 16 -6.45 -9.88 -4.96
N HIS A 17 -7.18 -9.12 -4.12
CA HIS A 17 -6.61 -8.24 -3.13
C HIS A 17 -5.72 -8.82 -2.08
N ILE A 18 -4.96 -7.91 -1.43
CA ILE A 18 -4.02 -8.12 -0.36
C ILE A 18 -4.21 -7.00 0.61
N ASN A 19 -3.75 -7.12 1.87
CA ASN A 19 -3.64 -6.00 2.75
C ASN A 19 -2.19 -5.71 3.02
N LEU A 20 -1.85 -4.42 3.17
CA LEU A 20 -0.49 -4.02 3.47
C LEU A 20 -0.58 -2.92 4.47
N LYS A 21 0.47 -2.66 5.27
CA LYS A 21 0.55 -1.62 6.26
C LYS A 21 1.75 -0.74 6.07
N VAL A 22 1.63 0.53 6.47
CA VAL A 22 2.66 1.54 6.38
C VAL A 22 3.01 1.96 7.77
N ALA A 23 4.30 1.89 8.14
CA ALA A 23 4.77 2.20 9.46
C ALA A 23 5.85 3.22 9.49
N GLY A 24 5.69 4.25 10.33
CA GLY A 24 6.67 5.26 10.59
C GLY A 24 7.63 4.90 11.68
N GLN A 25 8.54 5.83 12.02
CA GLN A 25 9.56 5.66 13.00
C GLN A 25 9.05 5.74 14.41
N ASP A 26 7.83 6.27 14.60
CA ASP A 26 7.19 6.44 15.87
C ASP A 26 6.37 5.24 16.24
N GLY A 27 6.35 4.23 15.35
CA GLY A 27 5.64 2.99 15.50
C GLY A 27 4.19 3.07 15.12
N SER A 28 3.74 4.25 14.67
CA SER A 28 2.41 4.50 14.20
C SER A 28 2.18 3.84 12.88
N VAL A 29 1.09 3.05 12.75
CA VAL A 29 0.91 2.15 11.65
C VAL A 29 -0.51 2.13 11.18
N VAL A 30 -0.73 2.24 9.85
CA VAL A 30 -2.03 2.16 9.25
C VAL A 30 -2.01 1.17 8.12
N GLN A 31 -3.05 0.33 7.97
CA GLN A 31 -3.13 -0.71 6.99
C GLN A 31 -4.29 -0.60 6.06
N PHE A 32 -4.08 -1.02 4.80
CA PHE A 32 -4.92 -0.70 3.69
C PHE A 32 -5.14 -1.95 2.90
N LYS A 33 -6.33 -2.13 2.28
CA LYS A 33 -6.67 -3.32 1.54
C LYS A 33 -6.79 -3.07 0.08
N ILE A 34 -5.94 -3.67 -0.76
CA ILE A 34 -5.72 -3.19 -2.10
C ILE A 34 -5.42 -4.31 -3.03
N LYS A 35 -5.74 -4.02 -4.30
CA LYS A 35 -5.63 -4.94 -5.39
C LYS A 35 -4.27 -4.96 -6.01
N ARG A 36 -3.96 -6.06 -6.72
CA ARG A 36 -2.61 -6.42 -7.03
C ARG A 36 -1.92 -5.57 -8.05
N HIS A 37 -2.66 -5.12 -9.09
CA HIS A 37 -2.12 -4.31 -10.15
C HIS A 37 -2.24 -2.83 -9.88
N THR A 38 -3.08 -2.41 -8.93
CA THR A 38 -3.27 -1.04 -8.55
C THR A 38 -2.04 -0.43 -7.96
N PRO A 39 -1.62 0.78 -8.23
CA PRO A 39 -0.41 1.32 -7.68
C PRO A 39 -0.38 1.52 -6.20
N LEU A 40 0.84 1.53 -5.65
CA LEU A 40 1.16 1.84 -4.28
C LEU A 40 0.78 3.23 -3.87
N SER A 41 0.70 4.17 -4.83
CA SER A 41 0.17 5.48 -4.63
C SER A 41 -1.21 5.51 -4.02
N LYS A 42 -2.08 4.51 -4.22
CA LYS A 42 -3.43 4.56 -3.74
C LYS A 42 -3.52 4.50 -2.25
N LEU A 43 -2.72 3.61 -1.62
CA LEU A 43 -2.56 3.60 -0.19
C LEU A 43 -1.87 4.82 0.34
N MET A 44 -0.90 5.38 -0.40
CA MET A 44 -0.27 6.63 -0.06
C MET A 44 -1.20 7.81 -0.02
N LYS A 45 -2.13 7.91 -1.00
CA LYS A 45 -3.19 8.88 -1.04
C LYS A 45 -4.13 8.73 0.11
N ALA A 46 -4.48 7.48 0.46
CA ALA A 46 -5.28 7.12 1.60
C ALA A 46 -4.66 7.42 2.92
N TYR A 47 -3.33 7.26 3.06
CA TYR A 47 -2.55 7.61 4.22
C TYR A 47 -2.65 9.07 4.53
N CYS A 48 -2.57 9.92 3.50
CA CYS A 48 -2.82 11.33 3.56
C CYS A 48 -4.21 11.69 4.01
N GLU A 49 -5.26 11.01 3.51
CA GLU A 49 -6.60 11.21 3.97
C GLU A 49 -6.86 10.78 5.38
N ARG A 50 -6.50 9.54 5.75
CA ARG A 50 -6.83 8.96 7.01
C ARG A 50 -6.04 9.50 8.15
N GLN A 51 -4.72 9.68 7.94
CA GLN A 51 -3.79 9.99 8.98
C GLN A 51 -3.22 11.37 8.87
N GLY A 52 -3.62 12.16 7.86
CA GLY A 52 -3.43 13.59 7.82
C GLY A 52 -2.06 14.10 7.50
N LEU A 53 -1.36 13.49 6.53
CA LEU A 53 0.02 13.75 6.21
C LEU A 53 0.18 14.19 4.80
N SER A 54 1.36 14.71 4.39
CA SER A 54 1.63 15.10 3.04
C SER A 54 2.46 14.09 2.31
N MET A 55 2.08 13.73 1.07
CA MET A 55 2.79 12.77 0.25
C MET A 55 4.14 13.22 -0.20
N ARG A 56 4.46 14.52 -0.17
CA ARG A 56 5.76 15.01 -0.47
C ARG A 56 6.60 15.25 0.75
N GLN A 57 6.08 14.97 1.97
CA GLN A 57 6.82 15.13 3.19
C GLN A 57 7.15 13.81 3.81
N ILE A 58 6.29 12.79 3.64
CA ILE A 58 6.59 11.44 4.02
C ILE A 58 6.64 10.55 2.81
N ARG A 59 7.66 9.67 2.70
CA ARG A 59 7.91 8.89 1.52
C ARG A 59 8.14 7.45 1.86
N PHE A 60 7.89 6.53 0.91
CA PHE A 60 7.80 5.12 1.19
C PHE A 60 9.01 4.36 0.74
N ARG A 61 9.33 3.29 1.47
CA ARG A 61 10.54 2.52 1.32
C ARG A 61 10.22 1.09 1.65
N PHE A 62 10.87 0.13 0.96
CA PHE A 62 10.66 -1.27 1.19
C PHE A 62 11.99 -1.95 1.37
N ASP A 63 12.29 -2.39 2.60
CA ASP A 63 13.50 -3.05 3.00
C ASP A 63 14.75 -2.29 2.63
N GLY A 64 14.77 -0.98 2.92
CA GLY A 64 15.87 -0.12 2.55
C GLY A 64 15.92 0.30 1.13
N GLN A 65 14.93 -0.02 0.28
CA GLN A 65 14.96 0.33 -1.11
C GLN A 65 13.85 1.30 -1.40
N PRO A 66 14.04 2.41 -2.08
CA PRO A 66 12.98 3.18 -2.65
C PRO A 66 11.99 2.42 -3.48
N ILE A 67 10.68 2.68 -3.30
CA ILE A 67 9.62 2.13 -4.08
C ILE A 67 8.92 3.29 -4.70
N ASN A 68 8.44 3.19 -5.96
CA ASN A 68 7.98 4.34 -6.67
C ASN A 68 6.49 4.38 -6.60
N GLU A 69 5.85 5.54 -6.79
CA GLU A 69 4.42 5.67 -6.75
C GLU A 69 3.72 4.94 -7.86
N THR A 70 4.42 4.75 -8.99
CA THR A 70 4.03 3.94 -10.10
C THR A 70 4.25 2.48 -9.88
N ASP A 71 4.99 2.05 -8.83
CA ASP A 71 5.14 0.67 -8.48
C ASP A 71 3.90 0.13 -7.82
N THR A 72 3.87 -1.19 -7.58
CA THR A 72 2.65 -1.91 -7.38
C THR A 72 2.90 -3.06 -6.44
N PRO A 73 1.91 -3.63 -5.80
CA PRO A 73 2.02 -4.91 -5.16
C PRO A 73 2.48 -6.03 -6.01
N ALA A 74 2.08 -6.09 -7.30
CA ALA A 74 2.50 -7.11 -8.22
C ALA A 74 3.96 -7.10 -8.54
N GLN A 75 4.52 -5.90 -8.81
CA GLN A 75 5.88 -5.70 -9.17
C GLN A 75 6.81 -5.91 -8.02
N LEU A 76 6.43 -5.39 -6.84
CA LEU A 76 7.28 -5.44 -5.68
C LEU A 76 7.03 -6.68 -4.86
N GLU A 77 6.02 -7.48 -5.24
CA GLU A 77 5.63 -8.73 -4.65
C GLU A 77 5.23 -8.65 -3.21
N MET A 78 4.35 -7.69 -2.87
CA MET A 78 3.73 -7.51 -1.59
C MET A 78 2.67 -8.53 -1.34
N GLU A 79 2.39 -8.85 -0.07
CA GLU A 79 1.59 -9.98 0.32
C GLU A 79 0.37 -9.54 1.04
N ASP A 80 -0.49 -10.51 1.43
CA ASP A 80 -1.73 -10.35 2.15
C ASP A 80 -1.66 -9.57 3.43
N GLU A 81 -0.50 -9.54 4.09
CA GLU A 81 -0.18 -8.67 5.18
C GLU A 81 1.19 -8.09 5.06
N ASP A 82 1.51 -7.24 4.06
CA ASP A 82 2.82 -6.66 3.94
C ASP A 82 3.10 -5.46 4.79
N THR A 83 4.40 -5.06 4.88
CA THR A 83 4.90 -3.97 5.66
C THR A 83 5.74 -3.04 4.83
N ILE A 84 5.40 -1.73 4.83
CA ILE A 84 6.05 -0.63 4.17
C ILE A 84 6.59 0.31 5.20
N ASP A 85 7.79 0.88 4.97
CA ASP A 85 8.55 1.65 5.91
C ASP A 85 8.53 3.05 5.41
N VAL A 86 8.43 4.05 6.30
CA VAL A 86 8.32 5.42 5.93
C VAL A 86 9.60 6.12 6.26
N PHE A 87 10.15 6.88 5.31
CA PHE A 87 11.17 7.84 5.58
C PHE A 87 10.73 9.24 5.25
N GLN A 88 11.02 10.17 6.18
CA GLN A 88 10.57 11.53 6.13
C GLN A 88 11.54 12.41 5.40
N GLN A 89 11.01 13.36 4.61
CA GLN A 89 11.79 14.26 3.81
C GLN A 89 11.51 15.70 4.18
N GLN A 90 10.68 15.91 5.21
CA GLN A 90 10.22 17.20 5.68
C GLN A 90 11.28 18.18 6.05
N THR A 91 12.31 17.75 6.81
CA THR A 91 13.35 18.59 7.31
C THR A 91 14.58 18.51 6.47
N GLY A 92 14.58 17.64 5.44
CA GLY A 92 15.68 17.38 4.56
C GLY A 92 16.91 16.80 5.16
N GLY A 93 17.93 16.58 4.32
CA GLY A 93 19.17 15.98 4.73
C GLY A 93 19.95 15.52 3.50
N GLY B 33 -9.45 -4.14 9.48
CA GLY B 33 -8.51 -3.31 8.69
C GLY B 33 -9.03 -1.93 8.41
N VAL B 34 -8.17 -0.89 8.43
CA VAL B 34 -8.62 0.46 8.46
C VAL B 34 -9.16 1.01 7.18
N ILE B 35 -8.38 0.84 6.10
CA ILE B 35 -8.59 1.48 4.84
C ILE B 35 -8.97 0.47 3.81
N ASP B 36 -10.21 0.54 3.27
CA ASP B 36 -10.70 -0.35 2.26
C ASP B 36 -10.66 0.32 0.92
N LEU B 37 -9.97 -0.26 -0.09
CA LEU B 37 -9.80 0.38 -1.36
C LEU B 37 -10.84 0.03 -2.38
N THR B 38 -11.24 1.04 -3.16
CA THR B 38 -11.99 0.92 -4.39
C THR B 38 -11.16 1.59 -5.42
N MET B 39 -10.94 0.94 -6.59
CA MET B 39 -10.08 1.45 -7.61
C MET B 39 -10.39 0.80 -8.92
N ASP B 40 -9.84 1.31 -10.04
CA ASP B 40 -10.20 0.97 -11.38
C ASP B 40 -9.91 -0.44 -11.78
N ASP B 41 -8.72 -0.92 -11.40
CA ASP B 41 -8.16 -2.18 -11.77
C ASP B 41 -8.98 -3.36 -11.31
N GLU B 42 -9.08 -4.39 -12.16
CA GLU B 42 -9.74 -5.62 -11.84
C GLU B 42 -9.16 -6.33 -10.66
N GLU B 43 -10.00 -6.82 -9.72
CA GLU B 43 -9.58 -7.61 -8.60
C GLU B 43 -9.26 -9.07 -8.92
#